data_6G5R
#
_entry.id   6G5R
#
_entity_poly.entity_id   1
_entity_poly.type   'polypeptide(L)'
_entity_poly.pdbx_seq_one_letter_code
;MGSSHHHHHHSSGLVPRGSHMGRMVNLEPDMTISKNEMVKLLEATQYRQVSKMTRPGEFTVQANSIEMIRRPFDFPDSKE
GQVRARLTFDGDHLATIVNMENNRQFGFFRLDPR
;
_entity_poly.pdbx_strand_id   A
#
# COMPACT_ATOMS: atom_id res chain seq x y z
N MET A 1 -25.26 -19.77 -21.10
CA MET A 1 -24.27 -20.77 -20.64
C MET A 1 -22.96 -20.63 -21.42
N GLY A 2 -22.00 -19.95 -20.82
CA GLY A 2 -20.72 -19.75 -21.48
C GLY A 2 -20.19 -18.34 -21.30
N SER A 3 -18.96 -18.13 -21.77
CA SER A 3 -18.32 -16.81 -21.72
C SER A 3 -18.10 -16.33 -20.29
N SER A 4 -17.75 -17.25 -19.41
CA SER A 4 -17.43 -16.92 -18.04
C SER A 4 -16.38 -17.88 -17.51
N HIS A 5 -15.19 -17.79 -18.09
CA HIS A 5 -14.09 -18.67 -17.72
C HIS A 5 -13.52 -18.26 -16.37
N HIS A 6 -13.59 -16.97 -16.09
CA HIS A 6 -13.11 -16.40 -14.84
C HIS A 6 -13.76 -15.05 -14.60
N HIS A 7 -14.42 -14.92 -13.45
CA HIS A 7 -15.17 -13.71 -13.13
C HIS A 7 -14.23 -12.53 -12.93
N HIS A 8 -13.08 -12.80 -12.34
CA HIS A 8 -12.06 -11.76 -12.17
C HIS A 8 -11.11 -11.76 -13.35
N HIS A 9 -11.17 -10.71 -14.14
CA HIS A 9 -10.33 -10.58 -15.32
C HIS A 9 -9.24 -9.54 -15.10
N HIS A 10 -8.13 -9.71 -15.80
CA HIS A 10 -7.00 -8.81 -15.64
C HIS A 10 -7.19 -7.55 -16.47
N SER A 11 -7.96 -6.62 -15.93
CA SER A 11 -8.17 -5.33 -16.56
C SER A 11 -6.85 -4.58 -16.69
N SER A 12 -6.36 -4.47 -17.91
CA SER A 12 -5.10 -3.78 -18.16
C SER A 12 -5.31 -2.28 -18.20
N GLY A 13 -5.40 -1.67 -17.02
CA GLY A 13 -5.58 -0.24 -16.94
C GLY A 13 -4.26 0.49 -17.02
N LEU A 14 -3.47 0.42 -15.96
CA LEU A 14 -2.17 1.07 -15.93
C LEU A 14 -1.05 0.04 -15.88
N VAL A 15 -1.37 -1.20 -16.23
CA VAL A 15 -0.35 -2.23 -16.29
C VAL A 15 0.69 -1.90 -17.37
N PRO A 16 0.27 -1.64 -18.64
CA PRO A 16 1.19 -1.13 -19.66
C PRO A 16 1.46 0.36 -19.47
N ARG A 17 2.74 0.72 -19.46
CA ARG A 17 3.21 2.11 -19.29
C ARG A 17 2.45 2.85 -18.18
N GLY A 18 2.37 2.23 -17.01
CA GLY A 18 1.68 2.85 -15.88
C GLY A 18 2.29 4.18 -15.51
N SER A 19 3.61 4.27 -15.58
CA SER A 19 4.34 5.52 -15.38
C SER A 19 4.10 6.11 -13.99
N HIS A 20 4.35 5.31 -12.95
CA HIS A 20 4.23 5.79 -11.58
C HIS A 20 5.51 6.50 -11.15
N MET A 21 6.61 6.15 -11.82
CA MET A 21 7.92 6.76 -11.58
C MET A 21 8.46 6.43 -10.19
N GLY A 22 7.97 7.13 -9.17
CA GLY A 22 8.46 6.93 -7.82
C GLY A 22 7.35 7.07 -6.80
N ARG A 23 7.70 7.47 -5.59
CA ARG A 23 6.72 7.62 -4.53
C ARG A 23 6.05 8.98 -4.62
N MET A 24 5.21 9.14 -5.62
CA MET A 24 4.40 10.32 -5.78
C MET A 24 3.00 9.90 -6.15
N VAL A 25 2.75 8.67 -5.81
CA VAL A 25 1.48 8.05 -6.09
C VAL A 25 1.16 7.05 -4.99
N ASN A 26 -0.12 6.88 -4.70
CA ASN A 26 -0.55 5.93 -3.69
C ASN A 26 -0.24 4.51 -4.13
N LEU A 27 0.09 3.66 -3.17
CA LEU A 27 0.39 2.26 -3.43
C LEU A 27 -0.85 1.57 -3.98
N GLU A 28 -0.67 0.84 -5.07
CA GLU A 28 -1.76 0.27 -5.83
C GLU A 28 -1.13 -0.51 -6.95
N PRO A 29 -1.76 -1.52 -7.56
CA PRO A 29 -1.08 -2.19 -8.62
C PRO A 29 -1.36 -1.59 -9.99
N ASP A 30 -0.37 -0.84 -10.45
CA ASP A 30 0.06 -0.79 -11.83
C ASP A 30 1.44 -1.43 -11.78
N MET A 31 1.76 -1.75 -10.54
CA MET A 31 3.10 -2.00 -10.07
C MET A 31 3.53 -3.42 -10.32
N THR A 32 4.80 -3.58 -10.64
CA THR A 32 5.38 -4.89 -10.86
C THR A 32 6.66 -5.01 -10.05
N ILE A 33 6.52 -5.65 -8.89
CA ILE A 33 7.58 -5.72 -7.93
C ILE A 33 7.79 -7.14 -7.46
N SER A 34 8.83 -7.33 -6.72
CA SER A 34 9.24 -8.67 -6.33
C SER A 34 9.24 -8.81 -4.82
N LYS A 35 9.58 -10.00 -4.34
CA LYS A 35 9.60 -10.28 -2.90
C LYS A 35 10.44 -9.26 -2.15
N ASN A 36 11.58 -8.88 -2.73
CA ASN A 36 12.45 -7.92 -2.10
C ASN A 36 12.00 -6.52 -2.37
N GLU A 37 11.26 -6.32 -3.44
CA GLU A 37 10.92 -4.99 -3.75
C GLU A 37 9.97 -4.47 -2.74
N MET A 38 9.16 -5.32 -2.27
CA MET A 38 8.26 -4.93 -1.25
C MET A 38 9.03 -4.61 0.01
N VAL A 39 10.12 -5.34 0.20
CA VAL A 39 10.95 -5.15 1.36
C VAL A 39 11.62 -3.80 1.38
N LYS A 40 11.91 -3.31 0.21
CA LYS A 40 12.43 -1.97 0.10
C LYS A 40 11.31 -0.98 0.04
N LEU A 41 10.20 -1.38 -0.55
CA LEU A 41 9.03 -0.55 -0.69
C LEU A 41 8.45 -0.07 0.58
N LEU A 42 8.27 -0.92 1.58
CA LEU A 42 7.72 -0.37 2.78
C LEU A 42 8.64 0.74 3.30
N GLU A 43 9.93 0.52 3.16
CA GLU A 43 10.94 1.48 3.56
C GLU A 43 10.81 2.69 2.66
N ALA A 44 10.41 2.38 1.45
CA ALA A 44 10.38 3.29 0.34
C ALA A 44 9.06 4.05 0.28
N THR A 45 8.13 3.62 1.13
CA THR A 45 6.79 4.15 1.12
C THR A 45 6.47 4.72 2.49
N GLN A 46 7.47 4.65 3.35
CA GLN A 46 7.40 5.08 4.73
C GLN A 46 6.44 4.23 5.54
N TYR A 47 6.72 2.95 5.55
CA TYR A 47 5.96 1.97 6.26
C TYR A 47 6.91 0.87 6.63
N ARG A 48 6.66 0.26 7.75
CA ARG A 48 7.59 -0.69 8.28
C ARG A 48 6.78 -1.78 8.96
N GLN A 49 7.33 -2.99 9.07
CA GLN A 49 6.61 -4.10 9.65
C GLN A 49 5.95 -3.73 10.95
N VAL A 50 4.81 -4.32 11.14
CA VAL A 50 3.99 -3.93 12.22
C VAL A 50 3.41 -5.13 12.96
N SER A 51 3.17 -4.94 14.24
CA SER A 51 2.47 -5.91 15.07
C SER A 51 1.08 -6.18 14.56
N LYS A 52 0.39 -5.10 14.33
CA LYS A 52 -0.98 -5.15 13.87
C LYS A 52 -1.29 -3.87 13.18
N MET A 53 -1.56 -4.00 11.93
CA MET A 53 -1.64 -2.88 11.06
C MET A 53 -2.97 -2.19 11.18
N THR A 54 -2.95 -1.09 11.89
CA THR A 54 -4.01 -0.15 11.78
C THR A 54 -3.52 1.22 12.20
N ARG A 55 -3.07 1.95 11.22
CA ARG A 55 -2.74 3.36 11.33
C ARG A 55 -2.90 3.97 9.97
N PRO A 56 -3.08 5.27 9.84
CA PRO A 56 -2.94 5.85 8.53
C PRO A 56 -1.47 5.96 8.16
N GLY A 57 -1.04 5.14 7.21
CA GLY A 57 0.31 5.24 6.69
C GLY A 57 1.29 4.26 7.29
N GLU A 58 0.83 3.35 8.17
CA GLU A 58 1.72 2.33 8.74
C GLU A 58 1.06 1.00 8.57
N PHE A 59 1.81 0.02 8.09
CA PHE A 59 1.20 -1.20 7.61
C PHE A 59 1.95 -2.41 8.16
N THR A 60 1.46 -3.60 7.88
CA THR A 60 2.12 -4.80 8.36
C THR A 60 2.77 -5.56 7.24
N VAL A 61 3.92 -6.11 7.55
CA VAL A 61 4.70 -6.86 6.60
C VAL A 61 4.55 -8.37 6.81
N GLN A 62 4.44 -9.11 5.70
CA GLN A 62 4.38 -10.57 5.76
C GLN A 62 5.47 -11.20 4.90
N ALA A 63 5.19 -11.41 3.60
CA ALA A 63 6.16 -12.05 2.70
C ALA A 63 5.78 -11.87 1.23
N ASN A 64 4.91 -12.73 0.71
CA ASN A 64 4.41 -12.60 -0.67
C ASN A 64 3.31 -11.60 -0.70
N SER A 65 2.93 -11.13 0.46
CA SER A 65 1.96 -10.09 0.53
C SER A 65 2.26 -9.19 1.73
N ILE A 66 2.00 -7.92 1.55
CA ILE A 66 2.01 -6.96 2.62
C ILE A 66 0.56 -6.58 2.92
N GLU A 67 0.32 -5.87 3.97
CA GLU A 67 -0.98 -5.27 4.13
C GLU A 67 -0.78 -3.79 4.13
N MET A 68 -1.62 -3.04 3.45
CA MET A 68 -1.44 -1.60 3.42
C MET A 68 -2.74 -0.85 3.68
N ILE A 69 -2.72 0.02 4.68
CA ILE A 69 -3.84 0.90 4.95
C ILE A 69 -4.05 1.85 3.78
N ARG A 70 -5.28 1.94 3.32
CA ARG A 70 -5.63 2.75 2.16
C ARG A 70 -5.80 4.20 2.59
N ARG A 71 -5.40 5.12 1.70
CA ARG A 71 -5.55 6.55 1.94
C ARG A 71 -6.98 6.89 2.40
N PRO A 72 -7.10 7.38 3.64
CA PRO A 72 -8.41 7.72 4.23
C PRO A 72 -9.01 8.96 3.64
N PHE A 73 -10.22 9.23 4.08
CA PHE A 73 -10.92 10.45 3.76
C PHE A 73 -10.31 11.58 4.57
N ASP A 74 -9.73 12.52 3.86
CA ASP A 74 -8.95 13.55 4.50
C ASP A 74 -9.43 14.93 4.09
N PHE A 75 -9.53 15.80 5.07
CA PHE A 75 -9.86 17.19 4.84
C PHE A 75 -8.74 18.08 5.30
N PRO A 76 -8.81 19.33 4.91
CA PRO A 76 -7.79 20.27 5.21
C PRO A 76 -7.87 20.69 6.63
N ASP A 77 -9.09 20.93 7.01
CA ASP A 77 -9.39 21.45 8.29
C ASP A 77 -9.58 20.33 9.26
N SER A 78 -9.56 19.14 8.73
CA SER A 78 -9.97 17.99 9.49
C SER A 78 -9.51 16.68 8.86
N LYS A 79 -9.08 15.74 9.66
CA LYS A 79 -8.62 14.47 9.14
C LYS A 79 -8.94 13.34 10.06
N GLU A 80 -9.38 12.26 9.46
CA GLU A 80 -9.93 11.15 10.19
C GLU A 80 -10.17 9.96 9.27
N GLY A 81 -10.85 8.97 9.80
CA GLY A 81 -11.15 7.76 9.04
C GLY A 81 -9.92 6.92 8.74
N GLN A 82 -10.11 5.62 8.67
CA GLN A 82 -9.07 4.73 8.20
C GLN A 82 -9.70 3.51 7.53
N VAL A 83 -9.00 3.03 6.53
CA VAL A 83 -9.35 1.81 5.83
C VAL A 83 -8.07 1.12 5.43
N ARG A 84 -8.07 -0.19 5.42
CA ARG A 84 -6.90 -0.90 5.03
C ARG A 84 -7.16 -1.94 3.99
N ALA A 85 -6.17 -2.09 3.14
CA ALA A 85 -6.20 -3.03 2.07
C ALA A 85 -5.11 -4.07 2.28
N ARG A 86 -5.21 -5.19 1.58
CA ARG A 86 -4.17 -6.18 1.66
C ARG A 86 -3.48 -6.23 0.33
N LEU A 87 -2.20 -6.10 0.38
CA LEU A 87 -1.42 -5.83 -0.76
C LEU A 87 -0.48 -6.99 -1.07
N THR A 88 -0.74 -7.69 -2.16
CA THR A 88 -0.06 -8.92 -2.45
C THR A 88 0.90 -8.78 -3.60
N PHE A 89 1.94 -9.59 -3.54
CA PHE A 89 2.97 -9.61 -4.54
C PHE A 89 3.02 -10.95 -5.28
N ASP A 90 2.71 -10.94 -6.56
CA ASP A 90 2.77 -12.16 -7.37
C ASP A 90 3.99 -12.17 -8.28
N GLY A 91 5.00 -12.93 -7.90
CA GLY A 91 6.12 -13.12 -8.78
C GLY A 91 7.10 -11.97 -8.76
N ASP A 92 7.19 -11.28 -9.87
CA ASP A 92 8.09 -10.16 -10.01
C ASP A 92 7.25 -8.93 -10.13
N HIS A 93 5.96 -9.12 -9.91
CA HIS A 93 5.01 -8.03 -10.01
C HIS A 93 4.03 -8.03 -8.86
N LEU A 94 3.42 -6.88 -8.68
CA LEU A 94 2.39 -6.73 -7.68
C LEU A 94 1.17 -7.50 -8.06
N ALA A 95 0.70 -8.27 -7.11
CA ALA A 95 -0.41 -9.14 -7.33
C ALA A 95 -1.71 -8.38 -7.25
N THR A 96 -1.85 -7.61 -6.18
CA THR A 96 -3.06 -6.87 -5.92
C THR A 96 -2.94 -6.10 -4.62
N ILE A 97 -3.99 -5.37 -4.38
CA ILE A 97 -4.22 -4.64 -3.16
C ILE A 97 -5.70 -4.58 -2.99
N VAL A 98 -6.22 -4.94 -1.84
CA VAL A 98 -7.65 -5.03 -1.69
C VAL A 98 -8.12 -4.39 -0.41
N ASN A 99 -8.98 -3.38 -0.53
CA ASN A 99 -9.60 -2.79 0.64
C ASN A 99 -10.40 -3.86 1.34
N MET A 100 -9.74 -4.38 2.35
CA MET A 100 -10.10 -5.58 3.07
C MET A 100 -11.51 -5.56 3.56
N GLU A 101 -11.98 -4.37 3.77
CA GLU A 101 -13.26 -4.16 4.34
C GLU A 101 -14.33 -4.65 3.41
N ASN A 102 -14.15 -4.32 2.16
CA ASN A 102 -15.10 -4.71 1.14
C ASN A 102 -14.55 -5.83 0.27
N ASN A 103 -13.22 -5.99 0.27
CA ASN A 103 -12.53 -7.08 -0.41
C ASN A 103 -13.17 -7.49 -1.76
N ARG A 104 -13.55 -6.49 -2.56
CA ARG A 104 -14.17 -6.74 -3.86
C ARG A 104 -13.84 -5.62 -4.85
N GLN A 105 -13.69 -4.40 -4.33
CA GLN A 105 -13.45 -3.22 -5.16
C GLN A 105 -12.31 -3.43 -6.15
N PHE A 106 -11.13 -3.76 -5.64
CA PHE A 106 -10.04 -4.18 -6.51
C PHE A 106 -10.13 -5.67 -6.73
N GLY A 107 -9.59 -6.44 -5.78
CA GLY A 107 -9.80 -7.87 -5.74
C GLY A 107 -9.16 -8.64 -6.87
N PHE A 108 -8.07 -9.32 -6.56
CA PHE A 108 -7.38 -10.16 -7.52
C PHE A 108 -6.98 -11.48 -6.89
N PHE A 109 -6.22 -12.28 -7.64
CA PHE A 109 -5.99 -13.67 -7.26
C PHE A 109 -4.91 -13.81 -6.19
N ARG A 110 -5.03 -14.90 -5.44
CA ARG A 110 -4.12 -15.21 -4.33
C ARG A 110 -2.77 -15.73 -4.84
N LEU A 111 -1.77 -15.64 -3.98
CA LEU A 111 -0.43 -16.12 -4.29
C LEU A 111 -0.37 -17.64 -4.14
N ASP A 112 0.22 -18.29 -5.14
CA ASP A 112 0.38 -19.74 -5.09
C ASP A 112 1.63 -20.11 -4.28
N PRO A 113 1.44 -20.80 -3.14
CA PRO A 113 2.54 -21.20 -2.26
C PRO A 113 3.52 -22.15 -2.94
N ARG A 114 4.79 -22.01 -2.59
CA ARG A 114 5.83 -22.85 -3.17
C ARG A 114 6.43 -23.75 -2.10
N MET A 1 0.29 20.21 -20.26
CA MET A 1 1.55 20.53 -20.96
C MET A 1 1.95 21.97 -20.68
N GLY A 2 3.13 22.16 -20.10
CA GLY A 2 3.61 23.49 -19.80
C GLY A 2 3.07 24.01 -18.48
N SER A 3 1.77 24.25 -18.44
CA SER A 3 1.08 24.71 -17.24
C SER A 3 1.63 26.07 -16.77
N SER A 4 2.65 26.02 -15.91
CA SER A 4 3.30 27.23 -15.39
C SER A 4 2.30 28.13 -14.68
N HIS A 5 1.35 27.52 -13.98
CA HIS A 5 0.29 28.25 -13.32
C HIS A 5 0.28 27.94 -11.83
N HIS A 6 1.45 28.07 -11.20
CA HIS A 6 1.59 27.82 -9.77
C HIS A 6 1.36 26.34 -9.45
N HIS A 7 0.86 26.06 -8.23
CA HIS A 7 0.61 24.70 -7.76
C HIS A 7 1.91 23.98 -7.42
N HIS A 8 1.92 23.34 -6.26
CA HIS A 8 3.08 22.62 -5.74
C HIS A 8 4.18 23.60 -5.30
N HIS A 9 4.71 24.36 -6.26
CA HIS A 9 5.70 25.38 -5.98
C HIS A 9 5.76 26.35 -7.16
N HIS A 10 5.96 25.80 -8.35
CA HIS A 10 5.97 26.57 -9.59
C HIS A 10 6.30 25.64 -10.75
N SER A 11 7.21 24.72 -10.49
CA SER A 11 7.71 23.76 -11.47
C SER A 11 8.81 22.95 -10.79
N SER A 12 9.41 22.02 -11.51
CA SER A 12 10.48 21.18 -10.97
C SER A 12 10.02 20.45 -9.71
N GLY A 13 8.90 19.76 -9.81
CA GLY A 13 8.34 19.06 -8.67
C GLY A 13 8.96 17.70 -8.46
N LEU A 14 9.78 17.25 -9.39
CA LEU A 14 10.44 15.96 -9.27
C LEU A 14 11.69 16.10 -8.41
N VAL A 15 12.48 17.15 -8.67
CA VAL A 15 13.68 17.46 -7.88
C VAL A 15 14.77 16.40 -8.06
N PRO A 16 15.89 16.78 -8.69
CA PRO A 16 17.04 15.88 -8.89
C PRO A 16 17.60 15.39 -7.56
N ARG A 17 17.40 14.10 -7.28
CA ARG A 17 17.84 13.48 -6.03
C ARG A 17 17.27 14.22 -4.83
N GLY A 18 15.95 14.37 -4.82
CA GLY A 18 15.28 14.97 -3.69
C GLY A 18 14.43 13.97 -2.95
N SER A 19 13.55 14.45 -2.09
CA SER A 19 12.67 13.58 -1.33
C SER A 19 11.32 14.24 -1.15
N HIS A 20 10.36 13.49 -0.63
CA HIS A 20 9.01 13.99 -0.39
C HIS A 20 8.40 14.51 -1.70
N MET A 21 8.21 13.58 -2.63
CA MET A 21 7.67 13.91 -3.94
C MET A 21 6.21 14.30 -3.83
N GLY A 22 5.57 13.86 -2.76
CA GLY A 22 4.17 14.18 -2.53
C GLY A 22 3.26 13.25 -3.29
N ARG A 23 2.88 13.68 -4.49
CA ARG A 23 1.97 12.93 -5.35
C ARG A 23 0.58 12.82 -4.75
N MET A 24 -0.32 12.18 -5.48
CA MET A 24 -1.67 11.96 -5.03
C MET A 24 -2.17 10.65 -5.58
N VAL A 25 -1.22 9.77 -5.76
CA VAL A 25 -1.50 8.44 -6.23
C VAL A 25 -1.33 7.45 -5.09
N ASN A 26 -2.22 6.47 -5.02
CA ASN A 26 -2.18 5.47 -3.96
C ASN A 26 -1.52 4.20 -4.47
N LEU A 27 -1.11 3.34 -3.55
CA LEU A 27 -0.50 2.06 -3.90
C LEU A 27 -1.53 1.19 -4.61
N GLU A 28 -1.12 0.54 -5.70
CA GLU A 28 -2.03 -0.22 -6.51
C GLU A 28 -1.23 -1.01 -7.51
N PRO A 29 -1.77 -2.05 -8.13
CA PRO A 29 -1.01 -2.69 -9.14
C PRO A 29 -1.25 -2.10 -10.52
N ASP A 30 -0.30 -1.27 -10.89
CA ASP A 30 0.28 -1.20 -12.21
C ASP A 30 1.69 -1.68 -11.97
N MET A 31 1.91 -1.92 -10.68
CA MET A 31 3.20 -2.15 -10.09
C MET A 31 3.65 -3.58 -10.32
N THR A 32 4.90 -3.70 -10.63
CA THR A 32 5.53 -5.00 -10.78
C THR A 32 6.76 -5.05 -9.90
N ILE A 33 6.62 -5.75 -8.80
CA ILE A 33 7.64 -5.80 -7.81
C ILE A 33 7.91 -7.22 -7.34
N SER A 34 8.93 -7.33 -6.57
CA SER A 34 9.38 -8.59 -6.06
C SER A 34 9.11 -8.66 -4.56
N LYS A 35 9.19 -9.84 -3.98
CA LYS A 35 8.99 -9.98 -2.53
C LYS A 35 9.88 -9.02 -1.75
N ASN A 36 11.16 -8.99 -2.11
CA ASN A 36 12.12 -8.13 -1.46
C ASN A 36 12.01 -6.74 -2.01
N GLU A 37 11.38 -6.60 -3.16
CA GLU A 37 11.20 -5.32 -3.74
C GLU A 37 10.26 -4.51 -2.92
N MET A 38 9.42 -5.17 -2.20
CA MET A 38 8.51 -4.43 -1.39
C MET A 38 9.15 -4.13 -0.07
N VAL A 39 10.04 -5.01 0.32
CA VAL A 39 10.75 -4.90 1.57
C VAL A 39 11.53 -3.60 1.68
N LYS A 40 11.97 -3.15 0.56
CA LYS A 40 12.54 -1.85 0.45
C LYS A 40 11.43 -0.81 0.32
N LEU A 41 10.43 -1.12 -0.49
CA LEU A 41 9.38 -0.19 -0.80
C LEU A 41 8.60 0.23 0.37
N LEU A 42 8.34 -0.62 1.32
CA LEU A 42 7.63 -0.11 2.45
C LEU A 42 8.51 0.94 3.13
N GLU A 43 9.79 0.67 3.20
CA GLU A 43 10.75 1.59 3.79
C GLU A 43 10.87 2.79 2.91
N ALA A 44 10.68 2.49 1.65
CA ALA A 44 10.85 3.42 0.59
C ALA A 44 9.59 4.25 0.41
N THR A 45 8.54 3.86 1.14
CA THR A 45 7.25 4.47 1.01
C THR A 45 6.83 5.02 2.37
N GLN A 46 7.72 4.78 3.34
CA GLN A 46 7.57 5.22 4.73
C GLN A 46 6.59 4.35 5.52
N TYR A 47 6.84 3.06 5.46
CA TYR A 47 6.04 2.07 6.12
C TYR A 47 6.97 0.92 6.44
N ARG A 48 6.78 0.29 7.54
CA ARG A 48 7.67 -0.74 7.99
C ARG A 48 6.81 -1.80 8.63
N GLN A 49 7.34 -3.00 8.83
CA GLN A 49 6.52 -4.05 9.41
C GLN A 49 5.95 -3.64 10.73
N VAL A 50 4.94 -4.35 11.12
CA VAL A 50 4.15 -3.92 12.20
C VAL A 50 3.60 -5.09 13.01
N SER A 51 3.34 -4.84 14.27
CA SER A 51 2.70 -5.79 15.15
C SER A 51 1.32 -6.16 14.65
N LYS A 52 0.57 -5.14 14.36
CA LYS A 52 -0.77 -5.29 13.89
C LYS A 52 -1.18 -4.04 13.17
N MET A 53 -1.41 -4.21 11.90
CA MET A 53 -1.57 -3.11 11.03
C MET A 53 -2.94 -2.48 11.17
N THR A 54 -2.94 -1.39 11.88
CA THR A 54 -4.02 -0.46 11.80
C THR A 54 -3.55 0.88 12.28
N ARG A 55 -3.12 1.65 11.32
CA ARG A 55 -2.73 3.01 11.53
C ARG A 55 -3.00 3.75 10.25
N PRO A 56 -3.01 5.08 10.24
CA PRO A 56 -2.96 5.76 8.98
C PRO A 56 -1.51 5.83 8.48
N GLY A 57 -1.23 5.10 7.42
CA GLY A 57 0.07 5.19 6.78
C GLY A 57 1.11 4.22 7.33
N GLU A 58 0.71 3.32 8.21
CA GLU A 58 1.63 2.35 8.80
C GLU A 58 1.04 0.98 8.59
N PHE A 59 1.82 0.04 8.11
CA PHE A 59 1.23 -1.20 7.62
C PHE A 59 2.01 -2.40 8.12
N THR A 60 1.54 -3.61 7.84
CA THR A 60 2.25 -4.80 8.27
C THR A 60 2.84 -5.56 7.10
N VAL A 61 4.02 -6.09 7.35
CA VAL A 61 4.78 -6.81 6.34
C VAL A 61 4.76 -8.32 6.60
N GLN A 62 4.75 -9.11 5.52
CA GLN A 62 4.85 -10.57 5.65
C GLN A 62 5.89 -11.13 4.67
N ALA A 63 5.46 -11.44 3.44
CA ALA A 63 6.37 -12.03 2.45
C ALA A 63 5.83 -11.86 1.03
N ASN A 64 4.92 -12.73 0.62
CA ASN A 64 4.30 -12.64 -0.72
C ASN A 64 3.19 -11.64 -0.71
N SER A 65 2.87 -11.15 0.46
CA SER A 65 1.88 -10.12 0.53
C SER A 65 2.15 -9.20 1.72
N ILE A 66 1.82 -7.93 1.53
CA ILE A 66 1.84 -6.95 2.58
C ILE A 66 0.40 -6.58 2.91
N GLU A 67 0.19 -5.91 4.01
CA GLU A 67 -1.09 -5.29 4.24
C GLU A 67 -0.88 -3.80 4.16
N MET A 68 -1.71 -3.08 3.47
CA MET A 68 -1.53 -1.64 3.40
C MET A 68 -2.81 -0.88 3.67
N ILE A 69 -2.76 -0.02 4.68
CA ILE A 69 -3.86 0.88 4.97
C ILE A 69 -4.00 1.89 3.84
N ARG A 70 -5.21 1.96 3.29
CA ARG A 70 -5.51 2.90 2.23
C ARG A 70 -5.39 4.32 2.77
N ARG A 71 -4.81 5.21 2.00
CA ARG A 71 -4.58 6.58 2.45
C ARG A 71 -5.90 7.26 2.78
N PRO A 72 -6.12 7.55 4.07
CA PRO A 72 -7.40 8.06 4.57
C PRO A 72 -7.77 9.43 4.05
N PHE A 73 -8.99 9.81 4.37
CA PHE A 73 -9.51 11.14 4.10
C PHE A 73 -8.68 12.20 4.81
N ASP A 74 -8.64 13.37 4.22
CA ASP A 74 -7.81 14.42 4.73
C ASP A 74 -8.60 15.68 4.97
N PHE A 75 -8.44 16.25 6.14
CA PHE A 75 -8.94 17.55 6.43
C PHE A 75 -7.80 18.45 6.81
N PRO A 76 -8.09 19.72 6.91
CA PRO A 76 -7.11 20.68 7.27
C PRO A 76 -6.88 20.66 8.74
N ASP A 77 -7.97 20.61 9.43
CA ASP A 77 -7.97 20.71 10.85
C ASP A 77 -7.92 19.34 11.47
N SER A 78 -7.97 18.37 10.60
CA SER A 78 -8.13 16.99 11.03
C SER A 78 -7.78 16.02 9.93
N LYS A 79 -7.45 14.77 10.24
CA LYS A 79 -7.26 13.76 9.22
C LYS A 79 -7.67 12.40 9.72
N GLU A 80 -8.44 11.72 8.90
CA GLU A 80 -9.15 10.55 9.38
C GLU A 80 -9.75 9.75 8.23
N GLY A 81 -10.63 8.82 8.59
CA GLY A 81 -11.28 7.99 7.59
C GLY A 81 -10.35 6.95 7.04
N GLN A 82 -9.84 6.13 7.91
CA GLN A 82 -8.84 5.15 7.53
C GLN A 82 -9.48 3.83 7.15
N VAL A 83 -8.90 3.23 6.15
CA VAL A 83 -9.29 1.94 5.63
C VAL A 83 -8.05 1.19 5.31
N ARG A 84 -8.10 -0.10 5.36
CA ARG A 84 -6.94 -0.87 5.00
C ARG A 84 -7.23 -1.89 3.93
N ALA A 85 -6.23 -2.06 3.11
CA ALA A 85 -6.27 -3.01 2.04
C ALA A 85 -5.22 -4.08 2.24
N ARG A 86 -5.36 -5.16 1.50
CA ARG A 86 -4.40 -6.24 1.59
C ARG A 86 -3.71 -6.35 0.26
N LEU A 87 -2.43 -6.19 0.32
CA LEU A 87 -1.65 -5.93 -0.84
C LEU A 87 -0.70 -7.10 -1.11
N THR A 88 -0.86 -7.73 -2.23
CA THR A 88 -0.15 -8.97 -2.50
C THR A 88 0.82 -8.85 -3.64
N PHE A 89 1.86 -9.67 -3.58
CA PHE A 89 2.89 -9.69 -4.57
C PHE A 89 2.92 -11.02 -5.34
N ASP A 90 2.52 -10.98 -6.61
CA ASP A 90 2.48 -12.18 -7.44
C ASP A 90 3.71 -12.27 -8.34
N GLY A 91 4.71 -13.01 -7.90
CA GLY A 91 5.88 -13.23 -8.72
C GLY A 91 6.90 -12.12 -8.60
N ASP A 92 7.13 -11.45 -9.72
CA ASP A 92 8.11 -10.37 -9.78
C ASP A 92 7.33 -9.11 -9.97
N HIS A 93 6.03 -9.25 -9.80
CA HIS A 93 5.12 -8.15 -9.95
C HIS A 93 4.06 -8.15 -8.87
N LEU A 94 3.45 -6.99 -8.68
CA LEU A 94 2.38 -6.85 -7.70
C LEU A 94 1.17 -7.64 -8.10
N ALA A 95 0.61 -8.31 -7.12
CA ALA A 95 -0.51 -9.15 -7.34
C ALA A 95 -1.81 -8.37 -7.31
N THR A 96 -2.00 -7.64 -6.22
CA THR A 96 -3.23 -6.91 -6.00
C THR A 96 -3.16 -6.15 -4.69
N ILE A 97 -4.21 -5.40 -4.46
CA ILE A 97 -4.41 -4.64 -3.25
C ILE A 97 -5.90 -4.53 -3.03
N VAL A 98 -6.39 -4.94 -1.89
CA VAL A 98 -7.81 -5.04 -1.68
C VAL A 98 -8.25 -4.36 -0.41
N ASN A 99 -9.09 -3.34 -0.53
CA ASN A 99 -9.69 -2.73 0.65
C ASN A 99 -10.48 -3.79 1.37
N MET A 100 -9.84 -4.28 2.40
CA MET A 100 -10.23 -5.47 3.14
C MET A 100 -11.60 -5.36 3.71
N GLU A 101 -12.07 -4.16 3.76
CA GLU A 101 -13.35 -3.90 4.30
C GLU A 101 -14.41 -4.36 3.35
N ASN A 102 -14.19 -4.03 2.11
CA ASN A 102 -15.10 -4.47 1.06
C ASN A 102 -14.64 -5.78 0.46
N ASN A 103 -13.31 -5.96 0.43
CA ASN A 103 -12.65 -7.18 0.00
C ASN A 103 -13.33 -7.92 -1.15
N ARG A 104 -13.97 -7.18 -2.05
CA ARG A 104 -14.64 -7.77 -3.20
C ARG A 104 -14.40 -6.95 -4.45
N GLN A 105 -14.93 -5.73 -4.49
CA GLN A 105 -14.86 -4.90 -5.67
C GLN A 105 -13.54 -4.14 -5.75
N PHE A 106 -12.53 -4.63 -5.06
CA PHE A 106 -11.21 -4.04 -5.12
C PHE A 106 -10.19 -5.09 -5.48
N GLY A 107 -10.63 -6.35 -5.54
CA GLY A 107 -9.76 -7.44 -5.86
C GLY A 107 -9.98 -8.64 -4.95
N PHE A 108 -9.00 -9.53 -4.93
CA PHE A 108 -9.08 -10.75 -4.14
C PHE A 108 -7.70 -11.09 -3.57
N PHE A 109 -7.67 -11.70 -2.40
CA PHE A 109 -6.41 -12.06 -1.77
C PHE A 109 -5.97 -13.44 -2.24
N ARG A 110 -5.11 -13.46 -3.26
CA ARG A 110 -4.58 -14.71 -3.78
C ARG A 110 -3.08 -14.60 -4.00
N LEU A 111 -2.37 -15.69 -3.77
CA LEU A 111 -0.97 -15.79 -4.13
C LEU A 111 -0.55 -17.25 -4.18
N ASP A 112 -0.05 -17.67 -5.32
CA ASP A 112 0.33 -19.06 -5.54
C ASP A 112 1.65 -19.14 -6.29
N PRO A 113 2.77 -19.15 -5.54
CA PRO A 113 4.11 -19.20 -6.13
C PRO A 113 4.57 -20.64 -6.39
N ARG A 114 3.84 -21.60 -5.84
CA ARG A 114 4.20 -23.00 -5.97
C ARG A 114 2.95 -23.87 -5.91
N MET A 1 18.08 14.79 17.49
CA MET A 1 17.40 14.43 18.76
C MET A 1 16.53 15.58 19.23
N GLY A 2 15.99 15.45 20.43
CA GLY A 2 15.16 16.51 20.99
C GLY A 2 13.73 16.44 20.50
N SER A 3 13.08 15.32 20.78
CA SER A 3 11.69 15.15 20.40
C SER A 3 10.79 15.73 21.48
N SER A 4 10.39 16.98 21.30
CA SER A 4 9.48 17.63 22.22
C SER A 4 8.05 17.58 21.69
N HIS A 5 7.91 17.10 20.46
CA HIS A 5 6.61 16.91 19.85
C HIS A 5 6.50 15.46 19.40
N HIS A 6 5.38 14.83 19.68
CA HIS A 6 5.21 13.39 19.44
C HIS A 6 4.82 13.10 17.99
N HIS A 7 5.56 13.69 17.06
CA HIS A 7 5.37 13.45 15.62
C HIS A 7 3.96 13.77 15.18
N HIS A 8 3.70 15.03 14.90
CA HIS A 8 2.40 15.45 14.40
C HIS A 8 2.26 15.11 12.93
N HIS A 9 1.12 14.53 12.57
CA HIS A 9 0.83 14.21 11.18
C HIS A 9 0.31 15.45 10.46
N HIS A 10 1.23 16.30 10.02
CA HIS A 10 0.86 17.49 9.27
C HIS A 10 0.41 17.11 7.87
N SER A 11 0.86 15.95 7.42
CA SER A 11 0.50 15.43 6.11
C SER A 11 -0.96 14.99 6.09
N SER A 12 -1.51 14.75 7.27
CA SER A 12 -2.91 14.38 7.41
C SER A 12 -3.77 15.63 7.35
N GLY A 13 -4.17 16.00 6.15
CA GLY A 13 -4.94 17.21 5.95
C GLY A 13 -4.19 18.23 5.15
N LEU A 14 -3.15 18.80 5.77
CA LEU A 14 -2.31 19.82 5.14
C LEU A 14 -3.08 21.10 4.85
N VAL A 15 -2.71 22.15 5.58
CA VAL A 15 -3.29 23.47 5.40
C VAL A 15 -3.07 24.00 3.98
N PRO A 16 -1.83 23.91 3.43
CA PRO A 16 -1.54 24.28 2.03
C PRO A 16 -2.29 23.39 1.03
N ARG A 17 -3.53 23.73 0.77
CA ARG A 17 -4.36 22.98 -0.18
C ARG A 17 -3.99 23.35 -1.60
N GLY A 18 -3.32 24.48 -1.76
CA GLY A 18 -2.92 24.92 -3.08
C GLY A 18 -1.79 24.10 -3.64
N SER A 19 -0.77 23.87 -2.82
CA SER A 19 0.40 23.12 -3.24
C SER A 19 0.14 21.61 -3.16
N HIS A 20 -0.72 21.19 -2.24
CA HIS A 20 -1.06 19.79 -2.11
C HIS A 20 -2.30 19.47 -2.93
N MET A 21 -2.08 19.05 -4.17
CA MET A 21 -3.17 18.65 -5.04
C MET A 21 -3.18 17.14 -5.22
N GLY A 22 -2.00 16.58 -5.46
CA GLY A 22 -1.89 15.14 -5.64
C GLY A 22 -1.73 14.41 -4.32
N ARG A 23 -1.08 13.26 -4.37
CA ARG A 23 -0.86 12.46 -3.18
C ARG A 23 0.23 11.42 -3.43
N MET A 24 0.67 10.75 -2.36
CA MET A 24 1.70 9.73 -2.45
C MET A 24 1.40 8.66 -1.43
N VAL A 25 0.13 8.56 -1.11
CA VAL A 25 -0.33 7.61 -0.14
C VAL A 25 -1.19 6.54 -0.79
N ASN A 26 -1.08 6.43 -2.11
CA ASN A 26 -1.84 5.43 -2.84
C ASN A 26 -0.91 4.35 -3.40
N LEU A 27 -1.39 3.13 -3.39
CA LEU A 27 -0.64 1.98 -3.88
C LEU A 27 -1.61 1.07 -4.62
N GLU A 28 -1.20 0.57 -5.77
CA GLU A 28 -2.08 -0.20 -6.62
C GLU A 28 -1.25 -1.02 -7.57
N PRO A 29 -1.80 -2.07 -8.20
CA PRO A 29 -1.03 -2.74 -9.19
C PRO A 29 -1.24 -2.17 -10.59
N ASP A 30 -0.29 -1.35 -10.97
CA ASP A 30 0.28 -1.28 -12.29
C ASP A 30 1.68 -1.80 -12.07
N MET A 31 1.89 -2.03 -10.77
CA MET A 31 3.16 -2.26 -10.15
C MET A 31 3.64 -3.68 -10.38
N THR A 32 4.92 -3.79 -10.64
CA THR A 32 5.57 -5.06 -10.80
C THR A 32 6.77 -5.10 -9.90
N ILE A 33 6.62 -5.79 -8.79
CA ILE A 33 7.64 -5.82 -7.80
C ILE A 33 7.88 -7.24 -7.31
N SER A 34 8.89 -7.36 -6.52
CA SER A 34 9.37 -8.64 -6.07
C SER A 34 9.24 -8.74 -4.56
N LYS A 35 9.48 -9.93 -4.01
CA LYS A 35 9.33 -10.14 -2.57
C LYS A 35 10.19 -9.16 -1.77
N ASN A 36 11.43 -8.97 -2.18
CA ASN A 36 12.32 -8.02 -1.54
C ASN A 36 12.07 -6.64 -2.06
N GLU A 37 11.41 -6.55 -3.22
CA GLU A 37 11.14 -5.29 -3.79
C GLU A 37 10.14 -4.55 -2.97
N MET A 38 9.37 -5.26 -2.22
CA MET A 38 8.43 -4.58 -1.38
C MET A 38 9.10 -4.21 -0.09
N VAL A 39 10.05 -5.03 0.30
CA VAL A 39 10.75 -4.87 1.56
C VAL A 39 11.48 -3.54 1.64
N LYS A 40 11.88 -3.08 0.51
CA LYS A 40 12.41 -1.75 0.38
C LYS A 40 11.28 -0.76 0.31
N LEU A 41 10.25 -1.10 -0.47
CA LEU A 41 9.17 -0.19 -0.76
C LEU A 41 8.42 0.25 0.41
N LEU A 42 8.22 -0.58 1.40
CA LEU A 42 7.58 -0.04 2.55
C LEU A 42 8.48 1.04 3.16
N GLU A 43 9.75 0.73 3.25
CA GLU A 43 10.74 1.64 3.79
C GLU A 43 10.83 2.83 2.90
N ALA A 44 10.52 2.55 1.66
CA ALA A 44 10.66 3.47 0.58
C ALA A 44 9.38 4.30 0.43
N THR A 45 8.36 3.89 1.17
CA THR A 45 7.05 4.50 1.08
C THR A 45 6.63 5.04 2.44
N GLN A 46 7.54 4.86 3.39
CA GLN A 46 7.39 5.25 4.78
C GLN A 46 6.43 4.34 5.55
N TYR A 47 6.75 3.05 5.50
CA TYR A 47 6.00 2.03 6.18
C TYR A 47 7.00 0.92 6.48
N ARG A 48 6.82 0.28 7.59
CA ARG A 48 7.74 -0.74 8.02
C ARG A 48 6.91 -1.77 8.74
N GLN A 49 7.43 -2.97 8.96
CA GLN A 49 6.64 -4.02 9.60
C GLN A 49 5.97 -3.55 10.86
N VAL A 50 4.96 -4.30 11.24
CA VAL A 50 4.11 -3.88 12.29
C VAL A 50 3.56 -5.05 13.09
N SER A 51 3.28 -4.79 14.35
CA SER A 51 2.63 -5.74 15.23
C SER A 51 1.28 -6.15 14.72
N LYS A 52 0.51 -5.14 14.39
CA LYS A 52 -0.83 -5.32 13.91
C LYS A 52 -1.22 -4.08 13.16
N MET A 53 -1.48 -4.27 11.92
CA MET A 53 -1.62 -3.15 11.04
C MET A 53 -2.97 -2.51 11.19
N THR A 54 -2.95 -1.43 11.90
CA THR A 54 -3.99 -0.46 11.80
C THR A 54 -3.46 0.86 12.30
N ARG A 55 -2.93 1.60 11.37
CA ARG A 55 -2.46 2.94 11.59
C ARG A 55 -2.54 3.65 10.27
N PRO A 56 -3.04 4.87 10.18
CA PRO A 56 -2.98 5.55 8.90
C PRO A 56 -1.52 5.80 8.51
N GLY A 57 -1.07 5.07 7.51
CA GLY A 57 0.28 5.26 6.99
C GLY A 57 1.29 4.24 7.52
N GLU A 58 0.86 3.32 8.38
CA GLU A 58 1.78 2.30 8.92
C GLU A 58 1.18 0.95 8.65
N PHE A 59 1.95 0.02 8.11
CA PHE A 59 1.35 -1.22 7.60
C PHE A 59 2.09 -2.43 8.15
N THR A 60 1.61 -3.63 7.86
CA THR A 60 2.26 -4.82 8.34
C THR A 60 2.85 -5.59 7.19
N VAL A 61 4.07 -6.01 7.38
CA VAL A 61 4.81 -6.66 6.33
C VAL A 61 5.09 -8.13 6.65
N GLN A 62 5.25 -8.96 5.61
CA GLN A 62 5.57 -10.38 5.79
C GLN A 62 6.33 -10.97 4.60
N ALA A 63 5.64 -11.43 3.56
CA ALA A 63 6.32 -12.11 2.45
C ALA A 63 5.68 -11.83 1.08
N ASN A 64 4.75 -12.70 0.68
CA ASN A 64 4.15 -12.62 -0.66
C ASN A 64 3.04 -11.62 -0.70
N SER A 65 2.70 -11.09 0.44
CA SER A 65 1.71 -10.06 0.47
C SER A 65 1.95 -9.12 1.64
N ILE A 66 1.65 -7.87 1.45
CA ILE A 66 1.71 -6.87 2.49
C ILE A 66 0.29 -6.45 2.83
N GLU A 67 0.11 -5.83 3.97
CA GLU A 67 -1.14 -5.18 4.23
C GLU A 67 -0.87 -3.70 4.15
N MET A 68 -1.70 -2.96 3.46
CA MET A 68 -1.52 -1.53 3.39
C MET A 68 -2.77 -0.77 3.79
N ILE A 69 -2.66 0.11 4.77
CA ILE A 69 -3.71 1.05 5.06
C ILE A 69 -3.76 2.10 3.96
N ARG A 70 -4.94 2.38 3.45
CA ARG A 70 -5.10 3.34 2.38
C ARG A 70 -5.65 4.65 2.93
N ARG A 71 -5.91 5.61 2.04
CA ARG A 71 -6.46 6.92 2.42
C ARG A 71 -7.71 6.75 3.29
N PRO A 72 -7.72 7.39 4.48
CA PRO A 72 -8.89 7.37 5.37
C PRO A 72 -10.03 8.19 4.81
N PHE A 73 -11.22 7.89 5.29
CA PHE A 73 -12.42 8.50 4.80
C PHE A 73 -13.37 8.78 5.94
N ASP A 74 -13.72 10.05 6.09
CA ASP A 74 -14.59 10.49 7.15
C ASP A 74 -15.70 11.35 6.58
N PHE A 75 -16.92 11.02 6.89
CA PHE A 75 -18.06 11.79 6.46
C PHE A 75 -18.84 12.30 7.63
N PRO A 76 -19.77 13.19 7.33
CA PRO A 76 -20.58 13.81 8.33
C PRO A 76 -21.61 12.88 8.82
N ASP A 77 -22.16 12.20 7.87
CA ASP A 77 -23.27 11.32 8.10
C ASP A 77 -22.76 9.96 8.43
N SER A 78 -21.48 9.81 8.27
CA SER A 78 -20.88 8.49 8.35
C SER A 78 -19.39 8.53 8.52
N LYS A 79 -18.85 7.65 9.33
CA LYS A 79 -17.42 7.63 9.58
C LYS A 79 -16.88 6.25 9.77
N GLU A 80 -15.76 6.02 9.12
CA GLU A 80 -15.05 4.76 9.21
C GLU A 80 -13.61 5.03 9.54
N GLY A 81 -13.17 6.19 9.12
CA GLY A 81 -11.84 6.65 9.41
C GLY A 81 -10.82 6.02 8.49
N GLN A 82 -9.83 5.36 9.05
CA GLN A 82 -8.79 4.73 8.28
C GLN A 82 -9.34 3.47 7.63
N VAL A 83 -8.76 3.12 6.52
CA VAL A 83 -9.11 1.93 5.80
C VAL A 83 -7.87 1.21 5.39
N ARG A 84 -7.93 -0.08 5.38
CA ARG A 84 -6.79 -0.85 4.99
C ARG A 84 -7.09 -1.91 3.96
N ALA A 85 -6.13 -2.09 3.12
CA ALA A 85 -6.20 -3.04 2.04
C ALA A 85 -5.15 -4.13 2.21
N ARG A 86 -5.31 -5.20 1.45
CA ARG A 86 -4.40 -6.31 1.50
C ARG A 86 -3.73 -6.42 0.16
N LEU A 87 -2.47 -6.12 0.20
CA LEU A 87 -1.71 -5.88 -0.98
C LEU A 87 -0.77 -7.04 -1.24
N THR A 88 -0.94 -7.69 -2.35
CA THR A 88 -0.26 -8.95 -2.61
C THR A 88 0.73 -8.85 -3.74
N PHE A 89 1.76 -9.68 -3.65
CA PHE A 89 2.81 -9.74 -4.62
C PHE A 89 2.85 -11.08 -5.35
N ASP A 90 2.53 -11.07 -6.63
CA ASP A 90 2.54 -12.29 -7.45
C ASP A 90 3.78 -12.36 -8.32
N GLY A 91 4.78 -13.09 -7.88
CA GLY A 91 5.96 -13.28 -8.70
C GLY A 91 6.95 -12.15 -8.54
N ASP A 92 7.25 -11.49 -9.65
CA ASP A 92 8.20 -10.38 -9.66
C ASP A 92 7.41 -9.15 -9.91
N HIS A 93 6.10 -9.30 -9.76
CA HIS A 93 5.19 -8.22 -9.95
C HIS A 93 4.09 -8.22 -8.91
N LEU A 94 3.48 -7.06 -8.74
CA LEU A 94 2.40 -6.91 -7.80
C LEU A 94 1.20 -7.71 -8.23
N ALA A 95 0.61 -8.37 -7.25
CA ALA A 95 -0.51 -9.22 -7.49
C ALA A 95 -1.82 -8.47 -7.47
N THR A 96 -2.00 -7.72 -6.39
CA THR A 96 -3.24 -7.01 -6.16
C THR A 96 -3.17 -6.23 -4.88
N ILE A 97 -4.23 -5.51 -4.62
CA ILE A 97 -4.43 -4.75 -3.42
C ILE A 97 -5.92 -4.68 -3.20
N VAL A 98 -6.37 -4.98 -2.02
CA VAL A 98 -7.79 -5.09 -1.77
C VAL A 98 -8.19 -4.38 -0.51
N ASN A 99 -9.05 -3.38 -0.61
CA ASN A 99 -9.63 -2.76 0.57
C ASN A 99 -10.38 -3.81 1.32
N MET A 100 -9.68 -4.32 2.32
CA MET A 100 -10.05 -5.47 3.12
C MET A 100 -11.44 -5.38 3.64
N GLU A 101 -11.86 -4.17 3.77
CA GLU A 101 -13.10 -3.87 4.36
C GLU A 101 -14.24 -4.29 3.47
N ASN A 102 -14.03 -4.03 2.21
CA ASN A 102 -15.01 -4.39 1.19
C ASN A 102 -14.60 -5.66 0.46
N ASN A 103 -13.28 -5.90 0.42
CA ASN A 103 -12.66 -7.10 -0.16
C ASN A 103 -13.36 -7.67 -1.39
N ARG A 104 -13.97 -6.80 -2.18
CA ARG A 104 -14.70 -7.21 -3.39
C ARG A 104 -14.53 -6.16 -4.47
N GLN A 105 -15.03 -4.95 -4.20
CA GLN A 105 -14.94 -3.84 -5.15
C GLN A 105 -13.53 -3.25 -5.21
N PHE A 106 -12.53 -4.12 -5.22
CA PHE A 106 -11.14 -3.68 -5.26
C PHE A 106 -10.26 -4.79 -5.82
N GLY A 107 -10.58 -6.04 -5.49
CA GLY A 107 -9.82 -7.16 -6.02
C GLY A 107 -9.98 -8.43 -5.20
N PHE A 108 -8.94 -9.24 -5.19
CA PHE A 108 -8.92 -10.52 -4.48
C PHE A 108 -7.47 -10.90 -4.22
N PHE A 109 -7.20 -11.54 -3.09
CA PHE A 109 -5.82 -11.80 -2.70
C PHE A 109 -5.54 -13.30 -2.58
N ARG A 110 -4.94 -13.85 -3.62
CA ARG A 110 -4.48 -15.22 -3.62
C ARG A 110 -3.10 -15.30 -4.27
N LEU A 111 -2.15 -15.94 -3.59
CA LEU A 111 -0.79 -16.00 -4.09
C LEU A 111 -0.34 -17.45 -4.24
N ASP A 112 0.30 -17.74 -5.36
CA ASP A 112 0.81 -19.07 -5.66
C ASP A 112 2.23 -19.23 -5.08
N PRO A 113 2.37 -20.05 -4.02
CA PRO A 113 3.66 -20.25 -3.36
C PRO A 113 4.53 -21.31 -4.04
N ARG A 114 5.83 -21.09 -4.03
CA ARG A 114 6.77 -22.05 -4.59
C ARG A 114 7.15 -23.08 -3.55
N MET A 1 3.66 -8.23 -20.84
CA MET A 1 4.77 -8.94 -20.15
C MET A 1 5.81 -9.40 -21.17
N GLY A 2 6.92 -8.69 -21.23
CA GLY A 2 7.98 -9.05 -22.15
C GLY A 2 9.09 -9.81 -21.46
N SER A 3 9.55 -10.88 -22.08
CA SER A 3 10.63 -11.67 -21.53
C SER A 3 11.52 -12.21 -22.65
N SER A 4 11.74 -11.38 -23.65
CA SER A 4 12.58 -11.76 -24.77
C SER A 4 14.00 -11.23 -24.60
N HIS A 5 14.15 -10.24 -23.73
CA HIS A 5 15.45 -9.68 -23.43
C HIS A 5 16.13 -10.53 -22.36
N HIS A 6 17.35 -10.98 -22.66
CA HIS A 6 18.11 -11.87 -21.79
C HIS A 6 17.48 -13.27 -21.78
N HIS A 7 18.10 -14.19 -22.49
CA HIS A 7 17.62 -15.57 -22.52
C HIS A 7 18.38 -16.40 -21.50
N HIS A 8 17.68 -17.35 -20.89
CA HIS A 8 18.29 -18.23 -19.90
C HIS A 8 18.80 -19.51 -20.57
N HIS A 9 19.70 -19.32 -21.53
CA HIS A 9 20.24 -20.45 -22.29
C HIS A 9 21.25 -21.22 -21.46
N HIS A 10 22.16 -20.51 -20.83
CA HIS A 10 23.15 -21.13 -19.97
C HIS A 10 23.36 -20.30 -18.71
N SER A 11 23.95 -19.13 -18.88
CA SER A 11 24.26 -18.25 -17.77
C SER A 11 24.65 -16.87 -18.28
N SER A 12 24.65 -15.89 -17.37
CA SER A 12 25.08 -14.54 -17.69
C SER A 12 24.19 -13.89 -18.75
N GLY A 13 24.64 -12.78 -19.32
CA GLY A 13 23.90 -12.11 -20.37
C GLY A 13 23.81 -10.62 -20.14
N LEU A 14 23.56 -10.23 -18.91
CA LEU A 14 23.44 -8.81 -18.57
C LEU A 14 24.38 -8.45 -17.43
N VAL A 15 25.50 -7.85 -17.76
CA VAL A 15 26.44 -7.39 -16.74
C VAL A 15 25.89 -6.12 -16.07
N PRO A 16 25.58 -5.04 -16.83
CA PRO A 16 24.93 -3.86 -16.28
C PRO A 16 23.41 -4.04 -16.21
N ARG A 17 22.99 -5.12 -15.57
CA ARG A 17 21.58 -5.49 -15.50
C ARG A 17 20.76 -4.37 -14.86
N GLY A 18 21.31 -3.78 -13.81
CA GLY A 18 20.62 -2.72 -13.12
C GLY A 18 20.33 -3.09 -11.68
N SER A 19 21.36 -3.47 -10.96
CA SER A 19 21.21 -3.86 -9.56
C SER A 19 21.50 -2.67 -8.66
N HIS A 20 20.58 -1.71 -8.64
CA HIS A 20 20.75 -0.51 -7.84
C HIS A 20 19.59 -0.36 -6.87
N MET A 21 19.84 0.30 -5.76
CA MET A 21 18.79 0.57 -4.77
C MET A 21 18.28 1.99 -4.90
N GLY A 22 17.00 2.19 -4.66
CA GLY A 22 16.41 3.51 -4.79
C GLY A 22 14.97 3.43 -5.22
N ARG A 23 14.08 3.83 -4.32
CA ARG A 23 12.65 3.81 -4.60
C ARG A 23 11.96 4.86 -3.74
N MET A 24 11.02 5.58 -4.33
CA MET A 24 10.31 6.64 -3.63
C MET A 24 8.91 6.77 -4.17
N VAL A 25 8.41 5.65 -4.61
CA VAL A 25 7.05 5.56 -5.08
C VAL A 25 6.17 4.92 -4.01
N ASN A 26 4.96 5.44 -3.84
CA ASN A 26 4.04 4.93 -2.84
C ASN A 26 3.35 3.68 -3.34
N LEU A 27 2.92 2.83 -2.42
CA LEU A 27 2.28 1.56 -2.77
C LEU A 27 0.88 1.80 -3.32
N GLU A 28 0.47 0.96 -4.27
CA GLU A 28 -0.75 1.15 -5.02
C GLU A 28 -0.98 -0.07 -5.92
N PRO A 29 -1.99 -0.03 -6.85
CA PRO A 29 -2.18 -1.05 -7.90
C PRO A 29 -0.90 -1.54 -8.58
N ASP A 30 -1.10 -2.41 -9.58
CA ASP A 30 -0.19 -3.49 -10.09
C ASP A 30 1.32 -3.19 -10.26
N MET A 31 1.88 -2.29 -9.47
CA MET A 31 3.32 -2.02 -9.44
C MET A 31 4.12 -3.30 -9.46
N THR A 32 4.82 -3.51 -10.54
CA THR A 32 5.53 -4.74 -10.72
C THR A 32 6.77 -4.78 -9.86
N ILE A 33 6.69 -5.58 -8.81
CA ILE A 33 7.73 -5.69 -7.83
C ILE A 33 7.89 -7.13 -7.39
N SER A 34 8.90 -7.35 -6.60
CA SER A 34 9.24 -8.68 -6.17
C SER A 34 9.20 -8.77 -4.65
N LYS A 35 9.39 -9.97 -4.12
CA LYS A 35 9.31 -10.20 -2.68
C LYS A 35 10.21 -9.22 -1.90
N ASN A 36 11.45 -9.06 -2.35
CA ASN A 36 12.38 -8.16 -1.69
C ASN A 36 12.18 -6.75 -2.18
N GLU A 37 11.51 -6.61 -3.32
CA GLU A 37 11.26 -5.31 -3.83
C GLU A 37 10.27 -4.60 -2.98
N MET A 38 9.50 -5.33 -2.27
CA MET A 38 8.56 -4.68 -1.40
C MET A 38 9.22 -4.33 -0.12
N VAL A 39 10.20 -5.12 0.25
CA VAL A 39 10.88 -4.99 1.52
C VAL A 39 11.55 -3.64 1.63
N LYS A 40 12.00 -3.17 0.53
CA LYS A 40 12.49 -1.83 0.42
C LYS A 40 11.33 -0.87 0.32
N LEU A 41 10.32 -1.23 -0.46
CA LEU A 41 9.23 -0.35 -0.75
C LEU A 41 8.46 0.08 0.42
N LEU A 42 8.23 -0.78 1.40
CA LEU A 42 7.55 -0.27 2.53
C LEU A 42 8.41 0.83 3.16
N GLU A 43 9.70 0.60 3.23
CA GLU A 43 10.64 1.55 3.78
C GLU A 43 10.70 2.74 2.88
N ALA A 44 10.50 2.42 1.62
CA ALA A 44 10.62 3.35 0.55
C ALA A 44 9.33 4.14 0.37
N THR A 45 8.32 3.73 1.12
CA THR A 45 7.02 4.33 1.05
C THR A 45 6.65 4.88 2.42
N GLN A 46 7.60 4.71 3.33
CA GLN A 46 7.51 5.12 4.72
C GLN A 46 6.55 4.26 5.53
N TYR A 47 6.82 2.97 5.50
CA TYR A 47 6.05 1.98 6.19
C TYR A 47 7.00 0.84 6.49
N ARG A 48 6.80 0.18 7.59
CA ARG A 48 7.68 -0.86 8.01
C ARG A 48 6.80 -1.91 8.67
N GLN A 49 7.28 -3.13 8.87
CA GLN A 49 6.45 -4.17 9.45
C GLN A 49 5.80 -3.72 10.72
N VAL A 50 4.74 -4.41 11.06
CA VAL A 50 3.91 -3.97 12.11
C VAL A 50 3.30 -5.15 12.87
N SER A 51 3.04 -4.91 14.14
CA SER A 51 2.35 -5.87 14.98
C SER A 51 0.95 -6.18 14.47
N LYS A 52 0.24 -5.12 14.19
CA LYS A 52 -1.12 -5.20 13.76
C LYS A 52 -1.46 -3.96 12.98
N MET A 53 -1.72 -4.16 11.74
CA MET A 53 -1.82 -3.06 10.84
C MET A 53 -3.13 -2.31 10.99
N THR A 54 -3.02 -1.22 11.67
CA THR A 54 -4.00 -0.20 11.63
C THR A 54 -3.37 1.09 12.09
N ARG A 55 -2.93 1.85 11.12
CA ARG A 55 -2.42 3.17 11.33
C ARG A 55 -2.66 3.97 10.08
N PRO A 56 -2.55 5.28 10.11
CA PRO A 56 -2.45 6.00 8.87
C PRO A 56 -1.03 5.94 8.33
N GLY A 57 -0.86 5.24 7.23
CA GLY A 57 0.42 5.23 6.54
C GLY A 57 1.44 4.27 7.13
N GLU A 58 1.00 3.35 7.99
CA GLU A 58 1.89 2.33 8.55
C GLU A 58 1.21 0.99 8.42
N PHE A 59 1.91 0.00 7.90
CA PHE A 59 1.24 -1.22 7.47
C PHE A 59 1.97 -2.44 8.01
N THR A 60 1.43 -3.62 7.76
CA THR A 60 2.09 -4.82 8.22
C THR A 60 2.70 -5.57 7.07
N VAL A 61 3.85 -6.13 7.33
CA VAL A 61 4.59 -6.88 6.33
C VAL A 61 4.40 -8.38 6.52
N GLN A 62 4.15 -9.09 5.42
CA GLN A 62 3.96 -10.54 5.48
C GLN A 62 4.48 -11.22 4.21
N ALA A 63 5.75 -10.95 3.89
CA ALA A 63 6.46 -11.60 2.77
C ALA A 63 5.80 -11.34 1.41
N ASN A 64 5.03 -12.30 0.91
CA ASN A 64 4.45 -12.20 -0.44
C ASN A 64 3.20 -11.37 -0.43
N SER A 65 2.78 -10.98 0.73
CA SER A 65 1.64 -10.12 0.84
C SER A 65 1.85 -9.11 1.95
N ILE A 66 1.77 -7.84 1.61
CA ILE A 66 1.82 -6.79 2.60
C ILE A 66 0.39 -6.41 2.95
N GLU A 67 0.18 -5.70 4.01
CA GLU A 67 -1.15 -5.23 4.28
C GLU A 67 -1.14 -3.73 4.44
N MET A 68 -1.65 -3.03 3.45
CA MET A 68 -1.44 -1.61 3.36
C MET A 68 -2.70 -0.84 3.70
N ILE A 69 -2.59 0.07 4.64
CA ILE A 69 -3.68 0.96 4.93
C ILE A 69 -3.89 1.94 3.78
N ARG A 70 -5.14 2.14 3.42
CA ARG A 70 -5.52 3.10 2.39
C ARG A 70 -5.45 4.50 2.98
N ARG A 71 -5.16 5.49 2.12
CA ARG A 71 -5.13 6.88 2.54
C ARG A 71 -6.47 7.29 3.16
N PRO A 72 -6.47 7.72 4.43
CA PRO A 72 -7.68 8.10 5.15
C PRO A 72 -8.20 9.47 4.77
N PHE A 73 -9.37 9.80 5.30
CA PHE A 73 -10.02 11.06 5.06
C PHE A 73 -10.07 11.85 6.35
N ASP A 74 -9.65 13.10 6.29
CA ASP A 74 -9.39 13.84 7.50
C ASP A 74 -10.08 15.19 7.51
N PHE A 75 -10.66 15.52 8.65
CA PHE A 75 -11.18 16.83 8.91
C PHE A 75 -10.49 17.44 10.08
N PRO A 76 -10.70 18.72 10.27
CA PRO A 76 -10.03 19.46 11.28
C PRO A 76 -10.60 19.15 12.62
N ASP A 77 -11.89 19.08 12.61
CA ASP A 77 -12.63 18.92 13.82
C ASP A 77 -12.90 17.46 14.06
N SER A 78 -12.51 16.68 13.09
CA SER A 78 -12.88 15.27 13.10
C SER A 78 -12.04 14.45 12.14
N LYS A 79 -11.71 13.23 12.52
CA LYS A 79 -10.86 12.40 11.68
C LYS A 79 -11.25 10.95 11.71
N GLU A 80 -11.04 10.31 10.58
CA GLU A 80 -11.53 8.98 10.33
C GLU A 80 -11.02 8.49 8.99
N GLY A 81 -11.76 7.59 8.38
CA GLY A 81 -11.48 7.17 7.03
C GLY A 81 -10.35 6.17 6.96
N GLN A 82 -9.89 5.74 8.12
CA GLN A 82 -8.85 4.75 8.19
C GLN A 82 -9.32 3.39 7.77
N VAL A 83 -8.82 3.02 6.61
CA VAL A 83 -9.14 1.77 5.99
C VAL A 83 -7.89 1.10 5.55
N ARG A 84 -7.86 -0.19 5.62
CA ARG A 84 -6.70 -0.91 5.18
C ARG A 84 -7.03 -1.96 4.15
N ALA A 85 -6.10 -2.12 3.26
CA ALA A 85 -6.19 -3.10 2.21
C ALA A 85 -5.15 -4.18 2.42
N ARG A 86 -5.30 -5.28 1.70
CA ARG A 86 -4.35 -6.36 1.78
C ARG A 86 -3.73 -6.55 0.43
N LEU A 87 -2.44 -6.40 0.42
CA LEU A 87 -1.71 -6.20 -0.79
C LEU A 87 -0.77 -7.38 -1.03
N THR A 88 -0.70 -7.83 -2.26
CA THR A 88 0.03 -9.04 -2.56
C THR A 88 0.98 -8.84 -3.71
N PHE A 89 2.05 -9.61 -3.66
CA PHE A 89 3.06 -9.59 -4.68
C PHE A 89 3.11 -10.91 -5.47
N ASP A 90 2.63 -10.89 -6.70
CA ASP A 90 2.63 -12.09 -7.55
C ASP A 90 3.88 -12.14 -8.43
N GLY A 91 4.88 -12.87 -7.98
CA GLY A 91 6.05 -13.08 -8.80
C GLY A 91 7.05 -11.97 -8.72
N ASP A 92 7.24 -11.29 -9.84
CA ASP A 92 8.20 -10.19 -9.92
C ASP A 92 7.41 -8.93 -10.07
N HIS A 93 6.10 -9.09 -9.90
CA HIS A 93 5.19 -7.99 -10.02
C HIS A 93 4.12 -8.05 -8.94
N LEU A 94 3.48 -6.91 -8.72
CA LEU A 94 2.40 -6.83 -7.77
C LEU A 94 1.23 -7.69 -8.18
N ALA A 95 0.60 -8.26 -7.18
CA ALA A 95 -0.50 -9.13 -7.39
C ALA A 95 -1.83 -8.41 -7.29
N THR A 96 -2.02 -7.70 -6.18
CA THR A 96 -3.27 -7.02 -5.88
C THR A 96 -3.17 -6.27 -4.58
N ILE A 97 -4.25 -5.57 -4.29
CA ILE A 97 -4.45 -4.84 -3.08
C ILE A 97 -5.95 -4.80 -2.86
N VAL A 98 -6.41 -4.98 -1.65
CA VAL A 98 -7.84 -5.13 -1.42
C VAL A 98 -8.28 -4.42 -0.18
N ASN A 99 -9.20 -3.46 -0.33
CA ASN A 99 -9.79 -2.80 0.82
C ASN A 99 -10.51 -3.85 1.64
N MET A 100 -9.78 -4.30 2.64
CA MET A 100 -10.09 -5.49 3.42
C MET A 100 -11.44 -5.47 4.02
N GLU A 101 -11.93 -4.28 4.19
CA GLU A 101 -13.19 -4.09 4.80
C GLU A 101 -14.30 -4.56 3.89
N ASN A 102 -14.12 -4.24 2.64
CA ASN A 102 -15.05 -4.65 1.61
C ASN A 102 -14.61 -5.94 0.98
N ASN A 103 -13.30 -6.14 0.90
CA ASN A 103 -12.70 -7.37 0.37
C ASN A 103 -13.49 -7.94 -0.80
N ARG A 104 -13.84 -7.07 -1.73
CA ARG A 104 -14.61 -7.42 -2.90
C ARG A 104 -14.47 -6.29 -3.91
N GLN A 105 -14.77 -5.09 -3.44
CA GLN A 105 -14.48 -3.88 -4.18
C GLN A 105 -12.99 -3.64 -4.13
N PHE A 106 -12.36 -3.49 -5.30
CA PHE A 106 -10.92 -3.35 -5.39
C PHE A 106 -10.25 -4.60 -4.85
N GLY A 107 -10.40 -5.70 -5.56
CA GLY A 107 -9.84 -6.95 -5.10
C GLY A 107 -9.57 -7.94 -6.21
N PHE A 108 -8.43 -8.61 -6.11
CA PHE A 108 -8.03 -9.63 -7.07
C PHE A 108 -7.58 -10.87 -6.31
N PHE A 109 -7.04 -11.84 -7.04
CA PHE A 109 -6.71 -13.12 -6.45
C PHE A 109 -5.43 -13.04 -5.63
N ARG A 110 -5.45 -13.70 -4.48
CA ARG A 110 -4.31 -13.72 -3.55
C ARG A 110 -3.22 -14.63 -4.11
N LEU A 111 -2.00 -14.45 -3.62
CA LEU A 111 -0.86 -15.20 -4.12
C LEU A 111 -0.97 -16.67 -3.74
N ASP A 112 -0.88 -17.53 -4.75
CA ASP A 112 -0.85 -18.96 -4.52
C ASP A 112 0.57 -19.37 -4.12
N PRO A 113 0.71 -20.35 -3.22
CA PRO A 113 2.03 -20.82 -2.75
C PRO A 113 2.82 -21.50 -3.86
N ARG A 114 3.42 -20.70 -4.73
CA ARG A 114 4.26 -21.20 -5.80
C ARG A 114 5.72 -21.09 -5.40
N MET A 1 -20.63 22.55 3.52
CA MET A 1 -19.78 23.76 3.51
C MET A 1 -19.10 23.89 2.15
N GLY A 2 -18.23 22.95 1.82
CA GLY A 2 -17.60 22.96 0.52
C GLY A 2 -16.52 24.02 0.39
N SER A 3 -15.59 24.01 1.34
CA SER A 3 -14.43 24.89 1.26
C SER A 3 -13.26 24.11 0.65
N SER A 4 -13.38 22.79 0.69
CA SER A 4 -12.37 21.92 0.13
C SER A 4 -12.56 21.74 -1.38
N HIS A 5 -12.19 22.78 -2.12
CA HIS A 5 -12.38 22.79 -3.57
C HIS A 5 -11.39 21.84 -4.26
N HIS A 6 -10.22 21.68 -3.65
CA HIS A 6 -9.20 20.81 -4.20
C HIS A 6 -9.67 19.36 -4.11
N HIS A 7 -10.16 18.99 -2.94
CA HIS A 7 -10.74 17.66 -2.72
C HIS A 7 -11.48 17.66 -1.40
N HIS A 8 -12.71 17.19 -1.41
CA HIS A 8 -13.55 17.21 -0.22
C HIS A 8 -13.01 16.27 0.87
N HIS A 9 -12.34 16.86 1.84
CA HIS A 9 -11.88 16.14 3.01
C HIS A 9 -11.92 17.07 4.22
N HIS A 10 -12.97 17.89 4.27
CA HIS A 10 -13.11 18.96 5.25
C HIS A 10 -12.12 20.09 4.93
N SER A 11 -12.21 21.17 5.67
CA SER A 11 -11.39 22.34 5.43
C SER A 11 -10.05 22.22 6.17
N SER A 12 -9.55 20.99 6.25
CA SER A 12 -8.28 20.72 6.91
C SER A 12 -7.12 20.99 5.95
N GLY A 13 -5.92 21.07 6.51
CA GLY A 13 -4.76 21.42 5.71
C GLY A 13 -3.98 20.20 5.26
N LEU A 14 -4.69 19.14 4.87
CA LEU A 14 -4.04 17.95 4.37
C LEU A 14 -3.61 18.17 2.91
N VAL A 15 -2.39 18.63 2.74
CA VAL A 15 -1.83 18.92 1.43
C VAL A 15 -0.31 19.05 1.51
N PRO A 16 0.42 18.16 0.82
CA PRO A 16 1.88 18.20 0.78
C PRO A 16 2.41 19.47 0.12
N ARG A 17 1.97 19.70 -1.12
CA ARG A 17 2.37 20.89 -1.89
C ARG A 17 3.89 20.99 -2.02
N GLY A 18 4.42 20.49 -3.12
CA GLY A 18 5.85 20.48 -3.32
C GLY A 18 6.39 19.06 -3.31
N SER A 19 5.63 18.17 -2.71
CA SER A 19 6.02 16.78 -2.62
C SER A 19 4.95 15.88 -3.25
N HIS A 20 5.34 15.10 -4.23
CA HIS A 20 4.43 14.17 -4.88
C HIS A 20 5.11 12.83 -5.11
N MET A 21 5.92 12.43 -4.14
CA MET A 21 6.61 11.14 -4.20
C MET A 21 5.63 10.02 -3.86
N GLY A 22 4.70 10.32 -2.97
CA GLY A 22 3.69 9.36 -2.59
C GLY A 22 3.32 9.46 -1.13
N ARG A 23 2.77 10.60 -0.73
CA ARG A 23 2.42 10.84 0.66
C ARG A 23 0.91 10.72 0.88
N MET A 24 0.13 10.93 -0.17
CA MET A 24 -1.31 10.92 -0.05
C MET A 24 -1.91 10.15 -1.20
N VAL A 25 -1.10 9.28 -1.72
CA VAL A 25 -1.52 8.38 -2.76
C VAL A 25 -1.77 7.00 -2.19
N ASN A 26 -2.79 6.33 -2.70
CA ASN A 26 -3.10 4.97 -2.28
C ASN A 26 -2.33 3.98 -3.13
N LEU A 27 -1.89 2.91 -2.49
CA LEU A 27 -1.07 1.92 -3.17
C LEU A 27 -1.97 1.00 -3.98
N GLU A 28 -1.88 1.12 -5.30
CA GLU A 28 -2.67 0.34 -6.22
C GLU A 28 -2.23 0.59 -7.67
N PRO A 29 -0.93 0.53 -7.96
CA PRO A 29 -0.41 0.79 -9.29
C PRO A 29 -0.33 -0.46 -10.14
N ASP A 30 0.08 -0.28 -11.39
CA ASP A 30 0.43 -1.39 -12.29
C ASP A 30 1.73 -2.06 -11.82
N MET A 31 2.07 -1.81 -10.56
CA MET A 31 3.35 -2.16 -9.96
C MET A 31 3.76 -3.58 -10.25
N THR A 32 5.03 -3.73 -10.54
CA THR A 32 5.63 -5.03 -10.74
C THR A 32 6.86 -5.15 -9.87
N ILE A 33 6.70 -5.83 -8.76
CA ILE A 33 7.76 -5.92 -7.80
C ILE A 33 7.98 -7.35 -7.34
N SER A 34 9.02 -7.49 -6.58
CA SER A 34 9.49 -8.79 -6.17
C SER A 34 9.41 -8.93 -4.64
N LYS A 35 9.70 -10.13 -4.15
CA LYS A 35 9.64 -10.41 -2.71
C LYS A 35 10.38 -9.36 -1.87
N ASN A 36 11.64 -9.12 -2.20
CA ASN A 36 12.45 -8.15 -1.49
C ASN A 36 12.18 -6.77 -2.02
N GLU A 37 11.57 -6.69 -3.19
CA GLU A 37 11.29 -5.42 -3.77
C GLU A 37 10.29 -4.69 -2.95
N MET A 38 9.51 -5.40 -2.20
CA MET A 38 8.56 -4.72 -1.38
C MET A 38 9.19 -4.34 -0.08
N VAL A 39 10.16 -5.13 0.33
CA VAL A 39 10.82 -4.96 1.60
C VAL A 39 11.52 -3.63 1.69
N LYS A 40 11.97 -3.19 0.56
CA LYS A 40 12.48 -1.86 0.42
C LYS A 40 11.33 -0.89 0.29
N LEU A 41 10.33 -1.25 -0.50
CA LEU A 41 9.25 -0.36 -0.81
C LEU A 41 8.49 0.10 0.35
N LEU A 42 8.26 -0.72 1.34
CA LEU A 42 7.56 -0.17 2.46
C LEU A 42 8.43 0.93 3.08
N GLU A 43 9.72 0.69 3.13
CA GLU A 43 10.66 1.64 3.67
C GLU A 43 10.77 2.81 2.73
N ALA A 44 10.55 2.46 1.50
CA ALA A 44 10.70 3.35 0.39
C ALA A 44 9.42 4.15 0.22
N THR A 45 8.40 3.78 0.98
CA THR A 45 7.10 4.40 0.91
C THR A 45 6.74 4.98 2.27
N GLN A 46 7.67 4.77 3.20
CA GLN A 46 7.58 5.19 4.59
C GLN A 46 6.57 4.37 5.38
N TYR A 47 6.80 3.08 5.39
CA TYR A 47 6.01 2.12 6.10
C TYR A 47 6.95 0.97 6.43
N ARG A 48 6.75 0.33 7.52
CA ARG A 48 7.65 -0.69 7.97
C ARG A 48 6.83 -1.78 8.62
N GLN A 49 7.38 -2.97 8.79
CA GLN A 49 6.63 -4.06 9.38
C GLN A 49 5.98 -3.67 10.66
N VAL A 50 4.83 -4.27 10.87
CA VAL A 50 4.03 -3.93 11.98
C VAL A 50 3.51 -5.15 12.71
N SER A 51 3.29 -4.99 14.00
CA SER A 51 2.68 -6.00 14.83
C SER A 51 1.28 -6.35 14.37
N LYS A 52 0.51 -5.31 14.17
CA LYS A 52 -0.87 -5.42 13.81
C LYS A 52 -1.28 -4.17 13.10
N MET A 53 -1.58 -4.32 11.85
CA MET A 53 -1.74 -3.20 11.01
C MET A 53 -3.06 -2.50 11.24
N THR A 54 -2.95 -1.43 11.97
CA THR A 54 -3.99 -0.44 11.96
C THR A 54 -3.42 0.85 12.45
N ARG A 55 -2.97 1.62 11.50
CA ARG A 55 -2.52 2.96 11.72
C ARG A 55 -2.75 3.72 10.44
N PRO A 56 -3.04 5.01 10.48
CA PRO A 56 -2.98 5.77 9.25
C PRO A 56 -1.53 5.93 8.83
N GLY A 57 -1.18 5.25 7.76
CA GLY A 57 0.14 5.42 7.18
C GLY A 57 1.20 4.45 7.72
N GLU A 58 0.77 3.39 8.41
CA GLU A 58 1.70 2.36 8.87
C GLU A 58 1.06 1.01 8.62
N PHE A 59 1.81 0.08 8.04
CA PHE A 59 1.17 -1.13 7.54
C PHE A 59 1.93 -2.35 8.01
N THR A 60 1.42 -3.54 7.71
CA THR A 60 2.09 -4.74 8.14
C THR A 60 2.73 -5.47 6.99
N VAL A 61 3.89 -5.99 7.27
CA VAL A 61 4.66 -6.74 6.32
C VAL A 61 4.56 -8.24 6.60
N GLN A 62 4.04 -8.99 5.64
CA GLN A 62 3.86 -10.42 5.82
C GLN A 62 4.95 -11.20 5.06
N ALA A 63 4.77 -11.36 3.76
CA ALA A 63 5.75 -12.09 2.93
C ALA A 63 5.46 -11.88 1.44
N ASN A 64 4.57 -12.70 0.89
CA ASN A 64 4.14 -12.55 -0.50
C ASN A 64 3.09 -11.49 -0.59
N SER A 65 2.70 -10.98 0.55
CA SER A 65 1.76 -9.90 0.57
C SER A 65 2.11 -8.92 1.70
N ILE A 66 1.82 -7.66 1.46
CA ILE A 66 1.84 -6.64 2.48
C ILE A 66 0.40 -6.28 2.81
N GLU A 67 0.19 -5.54 3.87
CA GLU A 67 -1.14 -5.06 4.14
C GLU A 67 -1.13 -3.56 4.34
N MET A 68 -1.68 -2.82 3.40
CA MET A 68 -1.53 -1.38 3.37
C MET A 68 -2.83 -0.66 3.71
N ILE A 69 -2.79 0.18 4.74
CA ILE A 69 -3.93 1.00 5.09
C ILE A 69 -4.18 2.07 4.03
N ARG A 70 -5.39 2.08 3.52
CA ARG A 70 -5.81 3.05 2.53
C ARG A 70 -6.29 4.31 3.26
N ARG A 71 -6.42 5.42 2.54
CA ARG A 71 -6.92 6.65 3.16
C ARG A 71 -8.34 6.42 3.66
N PRO A 72 -8.71 7.04 4.81
CA PRO A 72 -9.98 6.78 5.47
C PRO A 72 -11.19 7.03 4.57
N PHE A 73 -12.30 6.43 4.95
CA PHE A 73 -13.45 6.34 4.10
C PHE A 73 -14.65 7.02 4.71
N ASP A 74 -15.20 7.96 3.96
CA ASP A 74 -16.36 8.70 4.39
C ASP A 74 -17.43 8.70 3.32
N PHE A 75 -18.57 8.20 3.67
CA PHE A 75 -19.71 8.15 2.78
C PHE A 75 -20.87 8.89 3.36
N PRO A 76 -21.91 9.04 2.57
CA PRO A 76 -23.08 9.72 2.99
C PRO A 76 -23.86 8.88 3.93
N ASP A 77 -23.94 7.65 3.53
CA ASP A 77 -24.75 6.70 4.21
C ASP A 77 -23.95 6.01 5.27
N SER A 78 -22.69 6.36 5.31
CA SER A 78 -21.76 5.66 6.17
C SER A 78 -20.48 6.43 6.39
N LYS A 79 -20.03 6.48 7.61
CA LYS A 79 -18.81 7.20 7.94
C LYS A 79 -18.05 6.55 9.05
N GLU A 80 -16.75 6.56 8.89
CA GLU A 80 -15.86 5.88 9.79
C GLU A 80 -14.44 6.40 9.61
N GLY A 81 -13.49 5.65 10.09
CA GLY A 81 -12.11 6.09 10.07
C GLY A 81 -11.29 5.45 8.98
N GLN A 82 -10.12 4.96 9.36
CA GLN A 82 -9.17 4.39 8.43
C GLN A 82 -9.69 3.09 7.85
N VAL A 83 -9.12 2.73 6.72
CA VAL A 83 -9.41 1.48 6.04
C VAL A 83 -8.12 0.88 5.59
N ARG A 84 -8.06 -0.42 5.56
CA ARG A 84 -6.86 -1.06 5.12
C ARG A 84 -7.11 -2.08 4.07
N ALA A 85 -6.16 -2.16 3.18
CA ALA A 85 -6.20 -3.09 2.08
C ALA A 85 -5.11 -4.13 2.23
N ARG A 86 -5.24 -5.21 1.48
CA ARG A 86 -4.23 -6.25 1.48
C ARG A 86 -3.56 -6.24 0.15
N LEU A 87 -2.28 -6.03 0.21
CA LEU A 87 -1.53 -5.75 -0.95
C LEU A 87 -0.57 -6.90 -1.23
N THR A 88 -0.83 -7.61 -2.29
CA THR A 88 -0.15 -8.86 -2.53
C THR A 88 0.84 -8.76 -3.67
N PHE A 89 1.87 -9.58 -3.57
CA PHE A 89 2.93 -9.61 -4.54
C PHE A 89 3.02 -10.95 -5.27
N ASP A 90 2.52 -11.03 -6.48
CA ASP A 90 2.54 -12.29 -7.23
C ASP A 90 3.71 -12.34 -8.21
N GLY A 91 4.76 -13.02 -7.81
CA GLY A 91 5.88 -13.23 -8.71
C GLY A 91 6.92 -12.14 -8.63
N ASP A 92 7.13 -11.46 -9.76
CA ASP A 92 8.11 -10.41 -9.86
C ASP A 92 7.36 -9.13 -10.00
N HIS A 93 6.06 -9.25 -9.82
CA HIS A 93 5.17 -8.14 -9.95
C HIS A 93 4.11 -8.12 -8.87
N LEU A 94 3.53 -6.95 -8.68
CA LEU A 94 2.44 -6.79 -7.74
C LEU A 94 1.26 -7.60 -8.16
N ALA A 95 0.64 -8.20 -7.18
CA ALA A 95 -0.47 -9.05 -7.41
C ALA A 95 -1.78 -8.27 -7.35
N THR A 96 -1.93 -7.49 -6.30
CA THR A 96 -3.15 -6.77 -6.03
C THR A 96 -3.06 -6.01 -4.74
N ILE A 97 -4.12 -5.30 -4.47
CA ILE A 97 -4.34 -4.58 -3.25
C ILE A 97 -5.82 -4.56 -3.04
N VAL A 98 -6.28 -4.96 -1.88
CA VAL A 98 -7.70 -5.13 -1.67
C VAL A 98 -8.17 -4.51 -0.40
N ASN A 99 -9.13 -3.60 -0.49
CA ASN A 99 -9.76 -3.04 0.69
C ASN A 99 -10.42 -4.18 1.44
N MET A 100 -9.69 -4.62 2.43
CA MET A 100 -9.92 -5.84 3.18
C MET A 100 -11.29 -5.90 3.76
N GLU A 101 -11.83 -4.74 3.94
CA GLU A 101 -13.09 -4.60 4.57
C GLU A 101 -14.18 -5.15 3.71
N ASN A 102 -14.08 -4.86 2.45
CA ASN A 102 -15.03 -5.39 1.51
C ASN A 102 -14.44 -6.59 0.78
N ASN A 103 -13.11 -6.59 0.64
CA ASN A 103 -12.34 -7.69 0.08
C ASN A 103 -13.00 -8.42 -1.10
N ARG A 104 -13.75 -7.71 -1.91
CA ARG A 104 -14.39 -8.28 -3.10
C ARG A 104 -14.19 -7.35 -4.28
N GLN A 105 -14.72 -6.15 -4.17
CA GLN A 105 -14.42 -5.10 -5.11
C GLN A 105 -13.05 -4.54 -4.76
N PHE A 106 -12.32 -4.06 -5.76
CA PHE A 106 -10.93 -3.68 -5.58
C PHE A 106 -10.14 -4.93 -5.21
N GLY A 107 -10.46 -6.02 -5.90
CA GLY A 107 -9.88 -7.31 -5.56
C GLY A 107 -9.39 -8.05 -6.77
N PHE A 108 -8.17 -8.56 -6.68
CA PHE A 108 -7.57 -9.35 -7.74
C PHE A 108 -6.98 -10.63 -7.14
N PHE A 109 -6.28 -11.40 -7.96
CA PHE A 109 -5.87 -12.74 -7.54
C PHE A 109 -4.67 -12.69 -6.59
N ARG A 110 -4.41 -13.84 -5.98
CA ARG A 110 -3.40 -13.96 -4.92
C ARG A 110 -2.53 -15.19 -5.17
N LEU A 111 -1.39 -15.25 -4.48
CA LEU A 111 -0.39 -16.28 -4.72
C LEU A 111 -0.87 -17.66 -4.31
N ASP A 112 -0.18 -18.67 -4.82
CA ASP A 112 -0.54 -20.07 -4.61
C ASP A 112 -1.98 -20.34 -5.07
N PRO A 113 -2.22 -20.24 -6.39
CA PRO A 113 -3.54 -20.45 -6.96
C PRO A 113 -3.71 -21.88 -7.48
N ARG A 114 -2.70 -22.71 -7.29
CA ARG A 114 -2.72 -24.06 -7.79
C ARG A 114 -2.51 -25.05 -6.64
N MET A 1 19.24 3.88 37.76
CA MET A 1 19.32 2.86 36.68
C MET A 1 17.95 2.60 36.08
N GLY A 2 17.10 1.89 36.81
CA GLY A 2 15.79 1.54 36.29
C GLY A 2 14.77 2.64 36.49
N SER A 3 14.91 3.39 37.57
CA SER A 3 13.98 4.46 37.89
C SER A 3 14.46 5.79 37.31
N SER A 4 15.10 5.72 36.16
CA SER A 4 15.66 6.91 35.53
C SER A 4 14.60 7.62 34.68
N HIS A 5 14.25 7.01 33.55
CA HIS A 5 13.31 7.60 32.60
C HIS A 5 13.78 8.98 32.12
N HIS A 6 13.25 10.04 32.74
CA HIS A 6 13.59 11.42 32.39
C HIS A 6 13.08 11.77 30.98
N HIS A 7 12.62 13.00 30.82
CA HIS A 7 12.09 13.45 29.53
C HIS A 7 13.22 13.86 28.60
N HIS A 8 13.43 13.09 27.56
CA HIS A 8 14.42 13.39 26.53
C HIS A 8 13.77 13.40 25.16
N HIS A 9 14.57 13.63 24.14
CA HIS A 9 14.07 13.68 22.78
C HIS A 9 15.06 13.04 21.82
N HIS A 10 15.01 11.72 21.73
CA HIS A 10 15.83 10.97 20.78
C HIS A 10 14.96 10.01 19.99
N SER A 11 14.27 9.14 20.71
CA SER A 11 13.33 8.23 20.10
C SER A 11 11.94 8.48 20.70
N SER A 12 11.49 9.71 20.56
CA SER A 12 10.21 10.13 21.13
C SER A 12 9.08 9.89 20.12
N GLY A 13 9.44 9.43 18.93
CA GLY A 13 8.45 9.07 17.93
C GLY A 13 7.94 10.25 17.15
N LEU A 14 6.64 10.25 16.87
CA LEU A 14 6.02 11.29 16.07
C LEU A 14 5.70 12.53 16.91
N VAL A 15 6.74 13.22 17.33
CA VAL A 15 6.59 14.46 18.10
C VAL A 15 6.02 15.59 17.22
N PRO A 16 6.62 15.85 16.03
CA PRO A 16 6.09 16.86 15.10
C PRO A 16 4.85 16.36 14.37
N ARG A 17 3.82 16.04 15.13
CA ARG A 17 2.58 15.49 14.59
C ARG A 17 1.91 16.50 13.66
N GLY A 18 1.73 16.10 12.41
CA GLY A 18 1.05 16.95 11.45
C GLY A 18 0.35 16.13 10.38
N SER A 19 -0.96 16.22 10.34
CA SER A 19 -1.75 15.47 9.39
C SER A 19 -2.39 16.40 8.36
N HIS A 20 -1.65 17.44 7.99
CA HIS A 20 -2.11 18.38 6.99
C HIS A 20 -1.68 17.92 5.61
N MET A 21 -0.42 17.53 5.53
CA MET A 21 0.16 17.07 4.28
C MET A 21 0.81 15.71 4.48
N GLY A 22 1.10 15.03 3.38
CA GLY A 22 1.75 13.74 3.47
C GLY A 22 0.87 12.60 2.98
N ARG A 23 -0.43 12.85 2.92
CA ARG A 23 -1.35 11.81 2.48
C ARG A 23 -1.46 11.79 0.96
N MET A 24 -0.30 11.71 0.30
CA MET A 24 -0.25 11.62 -1.14
C MET A 24 0.66 10.49 -1.53
N VAL A 25 0.84 9.62 -0.58
CA VAL A 25 1.59 8.40 -0.79
C VAL A 25 0.70 7.20 -0.45
N ASN A 26 0.35 6.44 -1.47
CA ASN A 26 -0.63 5.37 -1.30
C ASN A 26 -0.28 4.17 -2.17
N LEU A 27 -0.36 2.98 -1.59
CA LEU A 27 -0.13 1.74 -2.34
C LEU A 27 -1.27 1.57 -3.33
N GLU A 28 -0.96 1.18 -4.55
CA GLU A 28 -1.93 1.24 -5.62
C GLU A 28 -1.94 -0.06 -6.42
N PRO A 29 -2.79 -0.15 -7.46
CA PRO A 29 -2.83 -1.24 -8.44
C PRO A 29 -1.46 -1.74 -8.91
N ASP A 30 -1.52 -2.68 -9.86
CA ASP A 30 -0.52 -3.72 -10.23
C ASP A 30 0.97 -3.33 -10.34
N MET A 31 1.44 -2.37 -9.56
CA MET A 31 2.87 -2.01 -9.49
C MET A 31 3.74 -3.25 -9.50
N THR A 32 4.43 -3.43 -10.60
CA THR A 32 5.19 -4.63 -10.81
C THR A 32 6.43 -4.62 -9.96
N ILE A 33 6.38 -5.41 -8.91
CA ILE A 33 7.44 -5.51 -7.96
C ILE A 33 7.65 -6.96 -7.57
N SER A 34 8.68 -7.17 -6.83
CA SER A 34 9.11 -8.51 -6.48
C SER A 34 9.17 -8.67 -4.97
N LYS A 35 9.46 -9.87 -4.51
CA LYS A 35 9.41 -10.17 -3.08
C LYS A 35 10.31 -9.22 -2.27
N ASN A 36 11.52 -8.96 -2.74
CA ASN A 36 12.40 -8.02 -2.06
C ASN A 36 12.08 -6.62 -2.48
N GLU A 37 11.38 -6.47 -3.60
CA GLU A 37 11.06 -5.17 -4.08
C GLU A 37 10.12 -4.50 -3.15
N MET A 38 9.40 -5.26 -2.41
CA MET A 38 8.51 -4.65 -1.46
C MET A 38 9.25 -4.37 -0.18
N VAL A 39 10.26 -5.17 0.06
CA VAL A 39 11.03 -5.08 1.27
C VAL A 39 11.74 -3.75 1.39
N LYS A 40 12.09 -3.22 0.27
CA LYS A 40 12.57 -1.87 0.20
C LYS A 40 11.42 -0.89 0.24
N LEU A 41 10.33 -1.23 -0.46
CA LEU A 41 9.22 -0.34 -0.61
C LEU A 41 8.58 0.05 0.66
N LEU A 42 8.45 -0.81 1.63
CA LEU A 42 7.90 -0.30 2.86
C LEU A 42 8.85 0.76 3.43
N GLU A 43 10.14 0.49 3.34
CA GLU A 43 11.16 1.40 3.80
C GLU A 43 11.08 2.66 2.95
N ALA A 44 10.64 2.42 1.73
CA ALA A 44 10.67 3.37 0.67
C ALA A 44 9.35 4.14 0.58
N THR A 45 8.37 3.70 1.38
CA THR A 45 7.04 4.23 1.30
C THR A 45 6.63 4.79 2.65
N GLN A 46 7.55 4.63 3.61
CA GLN A 46 7.37 5.03 4.99
C GLN A 46 6.44 4.09 5.75
N TYR A 47 6.76 2.81 5.68
CA TYR A 47 6.01 1.78 6.32
C TYR A 47 6.96 0.69 6.72
N ARG A 48 6.71 0.11 7.84
CA ARG A 48 7.58 -0.88 8.38
C ARG A 48 6.74 -1.88 9.14
N GLN A 49 7.29 -3.06 9.44
CA GLN A 49 6.54 -4.09 10.12
C GLN A 49 5.77 -3.59 11.30
N VAL A 50 4.62 -4.19 11.47
CA VAL A 50 3.72 -3.72 12.45
C VAL A 50 3.08 -4.86 13.25
N SER A 51 2.74 -4.55 14.49
CA SER A 51 1.99 -5.44 15.34
C SER A 51 0.65 -5.79 14.75
N LYS A 52 -0.05 -4.76 14.37
CA LYS A 52 -1.37 -4.86 13.83
C LYS A 52 -1.67 -3.63 13.02
N MET A 53 -1.88 -3.85 11.76
CA MET A 53 -1.91 -2.78 10.83
C MET A 53 -3.23 -2.03 10.88
N THR A 54 -3.19 -0.92 11.55
CA THR A 54 -4.22 0.08 11.39
C THR A 54 -3.69 1.41 11.87
N ARG A 55 -3.19 2.17 10.92
CA ARG A 55 -2.79 3.54 11.11
C ARG A 55 -2.94 4.25 9.79
N PRO A 56 -2.80 5.56 9.72
CA PRO A 56 -2.60 6.17 8.43
C PRO A 56 -1.15 6.05 8.01
N GLY A 57 -0.90 5.25 6.99
CA GLY A 57 0.42 5.19 6.39
C GLY A 57 1.34 4.13 6.99
N GLU A 58 0.88 3.38 7.99
CA GLU A 58 1.75 2.35 8.60
C GLU A 58 1.10 1.00 8.43
N PHE A 59 1.89 0.02 7.98
CA PHE A 59 1.30 -1.22 7.51
C PHE A 59 1.98 -2.41 8.16
N THR A 60 1.50 -3.60 7.89
CA THR A 60 2.08 -4.79 8.46
C THR A 60 2.72 -5.57 7.36
N VAL A 61 3.87 -6.11 7.64
CA VAL A 61 4.66 -6.74 6.59
C VAL A 61 4.77 -8.26 6.77
N GLN A 62 4.99 -8.96 5.65
CA GLN A 62 5.12 -10.42 5.68
C GLN A 62 6.12 -10.90 4.61
N ALA A 63 5.63 -11.30 3.43
CA ALA A 63 6.52 -11.79 2.37
C ALA A 63 5.91 -11.60 0.97
N ASN A 64 5.09 -12.56 0.52
CA ASN A 64 4.43 -12.45 -0.78
C ASN A 64 3.18 -11.63 -0.64
N SER A 65 2.83 -11.34 0.58
CA SER A 65 1.70 -10.50 0.83
C SER A 65 1.99 -9.53 1.97
N ILE A 66 1.92 -8.26 1.66
CA ILE A 66 2.00 -7.22 2.67
C ILE A 66 0.58 -6.81 3.03
N GLU A 67 0.41 -5.98 4.04
CA GLU A 67 -0.85 -5.32 4.20
C GLU A 67 -0.59 -3.83 4.10
N MET A 68 -1.55 -3.06 3.65
CA MET A 68 -1.31 -1.64 3.51
C MET A 68 -2.59 -0.84 3.76
N ILE A 69 -2.52 0.15 4.63
CA ILE A 69 -3.62 1.08 4.81
C ILE A 69 -3.73 2.00 3.60
N ARG A 70 -4.93 2.09 3.07
CA ARG A 70 -5.19 2.92 1.90
C ARG A 70 -5.67 4.30 2.34
N ARG A 71 -5.70 5.24 1.40
CA ARG A 71 -6.28 6.56 1.62
C ARG A 71 -7.61 6.43 2.36
N PRO A 72 -7.82 7.26 3.41
CA PRO A 72 -9.06 7.27 4.17
C PRO A 72 -10.29 7.34 3.29
N PHE A 73 -11.38 6.83 3.82
CA PHE A 73 -12.56 6.61 3.04
C PHE A 73 -13.64 7.61 3.40
N ASP A 74 -14.01 8.38 2.41
CA ASP A 74 -15.02 9.39 2.59
C ASP A 74 -16.07 9.28 1.50
N PHE A 75 -17.28 9.04 1.92
CA PHE A 75 -18.38 8.92 1.02
C PHE A 75 -19.44 9.93 1.36
N PRO A 76 -20.41 10.04 0.50
CA PRO A 76 -21.48 10.95 0.67
C PRO A 76 -22.40 10.48 1.72
N ASP A 77 -22.64 9.20 1.64
CA ASP A 77 -23.58 8.54 2.46
C ASP A 77 -22.91 8.07 3.72
N SER A 78 -21.63 8.22 3.74
CA SER A 78 -20.82 7.62 4.78
C SER A 78 -19.44 8.21 4.87
N LYS A 79 -18.99 8.47 6.07
CA LYS A 79 -17.66 9.04 6.27
C LYS A 79 -17.03 8.53 7.52
N GLU A 80 -15.72 8.38 7.46
CA GLU A 80 -14.96 7.80 8.54
C GLU A 80 -13.47 8.02 8.32
N GLY A 81 -12.67 7.25 9.00
CA GLY A 81 -11.23 7.45 8.96
C GLY A 81 -10.53 6.58 7.94
N GLN A 82 -9.55 5.82 8.40
CA GLN A 82 -8.66 5.08 7.52
C GLN A 82 -9.31 3.77 7.07
N VAL A 83 -8.76 3.23 6.01
CA VAL A 83 -9.09 1.91 5.52
C VAL A 83 -7.83 1.20 5.17
N ARG A 84 -7.81 -0.08 5.35
CA ARG A 84 -6.64 -0.82 4.99
C ARG A 84 -6.96 -1.94 4.03
N ALA A 85 -6.02 -2.13 3.16
CA ALA A 85 -6.09 -3.16 2.16
C ALA A 85 -4.98 -4.16 2.38
N ARG A 86 -5.09 -5.28 1.72
CA ARG A 86 -4.06 -6.29 1.83
C ARG A 86 -3.29 -6.36 0.54
N LEU A 87 -2.00 -6.23 0.69
CA LEU A 87 -1.11 -6.23 -0.43
C LEU A 87 -0.76 -7.65 -0.82
N THR A 88 -0.45 -7.85 -2.07
CA THR A 88 0.06 -9.12 -2.51
C THR A 88 0.95 -8.96 -3.71
N PHE A 89 2.00 -9.77 -3.74
CA PHE A 89 2.97 -9.72 -4.79
C PHE A 89 3.03 -11.01 -5.59
N ASP A 90 2.61 -10.94 -6.85
CA ASP A 90 2.60 -12.11 -7.74
C ASP A 90 3.81 -12.11 -8.66
N GLY A 91 4.85 -12.82 -8.25
CA GLY A 91 6.02 -12.97 -9.12
C GLY A 91 7.00 -11.83 -9.02
N ASP A 92 7.13 -11.10 -10.10
CA ASP A 92 8.04 -9.97 -10.16
C ASP A 92 7.20 -8.74 -10.24
N HIS A 93 5.92 -8.95 -10.06
CA HIS A 93 4.96 -7.88 -10.12
C HIS A 93 3.94 -8.00 -9.03
N LEU A 94 3.28 -6.89 -8.76
CA LEU A 94 2.21 -6.85 -7.78
C LEU A 94 1.08 -7.75 -8.18
N ALA A 95 0.49 -8.36 -7.18
CA ALA A 95 -0.58 -9.27 -7.38
C ALA A 95 -1.93 -8.57 -7.26
N THR A 96 -2.08 -7.86 -6.16
CA THR A 96 -3.32 -7.19 -5.85
C THR A 96 -3.21 -6.42 -4.55
N ILE A 97 -4.29 -5.73 -4.27
CA ILE A 97 -4.46 -4.97 -3.08
C ILE A 97 -5.94 -4.90 -2.84
N VAL A 98 -6.36 -5.28 -1.67
CA VAL A 98 -7.78 -5.39 -1.41
C VAL A 98 -8.17 -4.65 -0.17
N ASN A 99 -9.05 -3.67 -0.31
CA ASN A 99 -9.62 -3.01 0.86
C ASN A 99 -10.35 -4.05 1.65
N MET A 100 -9.62 -4.53 2.64
CA MET A 100 -9.95 -5.69 3.44
C MET A 100 -11.31 -5.61 4.03
N GLU A 101 -11.75 -4.40 4.17
CA GLU A 101 -12.99 -4.13 4.78
C GLU A 101 -14.13 -4.61 3.92
N ASN A 102 -14.00 -4.32 2.65
CA ASN A 102 -15.00 -4.70 1.69
C ASN A 102 -14.60 -5.96 0.95
N ASN A 103 -13.29 -6.19 0.83
CA ASN A 103 -12.72 -7.41 0.27
C ASN A 103 -13.51 -8.03 -0.90
N ARG A 104 -14.04 -7.18 -1.78
CA ARG A 104 -14.83 -7.68 -2.90
C ARG A 104 -14.77 -6.70 -4.08
N GLN A 105 -15.14 -5.45 -3.82
CA GLN A 105 -15.12 -4.42 -4.85
C GLN A 105 -13.72 -3.81 -4.96
N PHE A 106 -12.71 -4.66 -4.90
CA PHE A 106 -11.32 -4.25 -4.96
C PHE A 106 -10.42 -5.47 -4.79
N GLY A 107 -10.79 -6.56 -5.43
CA GLY A 107 -10.11 -7.83 -5.17
C GLY A 107 -9.62 -8.53 -6.42
N PHE A 108 -8.44 -9.10 -6.30
CA PHE A 108 -7.84 -9.92 -7.35
C PHE A 108 -7.29 -11.20 -6.74
N PHE A 109 -6.55 -11.98 -7.52
CA PHE A 109 -6.13 -13.31 -7.08
C PHE A 109 -4.99 -13.22 -6.06
N ARG A 110 -4.78 -14.31 -5.35
CA ARG A 110 -3.83 -14.36 -4.25
C ARG A 110 -2.65 -15.27 -4.58
N LEU A 111 -1.55 -15.07 -3.86
CA LEU A 111 -0.33 -15.85 -4.06
C LEU A 111 -0.45 -17.23 -3.46
N ASP A 112 -0.01 -18.24 -4.21
CA ASP A 112 0.03 -19.60 -3.69
C ASP A 112 1.33 -20.29 -4.14
N PRO A 113 2.45 -19.95 -3.49
CA PRO A 113 3.77 -20.49 -3.85
C PRO A 113 3.83 -22.00 -3.69
N ARG A 114 3.70 -22.47 -2.46
CA ARG A 114 3.74 -23.90 -2.18
C ARG A 114 2.47 -24.31 -1.45
N MET A 1 6.60 23.89 2.31
CA MET A 1 6.13 22.92 3.32
C MET A 1 6.33 23.47 4.73
N GLY A 2 7.57 23.82 5.05
CA GLY A 2 7.87 24.40 6.33
C GLY A 2 9.31 24.19 6.73
N SER A 3 9.91 25.21 7.32
CA SER A 3 11.28 25.12 7.82
C SER A 3 11.30 24.21 9.04
N SER A 4 12.07 23.13 8.95
CA SER A 4 12.10 22.08 9.96
C SER A 4 10.78 21.30 9.97
N HIS A 5 10.85 20.03 10.36
CA HIS A 5 9.69 19.15 10.28
C HIS A 5 8.79 19.27 11.51
N HIS A 6 9.13 20.22 12.38
CA HIS A 6 8.35 20.50 13.60
C HIS A 6 8.38 19.31 14.54
N HIS A 7 9.54 19.11 15.19
CA HIS A 7 9.71 17.99 16.10
C HIS A 7 8.80 18.12 17.32
N HIS A 8 8.15 17.03 17.66
CA HIS A 8 7.30 16.98 18.85
C HIS A 8 7.53 15.67 19.59
N HIS A 9 6.91 15.52 20.76
CA HIS A 9 7.20 14.39 21.63
C HIS A 9 6.92 13.05 20.94
N HIS A 10 5.84 12.96 20.21
CA HIS A 10 5.45 11.71 19.58
C HIS A 10 5.61 11.79 18.07
N SER A 11 5.96 10.65 17.45
CA SER A 11 6.03 10.51 16.00
C SER A 11 7.16 11.35 15.37
N SER A 12 8.11 11.77 16.19
CA SER A 12 9.26 12.50 15.70
C SER A 12 10.40 12.45 16.70
N GLY A 13 11.55 11.95 16.24
CA GLY A 13 12.68 11.79 17.12
C GLY A 13 13.31 10.42 16.97
N LEU A 14 12.54 9.50 16.43
CA LEU A 14 13.04 8.15 16.15
C LEU A 14 13.99 8.20 14.97
N VAL A 15 13.54 8.82 13.89
CA VAL A 15 14.37 9.02 12.72
C VAL A 15 14.52 10.52 12.44
N PRO A 16 15.66 11.10 12.83
CA PRO A 16 15.94 12.52 12.57
C PRO A 16 16.43 12.75 11.16
N ARG A 17 15.69 12.21 10.19
CA ARG A 17 16.05 12.32 8.79
C ARG A 17 15.92 13.76 8.30
N GLY A 18 17.05 14.36 7.97
CA GLY A 18 17.04 15.67 7.36
C GLY A 18 16.93 15.58 5.86
N SER A 19 17.78 16.33 5.15
CA SER A 19 17.82 16.30 3.69
C SER A 19 16.57 16.94 3.10
N HIS A 20 16.67 17.35 1.83
CA HIS A 20 15.55 17.96 1.15
C HIS A 20 14.80 16.92 0.32
N MET A 21 15.22 15.66 0.46
CA MET A 21 14.58 14.57 -0.25
C MET A 21 13.18 14.33 0.27
N GLY A 22 12.32 13.85 -0.62
CA GLY A 22 10.96 13.54 -0.22
C GLY A 22 10.38 12.45 -1.08
N ARG A 23 9.77 11.46 -0.45
CA ARG A 23 9.16 10.36 -1.17
C ARG A 23 7.89 10.81 -1.87
N MET A 24 7.68 10.34 -3.08
CA MET A 24 6.52 10.71 -3.86
C MET A 24 5.96 9.48 -4.52
N VAL A 25 6.27 8.38 -3.90
CA VAL A 25 5.77 7.10 -4.34
C VAL A 25 4.81 6.53 -3.31
N ASN A 26 3.63 6.15 -3.78
CA ASN A 26 2.61 5.58 -2.91
C ASN A 26 2.30 4.15 -3.36
N LEU A 27 2.09 3.27 -2.41
CA LEU A 27 1.71 1.91 -2.72
C LEU A 27 0.29 1.90 -3.24
N GLU A 28 0.04 1.11 -4.28
CA GLU A 28 -1.21 1.16 -5.00
C GLU A 28 -1.32 -0.05 -5.94
N PRO A 29 -2.34 -0.09 -6.84
CA PRO A 29 -2.48 -1.09 -7.92
C PRO A 29 -1.19 -1.50 -8.64
N ASP A 30 -1.37 -2.35 -9.66
CA ASP A 30 -0.45 -3.42 -10.16
C ASP A 30 1.07 -3.13 -10.30
N MET A 31 1.62 -2.24 -9.49
CA MET A 31 3.07 -2.00 -9.44
C MET A 31 3.87 -3.28 -9.48
N THR A 32 4.57 -3.48 -10.56
CA THR A 32 5.30 -4.72 -10.74
C THR A 32 6.53 -4.75 -9.86
N ILE A 33 6.44 -5.56 -8.82
CA ILE A 33 7.49 -5.68 -7.85
C ILE A 33 7.71 -7.11 -7.45
N SER A 34 8.73 -7.31 -6.69
CA SER A 34 9.14 -8.64 -6.31
C SER A 34 9.13 -8.79 -4.80
N LYS A 35 9.38 -9.98 -4.31
CA LYS A 35 9.29 -10.26 -2.88
C LYS A 35 10.18 -9.30 -2.05
N ASN A 36 11.40 -9.08 -2.52
CA ASN A 36 12.29 -8.15 -1.85
C ASN A 36 12.01 -6.74 -2.29
N GLU A 37 11.33 -6.59 -3.42
CA GLU A 37 11.06 -5.29 -3.93
C GLU A 37 10.12 -4.57 -3.03
N MET A 38 9.36 -5.29 -2.30
CA MET A 38 8.47 -4.64 -1.39
C MET A 38 9.19 -4.34 -0.11
N VAL A 39 10.19 -5.15 0.16
CA VAL A 39 10.96 -5.05 1.38
C VAL A 39 11.68 -3.74 1.48
N LYS A 40 12.07 -3.24 0.35
CA LYS A 40 12.59 -1.90 0.26
C LYS A 40 11.46 -0.89 0.26
N LEU A 41 10.37 -1.23 -0.43
CA LEU A 41 9.26 -0.32 -0.60
C LEU A 41 8.62 0.10 0.65
N LEU A 42 8.47 -0.74 1.65
CA LEU A 42 7.91 -0.20 2.85
C LEU A 42 8.86 0.85 3.42
N GLU A 43 10.13 0.56 3.33
CA GLU A 43 11.16 1.47 3.78
C GLU A 43 11.11 2.71 2.91
N ALA A 44 10.69 2.45 1.69
CA ALA A 44 10.74 3.39 0.61
C ALA A 44 9.44 4.18 0.51
N THR A 45 8.45 3.77 1.30
CA THR A 45 7.13 4.33 1.21
C THR A 45 6.73 4.90 2.57
N GLN A 46 7.66 4.72 3.50
CA GLN A 46 7.52 5.14 4.90
C GLN A 46 6.51 4.25 5.64
N TYR A 47 6.80 2.97 5.65
CA TYR A 47 6.01 1.98 6.33
C TYR A 47 6.96 0.88 6.74
N ARG A 48 6.71 0.28 7.86
CA ARG A 48 7.57 -0.78 8.32
C ARG A 48 6.74 -1.80 9.05
N GLN A 49 7.29 -2.99 9.28
CA GLN A 49 6.55 -4.07 9.91
C GLN A 49 5.77 -3.63 11.10
N VAL A 50 4.62 -4.26 11.23
CA VAL A 50 3.71 -3.87 12.24
C VAL A 50 3.04 -5.08 12.89
N SER A 51 2.70 -4.88 14.14
CA SER A 51 1.97 -5.84 14.91
C SER A 51 0.59 -6.09 14.35
N LYS A 52 -0.07 -5.00 14.09
CA LYS A 52 -1.41 -5.03 13.59
C LYS A 52 -1.68 -3.75 12.85
N MET A 53 -1.86 -3.89 11.58
CA MET A 53 -1.84 -2.76 10.72
C MET A 53 -3.15 -2.00 10.78
N THR A 54 -3.10 -0.94 11.53
CA THR A 54 -4.10 0.07 11.46
C THR A 54 -3.50 1.35 11.98
N ARG A 55 -3.02 2.12 11.04
CA ARG A 55 -2.52 3.45 11.25
C ARG A 55 -2.73 4.23 9.98
N PRO A 56 -2.49 5.53 9.95
CA PRO A 56 -2.35 6.20 8.69
C PRO A 56 -0.92 6.02 8.16
N GLY A 57 -0.78 5.26 7.08
CA GLY A 57 0.49 5.17 6.39
C GLY A 57 1.46 4.14 6.97
N GLU A 58 1.03 3.36 7.96
CA GLU A 58 1.89 2.33 8.55
C GLU A 58 1.24 0.99 8.35
N PHE A 59 2.00 0.02 7.89
CA PHE A 59 1.38 -1.21 7.39
C PHE A 59 2.02 -2.42 8.04
N THR A 60 1.48 -3.58 7.79
CA THR A 60 2.05 -4.78 8.34
C THR A 60 2.73 -5.54 7.22
N VAL A 61 3.86 -6.10 7.52
CA VAL A 61 4.64 -6.73 6.49
C VAL A 61 4.75 -8.25 6.69
N GLN A 62 4.44 -9.01 5.64
CA GLN A 62 4.45 -10.46 5.73
C GLN A 62 5.50 -11.09 4.81
N ALA A 63 5.14 -11.36 3.55
CA ALA A 63 6.06 -12.02 2.62
C ALA A 63 5.64 -11.81 1.16
N ASN A 64 4.75 -12.66 0.66
CA ASN A 64 4.25 -12.53 -0.71
C ASN A 64 3.16 -11.51 -0.74
N SER A 65 2.76 -11.09 0.42
CA SER A 65 1.77 -10.06 0.54
C SER A 65 2.12 -9.14 1.68
N ILE A 66 1.84 -7.87 1.50
CA ILE A 66 1.90 -6.90 2.56
C ILE A 66 0.47 -6.50 2.91
N GLU A 67 0.28 -5.83 4.01
CA GLU A 67 -1.03 -5.30 4.29
C GLU A 67 -0.97 -3.80 4.49
N MET A 68 -1.52 -3.05 3.55
CA MET A 68 -1.32 -1.61 3.52
C MET A 68 -2.63 -0.89 3.77
N ILE A 69 -2.60 0.07 4.69
CA ILE A 69 -3.74 0.94 4.89
C ILE A 69 -3.99 1.76 3.64
N ARG A 70 -5.24 1.84 3.22
CA ARG A 70 -5.58 2.58 2.01
C ARG A 70 -5.84 4.04 2.39
N ARG A 71 -5.65 4.94 1.43
CA ARG A 71 -5.92 6.35 1.65
C ARG A 71 -7.37 6.54 2.08
N PRO A 72 -7.57 6.94 3.34
CA PRO A 72 -8.89 7.00 3.98
C PRO A 72 -9.79 8.10 3.44
N PHE A 73 -11.00 8.15 4.00
CA PHE A 73 -12.04 9.08 3.58
C PHE A 73 -11.57 10.52 3.65
N ASP A 74 -12.01 11.30 2.68
CA ASP A 74 -11.53 12.64 2.52
C ASP A 74 -12.68 13.63 2.55
N PHE A 75 -12.50 14.69 3.32
CA PHE A 75 -13.39 15.80 3.29
C PHE A 75 -12.68 17.05 2.88
N PRO A 76 -13.45 18.09 2.64
CA PRO A 76 -12.91 19.34 2.25
C PRO A 76 -12.40 20.11 3.41
N ASP A 77 -13.18 20.05 4.45
CA ASP A 77 -12.93 20.83 5.62
C ASP A 77 -12.15 20.00 6.60
N SER A 78 -12.00 18.75 6.24
CA SER A 78 -11.44 17.78 7.15
C SER A 78 -11.05 16.52 6.42
N LYS A 79 -10.31 15.62 7.06
CA LYS A 79 -9.98 14.32 6.48
C LYS A 79 -9.80 13.30 7.55
N GLU A 80 -10.28 12.11 7.29
CA GLU A 80 -10.42 11.13 8.34
C GLU A 80 -10.64 9.73 7.80
N GLY A 81 -11.14 8.86 8.66
CA GLY A 81 -11.42 7.49 8.28
C GLY A 81 -10.21 6.61 8.40
N GLN A 82 -10.43 5.31 8.42
CA GLN A 82 -9.35 4.35 8.46
C GLN A 82 -9.75 3.05 7.77
N VAL A 83 -9.16 2.79 6.62
CA VAL A 83 -9.34 1.53 5.94
C VAL A 83 -8.03 0.98 5.51
N ARG A 84 -7.90 -0.32 5.60
CA ARG A 84 -6.70 -0.98 5.20
C ARG A 84 -6.96 -2.10 4.25
N ALA A 85 -6.04 -2.24 3.34
CA ALA A 85 -6.13 -3.23 2.29
C ALA A 85 -5.01 -4.25 2.44
N ARG A 86 -5.13 -5.33 1.71
CA ARG A 86 -4.11 -6.37 1.73
C ARG A 86 -3.50 -6.43 0.37
N LEU A 87 -2.23 -6.22 0.36
CA LEU A 87 -1.52 -5.92 -0.83
C LEU A 87 -0.56 -7.05 -1.17
N THR A 88 -0.83 -7.71 -2.26
CA THR A 88 -0.11 -8.93 -2.59
C THR A 88 0.76 -8.74 -3.80
N PHE A 89 1.88 -9.44 -3.80
CA PHE A 89 2.81 -9.40 -4.90
C PHE A 89 2.99 -10.77 -5.54
N ASP A 90 2.62 -10.87 -6.81
CA ASP A 90 2.71 -12.12 -7.56
C ASP A 90 3.96 -12.17 -8.41
N GLY A 91 4.99 -12.85 -7.93
CA GLY A 91 6.17 -13.05 -8.74
C GLY A 91 7.13 -11.90 -8.72
N ASP A 92 7.25 -11.23 -9.85
CA ASP A 92 8.16 -10.11 -10.01
C ASP A 92 7.34 -8.89 -10.13
N HIS A 93 6.04 -9.07 -9.94
CA HIS A 93 5.09 -8.00 -10.05
C HIS A 93 4.00 -8.07 -9.00
N LEU A 94 3.34 -6.95 -8.77
CA LEU A 94 2.21 -6.89 -7.84
C LEU A 94 1.11 -7.80 -8.26
N ALA A 95 0.46 -8.35 -7.26
CA ALA A 95 -0.64 -9.24 -7.48
C ALA A 95 -1.96 -8.51 -7.36
N THR A 96 -2.10 -7.77 -6.26
CA THR A 96 -3.34 -7.09 -5.95
C THR A 96 -3.21 -6.30 -4.66
N ILE A 97 -4.28 -5.61 -4.34
CA ILE A 97 -4.43 -4.86 -3.12
C ILE A 97 -5.91 -4.82 -2.82
N VAL A 98 -6.30 -5.28 -1.65
CA VAL A 98 -7.71 -5.46 -1.36
C VAL A 98 -8.13 -4.80 -0.08
N ASN A 99 -9.11 -3.92 -0.16
CA ASN A 99 -9.69 -3.34 1.04
C ASN A 99 -10.26 -4.47 1.86
N MET A 100 -9.49 -4.81 2.87
CA MET A 100 -9.68 -5.98 3.69
C MET A 100 -10.98 -6.00 4.39
N GLU A 101 -11.61 -4.87 4.40
CA GLU A 101 -12.85 -4.72 5.03
C GLU A 101 -13.94 -5.39 4.25
N ASN A 102 -13.93 -5.15 2.96
CA ASN A 102 -14.93 -5.74 2.10
C ASN A 102 -14.35 -6.90 1.29
N ASN A 103 -13.01 -6.91 1.16
CA ASN A 103 -12.25 -7.98 0.54
C ASN A 103 -12.90 -8.61 -0.70
N ARG A 104 -13.62 -7.81 -1.47
CA ARG A 104 -14.24 -8.29 -2.69
C ARG A 104 -14.22 -7.20 -3.76
N GLN A 105 -14.99 -6.15 -3.54
CA GLN A 105 -15.06 -5.04 -4.49
C GLN A 105 -13.83 -4.14 -4.34
N PHE A 106 -12.69 -4.64 -4.82
CA PHE A 106 -11.44 -3.89 -4.85
C PHE A 106 -10.35 -4.77 -5.42
N GLY A 107 -10.41 -6.05 -5.10
CA GLY A 107 -9.46 -7.01 -5.61
C GLY A 107 -9.68 -8.39 -5.04
N PHE A 108 -8.66 -9.23 -5.14
CA PHE A 108 -8.74 -10.61 -4.70
C PHE A 108 -7.42 -11.05 -4.09
N PHE A 109 -7.46 -11.49 -2.85
CA PHE A 109 -6.26 -11.87 -2.12
C PHE A 109 -5.80 -13.28 -2.50
N ARG A 110 -5.02 -13.36 -3.57
CA ARG A 110 -4.50 -14.63 -4.04
C ARG A 110 -3.01 -14.50 -4.37
N LEU A 111 -2.24 -15.54 -4.07
CA LEU A 111 -0.83 -15.57 -4.41
C LEU A 111 -0.36 -17.01 -4.56
N ASP A 112 0.31 -17.29 -5.67
CA ASP A 112 0.85 -18.60 -5.93
C ASP A 112 2.36 -18.54 -6.13
N PRO A 113 3.13 -18.69 -5.03
CA PRO A 113 4.59 -18.64 -5.09
C PRO A 113 5.19 -20.00 -5.46
N ARG A 114 4.58 -20.62 -6.47
CA ARG A 114 4.97 -21.98 -6.85
C ARG A 114 5.44 -22.00 -8.30
N MET A 1 3.38 -11.67 20.72
CA MET A 1 4.31 -12.58 19.99
C MET A 1 5.57 -12.82 20.83
N GLY A 2 6.39 -11.79 20.97
CA GLY A 2 7.58 -11.88 21.77
C GLY A 2 7.66 -10.78 22.79
N SER A 3 8.47 -9.77 22.51
CA SER A 3 8.57 -8.60 23.37
C SER A 3 7.47 -7.61 23.01
N SER A 4 6.24 -8.09 22.99
CA SER A 4 5.11 -7.30 22.56
C SER A 4 4.70 -6.29 23.62
N HIS A 5 5.05 -5.04 23.38
CA HIS A 5 4.71 -3.97 24.29
C HIS A 5 3.29 -3.48 24.03
N HIS A 6 3.05 -3.02 22.82
CA HIS A 6 1.73 -2.51 22.41
C HIS A 6 1.35 -1.32 23.29
N HIS A 7 1.84 -0.15 22.92
CA HIS A 7 1.59 1.06 23.68
C HIS A 7 0.11 1.43 23.63
N HIS A 8 -0.49 1.35 22.46
CA HIS A 8 -1.87 1.80 22.26
C HIS A 8 -1.99 3.26 22.68
N HIS A 9 -1.08 4.08 22.19
CA HIS A 9 -1.02 5.48 22.56
C HIS A 9 -2.09 6.27 21.82
N HIS A 10 -1.98 6.30 20.50
CA HIS A 10 -2.91 7.05 19.67
C HIS A 10 -2.56 6.85 18.20
N SER A 11 -3.56 6.66 17.36
CA SER A 11 -3.35 6.58 15.92
C SER A 11 -3.86 7.85 15.26
N SER A 12 -2.98 8.82 15.12
CA SER A 12 -3.33 10.11 14.56
C SER A 12 -3.49 10.02 13.04
N GLY A 13 -2.39 9.75 12.34
CA GLY A 13 -2.47 9.65 10.90
C GLY A 13 -2.42 11.01 10.22
N LEU A 14 -1.33 11.73 10.45
CA LEU A 14 -1.13 13.03 9.81
C LEU A 14 -0.36 12.86 8.52
N VAL A 15 -1.07 12.49 7.46
CA VAL A 15 -0.45 12.28 6.16
C VAL A 15 0.16 13.57 5.65
N PRO A 16 1.49 13.55 5.39
CA PRO A 16 2.23 14.68 4.84
C PRO A 16 1.49 15.40 3.71
N ARG A 17 1.10 16.63 3.96
CA ARG A 17 0.34 17.42 2.99
C ARG A 17 1.29 18.21 2.10
N GLY A 18 0.93 18.29 0.82
CA GLY A 18 1.70 19.09 -0.12
C GLY A 18 0.93 20.33 -0.52
N SER A 19 -0.19 20.13 -1.19
CA SER A 19 -1.09 21.21 -1.55
C SER A 19 -2.49 20.91 -1.05
N HIS A 20 -2.75 21.28 0.21
CA HIS A 20 -4.00 20.96 0.91
C HIS A 20 -4.03 19.47 1.26
N MET A 21 -3.99 18.63 0.25
CA MET A 21 -3.93 17.19 0.44
C MET A 21 -2.51 16.71 0.26
N GLY A 22 -2.29 15.42 0.47
CA GLY A 22 -0.98 14.85 0.26
C GLY A 22 -0.97 13.36 0.39
N ARG A 23 0.08 12.73 -0.08
CA ARG A 23 0.26 11.29 0.05
C ARG A 23 1.68 10.98 0.48
N MET A 24 1.82 10.08 1.44
CA MET A 24 3.13 9.63 1.86
C MET A 24 3.34 8.24 1.37
N VAL A 25 2.37 7.82 0.62
CA VAL A 25 2.33 6.51 0.05
C VAL A 25 1.69 6.54 -1.33
N ASN A 26 2.33 5.91 -2.29
CA ASN A 26 1.77 5.78 -3.63
C ASN A 26 1.78 4.31 -4.03
N LEU A 27 0.92 3.55 -3.38
CA LEU A 27 0.85 2.11 -3.57
C LEU A 27 -0.52 1.72 -4.12
N GLU A 28 -0.50 0.92 -5.17
CA GLU A 28 -1.67 0.57 -5.95
C GLU A 28 -1.17 -0.29 -7.08
N PRO A 29 -1.89 -1.31 -7.58
CA PRO A 29 -1.27 -2.11 -8.60
C PRO A 29 -1.53 -1.61 -10.02
N ASP A 30 -0.51 -0.97 -10.55
CA ASP A 30 -0.08 -1.11 -11.93
C ASP A 30 1.27 -1.78 -11.81
N MET A 31 1.64 -1.94 -10.54
CA MET A 31 2.98 -2.19 -10.09
C MET A 31 3.41 -3.62 -10.35
N THR A 32 4.67 -3.75 -10.72
CA THR A 32 5.29 -5.04 -10.92
C THR A 32 6.56 -5.11 -10.10
N ILE A 33 6.48 -5.77 -8.98
CA ILE A 33 7.56 -5.78 -8.04
C ILE A 33 7.95 -7.19 -7.61
N SER A 34 9.03 -7.24 -6.90
CA SER A 34 9.68 -8.48 -6.59
C SER A 34 9.74 -8.67 -5.08
N LYS A 35 10.13 -9.86 -4.62
CA LYS A 35 10.14 -10.17 -3.19
C LYS A 35 10.90 -9.12 -2.38
N ASN A 36 12.06 -8.74 -2.84
CA ASN A 36 12.86 -7.74 -2.18
C ASN A 36 12.41 -6.36 -2.58
N GLU A 37 11.66 -6.28 -3.67
CA GLU A 37 11.24 -5.01 -4.16
C GLU A 37 10.27 -4.39 -3.21
N MET A 38 9.52 -5.18 -2.52
CA MET A 38 8.58 -4.59 -1.60
C MET A 38 9.26 -4.34 -0.28
N VAL A 39 10.33 -5.07 -0.07
CA VAL A 39 11.07 -4.99 1.16
C VAL A 39 11.77 -3.67 1.31
N LYS A 40 12.11 -3.11 0.20
CA LYS A 40 12.63 -1.77 0.16
C LYS A 40 11.49 -0.79 0.22
N LEU A 41 10.40 -1.13 -0.46
CA LEU A 41 9.27 -0.26 -0.61
C LEU A 41 8.70 0.21 0.66
N LEU A 42 8.49 -0.65 1.63
CA LEU A 42 7.98 -0.13 2.87
C LEU A 42 8.95 0.90 3.43
N GLU A 43 10.24 0.60 3.32
CA GLU A 43 11.28 1.50 3.77
C GLU A 43 11.23 2.75 2.92
N ALA A 44 10.81 2.51 1.69
CA ALA A 44 10.86 3.47 0.64
C ALA A 44 9.57 4.30 0.59
N THR A 45 8.60 3.87 1.38
CA THR A 45 7.28 4.45 1.33
C THR A 45 6.91 4.99 2.70
N GLN A 46 7.84 4.79 3.62
CA GLN A 46 7.71 5.18 5.02
C GLN A 46 6.69 4.32 5.75
N TYR A 47 6.94 3.03 5.71
CA TYR A 47 6.12 2.04 6.35
C TYR A 47 7.03 0.92 6.74
N ARG A 48 6.73 0.29 7.83
CA ARG A 48 7.56 -0.75 8.34
C ARG A 48 6.67 -1.75 9.03
N GLN A 49 7.15 -2.95 9.29
CA GLN A 49 6.31 -3.99 9.88
C GLN A 49 5.52 -3.50 11.06
N VAL A 50 4.48 -4.22 11.33
CA VAL A 50 3.58 -3.82 12.34
C VAL A 50 2.95 -5.03 13.04
N SER A 51 2.61 -4.85 14.31
CA SER A 51 1.89 -5.84 15.08
C SER A 51 0.54 -6.14 14.50
N LYS A 52 -0.18 -5.08 14.23
CA LYS A 52 -1.50 -5.16 13.69
C LYS A 52 -1.79 -3.91 12.92
N MET A 53 -1.99 -4.08 11.66
CA MET A 53 -2.03 -2.97 10.77
C MET A 53 -3.36 -2.22 10.87
N THR A 54 -3.28 -1.16 11.60
CA THR A 54 -4.24 -0.11 11.48
C THR A 54 -3.65 1.15 12.03
N ARG A 55 -3.03 1.88 11.13
CA ARG A 55 -2.54 3.21 11.38
C ARG A 55 -2.50 3.89 10.03
N PRO A 56 -3.10 5.05 9.83
CA PRO A 56 -2.97 5.69 8.54
C PRO A 56 -1.50 5.93 8.21
N GLY A 57 -1.01 5.19 7.22
CA GLY A 57 0.36 5.37 6.76
C GLY A 57 1.35 4.35 7.35
N GLU A 58 0.87 3.40 8.14
CA GLU A 58 1.74 2.35 8.70
C GLU A 58 1.10 1.01 8.45
N PHE A 59 1.88 0.05 7.97
CA PHE A 59 1.29 -1.18 7.46
C PHE A 59 1.97 -2.38 8.10
N THR A 60 1.48 -3.56 7.82
CA THR A 60 2.06 -4.75 8.37
C THR A 60 2.73 -5.53 7.29
N VAL A 61 3.89 -6.02 7.57
CA VAL A 61 4.66 -6.71 6.57
C VAL A 61 4.81 -8.20 6.90
N GLN A 62 4.74 -9.05 5.88
CA GLN A 62 4.88 -10.48 6.07
C GLN A 62 5.74 -11.13 4.96
N ALA A 63 5.13 -11.61 3.88
CA ALA A 63 5.89 -12.31 2.85
C ALA A 63 5.41 -11.99 1.43
N ASN A 64 4.50 -12.82 0.90
CA ASN A 64 4.02 -12.67 -0.48
C ASN A 64 2.98 -11.60 -0.57
N SER A 65 2.64 -11.05 0.55
CA SER A 65 1.73 -9.95 0.57
C SER A 65 2.12 -8.99 1.69
N ILE A 66 1.87 -7.72 1.46
CA ILE A 66 1.94 -6.72 2.51
C ILE A 66 0.54 -6.30 2.84
N GLU A 67 0.34 -5.61 3.92
CA GLU A 67 -0.97 -5.10 4.20
C GLU A 67 -0.96 -3.60 4.38
N MET A 68 -1.45 -2.88 3.39
CA MET A 68 -1.36 -1.43 3.41
C MET A 68 -2.70 -0.80 3.72
N ILE A 69 -2.71 0.12 4.67
CA ILE A 69 -3.88 0.93 4.88
C ILE A 69 -4.15 1.76 3.62
N ARG A 70 -5.31 1.55 3.04
CA ARG A 70 -5.68 2.25 1.83
C ARG A 70 -6.02 3.69 2.17
N ARG A 71 -5.73 4.60 1.24
CA ARG A 71 -6.02 6.02 1.42
C ARG A 71 -7.44 6.20 1.96
N PRO A 72 -7.57 6.94 3.09
CA PRO A 72 -8.85 7.13 3.78
C PRO A 72 -9.99 7.54 2.86
N PHE A 73 -11.19 7.25 3.28
CA PHE A 73 -12.35 7.42 2.42
C PHE A 73 -13.00 8.76 2.58
N ASP A 74 -13.04 9.46 1.47
CA ASP A 74 -13.79 10.67 1.37
C ASP A 74 -14.68 10.65 0.16
N PHE A 75 -15.94 10.76 0.40
CA PHE A 75 -16.93 10.84 -0.63
C PHE A 75 -17.70 12.12 -0.51
N PRO A 76 -18.53 12.40 -1.49
CA PRO A 76 -19.33 13.56 -1.48
C PRO A 76 -20.48 13.38 -0.55
N ASP A 77 -21.05 12.22 -0.68
CA ASP A 77 -22.24 11.89 0.01
C ASP A 77 -21.92 11.26 1.33
N SER A 78 -20.64 11.08 1.53
CA SER A 78 -20.17 10.33 2.68
C SER A 78 -18.69 10.58 2.96
N LYS A 79 -18.31 10.59 4.21
CA LYS A 79 -16.92 10.78 4.57
C LYS A 79 -16.59 10.09 5.85
N GLU A 80 -15.41 9.48 5.87
CA GLU A 80 -15.03 8.63 6.97
C GLU A 80 -13.52 8.54 7.10
N GLY A 81 -13.07 7.55 7.84
CA GLY A 81 -11.67 7.46 8.20
C GLY A 81 -10.88 6.51 7.31
N GLN A 82 -10.06 5.70 7.94
CA GLN A 82 -9.12 4.86 7.24
C GLN A 82 -9.69 3.49 6.95
N VAL A 83 -9.09 2.83 5.98
CA VAL A 83 -9.36 1.46 5.64
C VAL A 83 -8.06 0.81 5.31
N ARG A 84 -7.94 -0.46 5.59
CA ARG A 84 -6.75 -1.14 5.22
C ARG A 84 -6.98 -2.27 4.27
N ALA A 85 -6.01 -2.39 3.39
CA ALA A 85 -6.07 -3.34 2.31
C ALA A 85 -4.91 -4.31 2.40
N ARG A 86 -5.00 -5.38 1.64
CA ARG A 86 -3.96 -6.38 1.63
C ARG A 86 -3.34 -6.38 0.28
N LEU A 87 -2.11 -6.01 0.30
CA LEU A 87 -1.40 -5.71 -0.88
C LEU A 87 -0.46 -6.87 -1.23
N THR A 88 -0.84 -7.61 -2.22
CA THR A 88 -0.23 -8.89 -2.51
C THR A 88 0.72 -8.84 -3.67
N PHE A 89 1.73 -9.68 -3.60
CA PHE A 89 2.77 -9.75 -4.58
C PHE A 89 2.80 -11.08 -5.34
N ASP A 90 2.38 -11.08 -6.60
CA ASP A 90 2.38 -12.31 -7.40
C ASP A 90 3.59 -12.32 -8.35
N GLY A 91 4.60 -13.10 -7.99
CA GLY A 91 5.73 -13.25 -8.88
C GLY A 91 6.72 -12.11 -8.78
N ASP A 92 6.96 -11.46 -9.90
CA ASP A 92 7.90 -10.35 -9.97
C ASP A 92 7.09 -9.12 -10.19
N HIS A 93 5.82 -9.26 -9.94
CA HIS A 93 4.90 -8.17 -10.06
C HIS A 93 3.91 -8.15 -8.93
N LEU A 94 3.30 -7.00 -8.76
CA LEU A 94 2.27 -6.83 -7.76
C LEU A 94 1.04 -7.56 -8.16
N ALA A 95 0.52 -8.32 -7.22
CA ALA A 95 -0.60 -9.15 -7.45
C ALA A 95 -1.88 -8.37 -7.38
N THR A 96 -2.00 -7.59 -6.31
CA THR A 96 -3.22 -6.87 -6.03
C THR A 96 -3.10 -6.13 -4.72
N ILE A 97 -4.15 -5.41 -4.41
CA ILE A 97 -4.32 -4.72 -3.18
C ILE A 97 -5.81 -4.72 -2.86
N VAL A 98 -6.17 -5.27 -1.74
CA VAL A 98 -7.58 -5.48 -1.45
C VAL A 98 -8.01 -4.87 -0.14
N ASN A 99 -8.99 -3.99 -0.17
CA ASN A 99 -9.57 -3.45 1.06
C ASN A 99 -10.12 -4.60 1.87
N MET A 100 -9.30 -4.97 2.84
CA MET A 100 -9.44 -6.16 3.66
C MET A 100 -10.77 -6.24 4.31
N GLU A 101 -11.36 -5.10 4.46
CA GLU A 101 -12.59 -5.00 5.15
C GLU A 101 -13.69 -5.68 4.38
N ASN A 102 -13.66 -5.45 3.09
CA ASN A 102 -14.62 -6.06 2.20
C ASN A 102 -14.00 -7.23 1.45
N ASN A 103 -12.68 -7.18 1.28
CA ASN A 103 -11.86 -8.25 0.69
C ASN A 103 -12.55 -9.06 -0.41
N ARG A 104 -13.10 -8.37 -1.40
CA ARG A 104 -13.75 -9.06 -2.51
C ARG A 104 -13.53 -8.34 -3.84
N GLN A 105 -14.23 -7.22 -4.04
CA GLN A 105 -14.24 -6.57 -5.35
C GLN A 105 -13.32 -5.36 -5.40
N PHE A 106 -12.39 -5.25 -4.47
CA PHE A 106 -11.39 -4.19 -4.54
C PHE A 106 -10.14 -4.69 -5.22
N GLY A 107 -9.95 -5.99 -5.22
CA GLY A 107 -8.74 -6.56 -5.77
C GLY A 107 -8.91 -7.98 -6.26
N PHE A 108 -7.93 -8.81 -5.95
CA PHE A 108 -7.87 -10.17 -6.49
C PHE A 108 -7.69 -11.19 -5.37
N PHE A 109 -7.47 -12.45 -5.77
CA PHE A 109 -7.35 -13.55 -4.84
C PHE A 109 -5.97 -13.57 -4.18
N ARG A 110 -5.79 -14.49 -3.24
CA ARG A 110 -4.57 -14.59 -2.47
C ARG A 110 -3.42 -15.17 -3.30
N LEU A 111 -2.21 -14.93 -2.81
CA LEU A 111 -0.99 -15.33 -3.50
C LEU A 111 -0.77 -16.84 -3.40
N ASP A 112 -0.20 -17.42 -4.44
CA ASP A 112 0.20 -18.81 -4.43
C ASP A 112 1.46 -18.97 -3.60
N PRO A 113 1.35 -19.58 -2.42
CA PRO A 113 2.48 -19.73 -1.49
C PRO A 113 3.61 -20.56 -2.08
N ARG A 114 4.81 -20.34 -1.56
CA ARG A 114 5.97 -21.11 -1.98
C ARG A 114 5.99 -22.45 -1.25
N MET A 1 17.09 23.66 -14.20
CA MET A 1 16.62 22.30 -13.87
C MET A 1 16.31 22.17 -12.39
N GLY A 2 17.25 22.59 -11.56
CA GLY A 2 17.04 22.56 -10.12
C GLY A 2 18.25 22.05 -9.38
N SER A 3 18.78 22.85 -8.48
CA SER A 3 19.96 22.47 -7.71
C SER A 3 19.60 21.42 -6.65
N SER A 4 18.57 21.70 -5.88
CA SER A 4 18.10 20.77 -4.85
C SER A 4 16.95 19.94 -5.39
N HIS A 5 16.37 20.41 -6.49
CA HIS A 5 15.25 19.73 -7.11
C HIS A 5 15.58 19.42 -8.57
N HIS A 6 16.47 18.44 -8.76
CA HIS A 6 16.87 18.02 -10.10
C HIS A 6 15.66 17.55 -10.89
N HIS A 7 15.02 16.47 -10.41
CA HIS A 7 13.80 15.94 -10.98
C HIS A 7 13.92 15.80 -12.50
N HIS A 8 14.72 14.85 -12.93
CA HIS A 8 14.96 14.67 -14.35
C HIS A 8 14.75 13.21 -14.75
N HIS A 9 15.69 12.35 -14.36
CA HIS A 9 15.63 10.92 -14.70
C HIS A 9 15.45 10.72 -16.21
N HIS A 10 16.48 11.09 -16.97
CA HIS A 10 16.45 11.03 -18.44
C HIS A 10 15.51 12.08 -19.02
N SER A 11 15.41 12.14 -20.34
CA SER A 11 14.57 13.13 -21.00
C SER A 11 14.46 12.81 -22.49
N SER A 12 13.25 12.93 -23.03
CA SER A 12 13.02 12.74 -24.45
C SER A 12 12.38 13.99 -25.05
N GLY A 13 12.22 15.02 -24.24
CA GLY A 13 11.65 16.27 -24.71
C GLY A 13 10.14 16.26 -24.68
N LEU A 14 9.54 15.33 -25.41
CA LEU A 14 8.09 15.21 -25.47
C LEU A 14 7.50 14.91 -24.09
N VAL A 15 6.31 15.41 -23.84
CA VAL A 15 5.64 15.21 -22.56
C VAL A 15 4.54 14.17 -22.69
N PRO A 16 4.80 12.92 -22.26
CA PRO A 16 3.82 11.83 -22.34
C PRO A 16 2.63 12.03 -21.41
N ARG A 17 2.88 12.74 -20.30
CA ARG A 17 1.86 13.02 -19.28
C ARG A 17 1.45 11.75 -18.56
N GLY A 18 0.53 11.87 -17.62
CA GLY A 18 0.06 10.72 -16.87
C GLY A 18 -0.37 11.07 -15.47
N SER A 19 -0.28 10.10 -14.57
CA SER A 19 -0.71 10.29 -13.18
C SER A 19 0.15 11.33 -12.47
N HIS A 20 -0.47 12.10 -11.58
CA HIS A 20 0.25 13.10 -10.81
C HIS A 20 -0.44 13.37 -9.48
N MET A 21 -1.68 12.91 -9.34
CA MET A 21 -2.38 13.02 -8.06
C MET A 21 -1.90 11.95 -7.11
N GLY A 22 -1.61 10.77 -7.67
CA GLY A 22 -1.09 9.68 -6.90
C GLY A 22 0.32 9.33 -7.30
N ARG A 23 1.29 9.96 -6.65
CA ARG A 23 2.69 9.70 -6.93
C ARG A 23 3.09 8.34 -6.38
N MET A 24 2.84 8.15 -5.09
CA MET A 24 3.09 6.88 -4.43
C MET A 24 2.24 6.75 -3.20
N VAL A 25 1.09 7.38 -3.28
CA VAL A 25 0.13 7.32 -2.20
C VAL A 25 -1.03 6.40 -2.57
N ASN A 26 -1.31 6.32 -3.86
CA ASN A 26 -2.35 5.45 -4.36
C ASN A 26 -1.73 4.14 -4.81
N LEU A 27 -1.38 3.31 -3.83
CA LEU A 27 -0.79 2.00 -4.10
C LEU A 27 -1.81 1.09 -4.76
N GLU A 28 -1.42 0.54 -5.91
CA GLU A 28 -2.30 -0.25 -6.72
C GLU A 28 -1.46 -1.09 -7.64
N PRO A 29 -1.97 -2.15 -8.24
CA PRO A 29 -1.19 -2.81 -9.23
C PRO A 29 -1.45 -2.28 -10.64
N ASP A 30 -0.52 -1.45 -11.05
CA ASP A 30 0.04 -1.43 -12.39
C ASP A 30 1.46 -1.90 -12.16
N MET A 31 1.72 -2.01 -10.86
CA MET A 31 3.03 -2.20 -10.30
C MET A 31 3.50 -3.62 -10.47
N THR A 32 4.75 -3.75 -10.80
CA THR A 32 5.38 -5.04 -10.92
C THR A 32 6.58 -5.07 -10.03
N ILE A 33 6.42 -5.74 -8.92
CA ILE A 33 7.44 -5.80 -7.92
C ILE A 33 7.61 -7.22 -7.42
N SER A 34 8.62 -7.40 -6.64
CA SER A 34 8.95 -8.71 -6.15
C SER A 34 8.88 -8.71 -4.64
N LYS A 35 9.04 -9.86 -4.03
CA LYS A 35 8.97 -9.99 -2.58
C LYS A 35 9.91 -8.99 -1.90
N ASN A 36 11.12 -8.89 -2.40
CA ASN A 36 12.11 -7.99 -1.83
C ASN A 36 11.91 -6.59 -2.34
N GLU A 37 11.20 -6.46 -3.45
CA GLU A 37 10.97 -5.16 -4.02
C GLU A 37 10.04 -4.37 -3.17
N MET A 38 9.21 -5.01 -2.44
CA MET A 38 8.36 -4.27 -1.57
C MET A 38 9.05 -4.07 -0.25
N VAL A 39 9.95 -4.98 0.04
CA VAL A 39 10.72 -4.94 1.26
C VAL A 39 11.53 -3.67 1.40
N LYS A 40 11.94 -3.16 0.28
CA LYS A 40 12.53 -1.85 0.22
C LYS A 40 11.45 -0.78 0.23
N LEU A 41 10.37 -1.04 -0.49
CA LEU A 41 9.30 -0.08 -0.64
C LEU A 41 8.63 0.30 0.62
N LEU A 42 8.43 -0.59 1.56
CA LEU A 42 7.86 -0.10 2.78
C LEU A 42 8.83 0.91 3.42
N GLU A 43 10.12 0.60 3.34
CA GLU A 43 11.17 1.46 3.86
C GLU A 43 11.17 2.73 3.05
N ALA A 44 10.76 2.54 1.82
CA ALA A 44 10.85 3.53 0.79
C ALA A 44 9.57 4.35 0.70
N THR A 45 8.56 3.93 1.47
CA THR A 45 7.23 4.50 1.38
C THR A 45 6.82 5.03 2.75
N GLN A 46 7.74 4.86 3.69
CA GLN A 46 7.57 5.25 5.08
C GLN A 46 6.59 4.34 5.81
N TYR A 47 6.86 3.05 5.73
CA TYR A 47 6.05 2.04 6.35
C TYR A 47 6.96 0.89 6.70
N ARG A 48 6.71 0.26 7.79
CA ARG A 48 7.57 -0.77 8.26
C ARG A 48 6.73 -1.83 8.92
N GLN A 49 7.28 -3.01 9.11
CA GLN A 49 6.55 -4.10 9.71
C GLN A 49 5.83 -3.69 10.95
N VAL A 50 4.69 -4.30 11.14
CA VAL A 50 3.84 -3.89 12.19
C VAL A 50 3.25 -5.07 12.95
N SER A 51 2.98 -4.84 14.21
CA SER A 51 2.31 -5.78 15.07
C SER A 51 0.93 -6.11 14.57
N LYS A 52 0.20 -5.06 14.27
CA LYS A 52 -1.16 -5.17 13.83
C LYS A 52 -1.50 -3.92 13.06
N MET A 53 -1.75 -4.12 11.81
CA MET A 53 -1.83 -3.03 10.91
C MET A 53 -3.14 -2.27 11.06
N THR A 54 -3.04 -1.19 11.78
CA THR A 54 -4.02 -0.16 11.72
C THR A 54 -3.45 1.13 12.19
N ARG A 55 -2.96 1.86 11.23
CA ARG A 55 -2.50 3.21 11.44
C ARG A 55 -2.67 3.93 10.13
N PRO A 56 -2.82 5.24 10.10
CA PRO A 56 -2.73 5.92 8.82
C PRO A 56 -1.28 5.96 8.35
N GLY A 57 -1.00 5.21 7.29
CA GLY A 57 0.33 5.28 6.68
C GLY A 57 1.36 4.34 7.31
N GLU A 58 0.89 3.37 8.11
CA GLU A 58 1.78 2.36 8.69
C GLU A 58 1.12 1.01 8.50
N PHE A 59 1.86 0.04 8.01
CA PHE A 59 1.22 -1.18 7.56
C PHE A 59 1.95 -2.40 8.07
N THR A 60 1.44 -3.58 7.80
CA THR A 60 2.09 -4.78 8.26
C THR A 60 2.76 -5.53 7.12
N VAL A 61 3.89 -6.09 7.45
CA VAL A 61 4.71 -6.81 6.49
C VAL A 61 4.63 -8.34 6.70
N GLN A 62 4.46 -9.09 5.62
CA GLN A 62 4.45 -10.55 5.69
C GLN A 62 5.56 -11.15 4.84
N ALA A 63 5.26 -11.40 3.56
CA ALA A 63 6.25 -11.99 2.65
C ALA A 63 5.82 -11.81 1.19
N ASN A 64 4.91 -12.66 0.73
CA ASN A 64 4.37 -12.55 -0.63
C ASN A 64 3.27 -11.54 -0.66
N SER A 65 2.93 -11.03 0.49
CA SER A 65 1.96 -9.98 0.55
C SER A 65 2.29 -9.01 1.68
N ILE A 66 1.93 -7.76 1.48
CA ILE A 66 1.94 -6.78 2.53
C ILE A 66 0.50 -6.43 2.85
N GLU A 67 0.26 -5.72 3.93
CA GLU A 67 -1.07 -5.23 4.17
C GLU A 67 -1.04 -3.73 4.35
N MET A 68 -1.54 -2.99 3.38
CA MET A 68 -1.36 -1.55 3.38
C MET A 68 -2.66 -0.82 3.64
N ILE A 69 -2.66 0.05 4.64
CA ILE A 69 -3.79 0.90 4.90
C ILE A 69 -3.97 1.87 3.74
N ARG A 70 -5.16 1.84 3.16
CA ARG A 70 -5.46 2.65 1.99
C ARG A 70 -5.70 4.09 2.44
N ARG A 71 -5.32 5.03 1.57
CA ARG A 71 -5.45 6.46 1.85
C ARG A 71 -6.83 6.78 2.43
N PRO A 72 -6.87 7.33 3.66
CA PRO A 72 -8.12 7.63 4.35
C PRO A 72 -8.80 8.88 3.81
N PHE A 73 -9.98 9.16 4.32
CA PHE A 73 -10.74 10.34 3.92
C PHE A 73 -10.18 11.60 4.53
N ASP A 74 -9.86 12.54 3.67
CA ASP A 74 -9.19 13.73 4.11
C ASP A 74 -10.00 14.97 3.80
N PHE A 75 -10.12 15.82 4.79
CA PHE A 75 -10.65 17.15 4.63
C PHE A 75 -9.64 18.18 5.05
N PRO A 76 -9.93 19.41 4.76
CA PRO A 76 -9.09 20.49 5.09
C PRO A 76 -9.20 20.83 6.53
N ASP A 77 -10.43 20.89 6.93
CA ASP A 77 -10.76 21.32 8.26
C ASP A 77 -10.82 20.14 9.17
N SER A 78 -10.66 18.99 8.58
CA SER A 78 -10.90 17.76 9.28
C SER A 78 -10.29 16.57 8.56
N LYS A 79 -9.93 15.53 9.29
CA LYS A 79 -9.37 14.34 8.67
C LYS A 79 -9.71 13.13 9.48
N GLU A 80 -10.10 12.09 8.78
CA GLU A 80 -10.72 10.96 9.43
C GLU A 80 -10.70 9.72 8.56
N GLY A 81 -11.43 8.71 9.00
CA GLY A 81 -11.50 7.45 8.28
C GLY A 81 -10.20 6.70 8.30
N GLN A 82 -10.28 5.38 8.34
CA GLN A 82 -9.15 4.55 8.04
C GLN A 82 -9.64 3.25 7.41
N VAL A 83 -9.01 2.88 6.32
CA VAL A 83 -9.29 1.63 5.67
C VAL A 83 -8.00 0.98 5.30
N ARG A 84 -7.95 -0.32 5.40
CA ARG A 84 -6.77 -1.02 5.02
C ARG A 84 -7.02 -2.08 4.00
N ALA A 85 -6.04 -2.22 3.15
CA ALA A 85 -6.08 -3.17 2.08
C ALA A 85 -4.99 -4.20 2.23
N ARG A 86 -5.13 -5.29 1.51
CA ARG A 86 -4.15 -6.35 1.56
C ARG A 86 -3.50 -6.42 0.23
N LEU A 87 -2.23 -6.20 0.25
CA LEU A 87 -1.48 -5.90 -0.91
C LEU A 87 -0.51 -7.02 -1.22
N THR A 88 -0.83 -7.78 -2.23
CA THR A 88 -0.12 -9.02 -2.50
C THR A 88 0.81 -8.90 -3.67
N PHE A 89 1.87 -9.67 -3.58
CA PHE A 89 2.88 -9.72 -4.59
C PHE A 89 2.90 -11.08 -5.30
N ASP A 90 2.58 -11.07 -6.58
CA ASP A 90 2.58 -12.32 -7.37
C ASP A 90 3.76 -12.36 -8.33
N GLY A 91 4.79 -13.09 -7.95
CA GLY A 91 5.92 -13.27 -8.83
C GLY A 91 6.94 -12.17 -8.70
N ASP A 92 7.17 -11.47 -9.80
CA ASP A 92 8.09 -10.35 -9.82
C ASP A 92 7.27 -9.11 -10.00
N HIS A 93 5.97 -9.28 -9.85
CA HIS A 93 5.03 -8.21 -10.02
C HIS A 93 3.97 -8.21 -8.95
N LEU A 94 3.34 -7.06 -8.80
CA LEU A 94 2.28 -6.90 -7.82
C LEU A 94 1.08 -7.71 -8.20
N ALA A 95 0.55 -8.40 -7.21
CA ALA A 95 -0.56 -9.26 -7.41
C ALA A 95 -1.86 -8.49 -7.38
N THR A 96 -2.05 -7.75 -6.30
CA THR A 96 -3.25 -6.96 -6.10
C THR A 96 -3.19 -6.25 -4.77
N ILE A 97 -4.20 -5.47 -4.53
CA ILE A 97 -4.37 -4.75 -3.30
C ILE A 97 -5.86 -4.70 -3.01
N VAL A 98 -6.25 -5.01 -1.80
CA VAL A 98 -7.64 -5.25 -1.52
C VAL A 98 -8.11 -4.58 -0.27
N ASN A 99 -9.03 -3.62 -0.38
CA ASN A 99 -9.65 -3.06 0.81
C ASN A 99 -10.33 -4.18 1.55
N MET A 100 -9.63 -4.61 2.58
CA MET A 100 -9.91 -5.81 3.34
C MET A 100 -11.28 -5.79 3.93
N GLU A 101 -11.85 -4.64 3.94
CA GLU A 101 -13.15 -4.45 4.46
C GLU A 101 -14.18 -5.01 3.51
N ASN A 102 -13.99 -4.69 2.25
CA ASN A 102 -14.88 -5.15 1.20
C ASN A 102 -14.31 -6.39 0.52
N ASN A 103 -12.99 -6.55 0.58
CA ASN A 103 -12.29 -7.72 0.09
C ASN A 103 -12.89 -8.33 -1.18
N ARG A 104 -13.25 -7.47 -2.12
CA ARG A 104 -13.85 -7.91 -3.37
C ARG A 104 -14.02 -6.70 -4.29
N GLN A 105 -14.72 -5.69 -3.80
CA GLN A 105 -14.93 -4.47 -4.56
C GLN A 105 -13.69 -3.57 -4.48
N PHE A 106 -12.59 -4.10 -4.98
CA PHE A 106 -11.31 -3.39 -5.00
C PHE A 106 -10.24 -4.32 -5.57
N GLY A 107 -10.30 -5.57 -5.16
CA GLY A 107 -9.32 -6.55 -5.59
C GLY A 107 -9.49 -7.86 -4.88
N PHE A 108 -8.86 -8.89 -5.42
CA PHE A 108 -8.73 -10.19 -4.77
C PHE A 108 -7.79 -11.08 -5.55
N PHE A 109 -6.77 -11.63 -4.89
CA PHE A 109 -5.86 -12.56 -5.53
C PHE A 109 -5.10 -13.36 -4.48
N ARG A 110 -4.83 -14.62 -4.78
CA ARG A 110 -4.09 -15.48 -3.88
C ARG A 110 -2.76 -15.85 -4.48
N LEU A 111 -1.73 -15.93 -3.65
CA LEU A 111 -0.41 -16.36 -4.10
C LEU A 111 -0.35 -17.88 -4.14
N ASP A 112 0.29 -18.41 -5.17
CA ASP A 112 0.37 -19.85 -5.34
C ASP A 112 1.82 -20.32 -5.41
N PRO A 113 2.47 -20.51 -4.25
CA PRO A 113 3.78 -21.14 -4.18
C PRO A 113 3.68 -22.61 -4.57
N ARG A 114 2.68 -23.28 -3.99
CA ARG A 114 2.39 -24.67 -4.29
C ARG A 114 1.05 -25.04 -3.66
N MET A 1 -0.94 -30.88 -43.00
CA MET A 1 -1.53 -29.71 -42.30
C MET A 1 -0.45 -28.92 -41.57
N GLY A 2 -0.19 -27.72 -42.04
CA GLY A 2 0.82 -26.88 -41.43
C GLY A 2 1.27 -25.77 -42.33
N SER A 3 0.33 -24.95 -42.77
CA SER A 3 0.65 -23.81 -43.62
C SER A 3 1.21 -22.67 -42.77
N SER A 4 0.71 -22.59 -41.55
CA SER A 4 1.18 -21.58 -40.61
C SER A 4 2.60 -21.88 -40.14
N HIS A 5 3.54 -21.10 -40.64
CA HIS A 5 4.95 -21.31 -40.34
C HIS A 5 5.53 -20.10 -39.61
N HIS A 6 6.72 -20.28 -39.05
CA HIS A 6 7.39 -19.23 -38.26
C HIS A 6 6.57 -18.89 -37.02
N HIS A 7 6.65 -19.73 -36.01
CA HIS A 7 5.92 -19.50 -34.77
C HIS A 7 6.83 -18.83 -33.74
N HIS A 8 6.31 -17.83 -33.05
CA HIS A 8 7.10 -17.07 -32.10
C HIS A 8 6.49 -17.13 -30.70
N HIS A 9 5.95 -18.29 -30.35
CA HIS A 9 5.36 -18.54 -29.02
C HIS A 9 4.19 -17.62 -28.76
N HIS A 10 3.00 -18.04 -29.18
CA HIS A 10 1.79 -17.24 -29.03
C HIS A 10 1.37 -17.15 -27.56
N SER A 11 1.72 -18.15 -26.78
CA SER A 11 1.38 -18.18 -25.37
C SER A 11 2.39 -17.38 -24.55
N SER A 12 3.43 -16.90 -25.23
CA SER A 12 4.46 -16.12 -24.58
C SER A 12 4.49 -14.70 -25.14
N GLY A 13 5.06 -14.55 -26.32
CA GLY A 13 5.17 -13.25 -26.96
C GLY A 13 5.80 -12.21 -26.08
N LEU A 14 5.43 -10.96 -26.28
CA LEU A 14 5.87 -9.86 -25.45
C LEU A 14 4.66 -9.08 -24.99
N VAL A 15 4.55 -8.84 -23.69
CA VAL A 15 3.41 -8.12 -23.16
C VAL A 15 3.61 -6.60 -23.29
N PRO A 16 2.70 -5.93 -23.99
CA PRO A 16 2.77 -4.48 -24.21
C PRO A 16 2.10 -3.71 -23.08
N ARG A 17 2.61 -3.87 -21.87
CA ARG A 17 2.03 -3.21 -20.71
C ARG A 17 2.99 -2.16 -20.17
N GLY A 18 3.41 -1.26 -21.05
CA GLY A 18 4.29 -0.18 -20.64
C GLY A 18 3.52 0.95 -20.00
N SER A 19 2.78 0.62 -18.96
CA SER A 19 1.94 1.59 -18.27
C SER A 19 1.95 1.31 -16.78
N HIS A 20 1.74 2.36 -15.98
CA HIS A 20 1.66 2.21 -14.54
C HIS A 20 0.61 3.16 -13.99
N MET A 21 -0.65 2.72 -14.09
CA MET A 21 -1.78 3.55 -13.67
C MET A 21 -1.97 3.48 -12.16
N GLY A 22 -1.50 4.51 -11.47
CA GLY A 22 -1.63 4.55 -10.02
C GLY A 22 -0.56 5.41 -9.40
N ARG A 23 -0.92 6.62 -9.01
CA ARG A 23 0.05 7.57 -8.47
C ARG A 23 0.18 7.43 -6.96
N MET A 24 -0.75 8.01 -6.20
CA MET A 24 -0.70 7.94 -4.75
C MET A 24 -2.04 8.24 -4.14
N VAL A 25 -3.07 7.85 -4.85
CA VAL A 25 -4.41 7.95 -4.32
C VAL A 25 -4.89 6.56 -3.86
N ASN A 26 -4.47 5.55 -4.60
CA ASN A 26 -4.74 4.17 -4.26
C ASN A 26 -3.54 3.31 -4.64
N LEU A 27 -3.18 2.37 -3.78
CA LEU A 27 -2.09 1.47 -4.11
C LEU A 27 -2.64 0.27 -4.86
N GLU A 28 -2.47 0.31 -6.16
CA GLU A 28 -2.65 -0.83 -7.04
C GLU A 28 -2.42 -0.42 -8.48
N PRO A 29 -1.21 0.07 -8.78
CA PRO A 29 -0.82 0.36 -10.13
C PRO A 29 -0.43 -0.93 -10.83
N ASP A 30 -0.06 -0.83 -12.08
CA ASP A 30 0.52 -1.94 -12.82
C ASP A 30 1.86 -2.36 -12.23
N MET A 31 2.08 -2.00 -10.95
CA MET A 31 3.32 -2.23 -10.26
C MET A 31 3.75 -3.66 -10.44
N THR A 32 4.99 -3.81 -10.77
CA THR A 32 5.56 -5.10 -10.98
C THR A 32 6.78 -5.22 -10.11
N ILE A 33 6.59 -5.80 -8.95
CA ILE A 33 7.63 -5.88 -7.97
C ILE A 33 7.87 -7.30 -7.53
N SER A 34 8.90 -7.44 -6.79
CA SER A 34 9.38 -8.72 -6.35
C SER A 34 9.15 -8.83 -4.85
N LYS A 35 9.28 -10.02 -4.30
CA LYS A 35 9.08 -10.23 -2.87
C LYS A 35 9.93 -9.25 -2.05
N ASN A 36 11.19 -9.10 -2.42
CA ASN A 36 12.10 -8.20 -1.73
C ASN A 36 11.95 -6.79 -2.24
N GLU A 37 11.34 -6.65 -3.41
CA GLU A 37 11.17 -5.36 -3.98
C GLU A 37 10.24 -4.53 -3.15
N MET A 38 9.38 -5.15 -2.42
CA MET A 38 8.52 -4.37 -1.58
C MET A 38 9.19 -4.16 -0.24
N VAL A 39 10.09 -5.06 0.07
CA VAL A 39 10.82 -5.03 1.32
C VAL A 39 11.66 -3.77 1.43
N LYS A 40 12.09 -3.30 0.31
CA LYS A 40 12.70 -1.99 0.24
C LYS A 40 11.63 -0.92 0.22
N LEU A 41 10.57 -1.17 -0.53
CA LEU A 41 9.53 -0.19 -0.71
C LEU A 41 8.84 0.22 0.53
N LEU A 42 8.62 -0.65 1.48
CA LEU A 42 8.02 -0.14 2.68
C LEU A 42 8.99 0.86 3.33
N GLU A 43 10.28 0.55 3.26
CA GLU A 43 11.32 1.41 3.77
C GLU A 43 11.32 2.68 2.95
N ALA A 44 10.97 2.46 1.69
CA ALA A 44 11.10 3.43 0.65
C ALA A 44 9.82 4.26 0.54
N THR A 45 8.81 3.85 1.28
CA THR A 45 7.49 4.47 1.21
C THR A 45 7.11 5.01 2.58
N GLN A 46 8.04 4.81 3.51
CA GLN A 46 7.90 5.19 4.91
C GLN A 46 6.82 4.38 5.61
N TYR A 47 7.01 3.08 5.59
CA TYR A 47 6.14 2.12 6.21
C TYR A 47 7.01 0.95 6.61
N ARG A 48 6.74 0.36 7.72
CA ARG A 48 7.57 -0.71 8.21
C ARG A 48 6.68 -1.70 8.89
N GLN A 49 7.15 -2.91 9.14
CA GLN A 49 6.30 -3.93 9.72
C GLN A 49 5.64 -3.45 10.96
N VAL A 50 4.58 -4.14 11.29
CA VAL A 50 3.72 -3.70 12.33
C VAL A 50 3.16 -4.88 13.10
N SER A 51 2.83 -4.63 14.35
CA SER A 51 2.18 -5.62 15.18
C SER A 51 0.86 -6.05 14.62
N LYS A 52 0.07 -5.05 14.29
CA LYS A 52 -1.25 -5.25 13.75
C LYS A 52 -1.65 -4.03 13.00
N MET A 53 -1.72 -4.18 11.72
CA MET A 53 -1.91 -3.08 10.88
C MET A 53 -3.27 -2.47 11.00
N THR A 54 -3.28 -1.40 11.74
CA THR A 54 -4.30 -0.43 11.61
C THR A 54 -3.80 0.84 12.20
N ARG A 55 -3.28 1.67 11.33
CA ARG A 55 -2.78 2.97 11.69
C ARG A 55 -2.98 3.87 10.49
N PRO A 56 -2.79 5.18 10.61
CA PRO A 56 -2.73 6.00 9.44
C PRO A 56 -1.34 5.93 8.79
N GLY A 57 -1.28 5.32 7.61
CA GLY A 57 -0.05 5.33 6.83
C GLY A 57 1.03 4.38 7.36
N GLU A 58 0.67 3.47 8.25
CA GLU A 58 1.62 2.50 8.80
C GLU A 58 1.07 1.13 8.50
N PHE A 59 1.89 0.23 7.99
CA PHE A 59 1.32 -1.00 7.48
C PHE A 59 2.04 -2.22 8.04
N THR A 60 1.54 -3.41 7.72
CA THR A 60 2.17 -4.62 8.21
C THR A 60 2.79 -5.40 7.09
N VAL A 61 3.95 -5.92 7.39
CA VAL A 61 4.74 -6.68 6.43
C VAL A 61 4.58 -8.18 6.66
N GLN A 62 4.51 -8.96 5.58
CA GLN A 62 4.36 -10.40 5.69
C GLN A 62 5.42 -11.14 4.83
N ALA A 63 5.17 -11.25 3.52
CA ALA A 63 6.11 -11.94 2.62
C ALA A 63 5.73 -11.73 1.15
N ASN A 64 4.87 -12.61 0.63
CA ASN A 64 4.37 -12.48 -0.75
C ASN A 64 3.24 -11.49 -0.77
N SER A 65 2.91 -11.01 0.40
CA SER A 65 1.95 -9.96 0.49
C SER A 65 2.33 -9.00 1.61
N ILE A 66 2.01 -7.74 1.44
CA ILE A 66 2.05 -6.77 2.49
C ILE A 66 0.62 -6.41 2.84
N GLU A 67 0.43 -5.68 3.89
CA GLU A 67 -0.86 -5.12 4.16
C GLU A 67 -0.70 -3.61 4.07
N MET A 68 -1.65 -2.90 3.51
CA MET A 68 -1.54 -1.45 3.46
C MET A 68 -2.88 -0.76 3.74
N ILE A 69 -2.88 0.23 4.64
CA ILE A 69 -4.05 1.07 4.85
C ILE A 69 -4.20 2.05 3.70
N ARG A 70 -5.44 2.33 3.33
CA ARG A 70 -5.73 3.33 2.31
C ARG A 70 -5.39 4.73 2.87
N ARG A 71 -5.55 5.78 2.08
CA ARG A 71 -5.20 7.13 2.54
C ARG A 71 -6.11 7.58 3.68
N PRO A 72 -5.53 7.76 4.88
CA PRO A 72 -6.29 8.15 6.07
C PRO A 72 -6.64 9.62 6.10
N PHE A 73 -7.39 9.97 7.12
CA PHE A 73 -7.93 11.30 7.27
C PHE A 73 -7.54 11.87 8.62
N ASP A 74 -6.95 13.05 8.57
CA ASP A 74 -6.48 13.72 9.76
C ASP A 74 -6.98 15.14 9.81
N PHE A 75 -7.67 15.47 10.87
CA PHE A 75 -8.17 16.80 11.07
C PHE A 75 -7.65 17.39 12.35
N PRO A 76 -7.92 18.66 12.54
CA PRO A 76 -7.51 19.35 13.71
C PRO A 76 -8.36 18.98 14.86
N ASP A 77 -9.62 18.92 14.55
CA ASP A 77 -10.64 18.72 15.53
C ASP A 77 -10.86 17.25 15.69
N SER A 78 -10.20 16.51 14.85
CA SER A 78 -10.45 15.10 14.77
C SER A 78 -9.36 14.35 14.04
N LYS A 79 -8.97 13.22 14.57
CA LYS A 79 -7.94 12.39 13.98
C LYS A 79 -8.19 10.95 14.25
N GLU A 80 -7.91 10.14 13.26
CA GLU A 80 -8.25 8.74 13.34
C GLU A 80 -7.53 7.94 12.28
N GLY A 81 -7.96 6.71 12.14
CA GLY A 81 -7.33 5.80 11.21
C GLY A 81 -8.20 5.53 10.01
N GLN A 82 -7.79 4.57 9.22
CA GLN A 82 -8.34 4.38 7.90
C GLN A 82 -8.68 2.93 7.65
N VAL A 83 -9.15 2.65 6.45
CA VAL A 83 -9.47 1.33 6.01
C VAL A 83 -8.23 0.74 5.41
N ARG A 84 -8.08 -0.52 5.61
CA ARG A 84 -6.91 -1.16 5.16
C ARG A 84 -7.16 -2.26 4.17
N ALA A 85 -6.22 -2.33 3.27
CA ALA A 85 -6.23 -3.30 2.22
C ALA A 85 -5.12 -4.31 2.43
N ARG A 86 -5.19 -5.37 1.67
CA ARG A 86 -4.17 -6.38 1.72
C ARG A 86 -3.52 -6.40 0.37
N LEU A 87 -2.26 -6.10 0.39
CA LEU A 87 -1.54 -5.78 -0.80
C LEU A 87 -0.56 -6.88 -1.14
N THR A 88 -0.84 -7.58 -2.21
CA THR A 88 -0.16 -8.82 -2.50
C THR A 88 0.77 -8.70 -3.67
N PHE A 89 1.82 -9.51 -3.60
CA PHE A 89 2.80 -9.62 -4.62
C PHE A 89 2.78 -11.01 -5.23
N ASP A 90 2.47 -11.11 -6.51
CA ASP A 90 2.55 -12.41 -7.17
C ASP A 90 3.66 -12.41 -8.21
N GLY A 91 4.74 -13.11 -7.91
CA GLY A 91 5.80 -13.28 -8.87
C GLY A 91 6.83 -12.18 -8.80
N ASP A 92 7.02 -11.49 -9.91
CA ASP A 92 7.98 -10.42 -10.00
C ASP A 92 7.20 -9.15 -10.15
N HIS A 93 5.90 -9.27 -9.93
CA HIS A 93 5.01 -8.15 -10.06
C HIS A 93 3.96 -8.12 -8.98
N LEU A 94 3.36 -6.95 -8.81
CA LEU A 94 2.31 -6.77 -7.83
C LEU A 94 1.09 -7.55 -8.23
N ALA A 95 0.52 -8.20 -7.24
CA ALA A 95 -0.60 -9.06 -7.46
C ALA A 95 -1.90 -8.30 -7.41
N THR A 96 -2.07 -7.53 -6.33
CA THR A 96 -3.30 -6.82 -6.08
C THR A 96 -3.24 -6.13 -4.74
N ILE A 97 -4.29 -5.42 -4.46
CA ILE A 97 -4.48 -4.75 -3.20
C ILE A 97 -5.97 -4.70 -2.92
N VAL A 98 -6.38 -5.23 -1.79
CA VAL A 98 -7.80 -5.35 -1.51
C VAL A 98 -8.18 -4.74 -0.20
N ASN A 99 -9.06 -3.74 -0.20
CA ASN A 99 -9.62 -3.23 1.05
C ASN A 99 -10.34 -4.34 1.75
N MET A 100 -9.60 -4.90 2.67
CA MET A 100 -9.87 -6.15 3.34
C MET A 100 -11.22 -6.18 3.98
N GLU A 101 -11.66 -5.01 4.33
CA GLU A 101 -12.84 -4.86 5.09
C GLU A 101 -14.01 -5.40 4.33
N ASN A 102 -14.00 -5.08 3.07
CA ASN A 102 -15.00 -5.56 2.16
C ASN A 102 -14.45 -6.63 1.24
N ASN A 103 -13.15 -6.58 0.98
CA ASN A 103 -12.50 -7.54 0.09
C ASN A 103 -13.39 -7.90 -1.10
N ARG A 104 -13.85 -6.86 -1.78
CA ARG A 104 -14.76 -7.03 -2.91
C ARG A 104 -13.96 -7.15 -4.20
N GLN A 105 -14.52 -6.66 -5.31
CA GLN A 105 -13.81 -6.66 -6.58
C GLN A 105 -12.74 -5.56 -6.60
N PHE A 106 -12.24 -5.18 -5.42
CA PHE A 106 -11.19 -4.20 -5.32
C PHE A 106 -9.87 -4.83 -5.76
N GLY A 107 -9.79 -6.14 -5.61
CA GLY A 107 -8.61 -6.86 -5.98
C GLY A 107 -8.80 -8.36 -5.83
N PHE A 108 -7.78 -9.10 -6.26
CA PHE A 108 -7.80 -10.57 -6.31
C PHE A 108 -6.36 -11.08 -6.45
N PHE A 109 -5.98 -12.09 -5.67
CA PHE A 109 -4.62 -12.59 -5.71
C PHE A 109 -4.53 -14.09 -5.51
N ARG A 110 -3.53 -14.69 -6.12
CA ARG A 110 -3.20 -16.09 -5.92
C ARG A 110 -1.70 -16.22 -5.74
N LEU A 111 -1.26 -16.70 -4.59
CA LEU A 111 0.17 -16.89 -4.35
C LEU A 111 0.48 -18.35 -4.03
N ASP A 112 1.42 -18.90 -4.78
CA ASP A 112 1.84 -20.28 -4.58
C ASP A 112 3.36 -20.35 -4.40
N PRO A 113 4.18 -19.87 -5.37
CA PRO A 113 5.64 -19.86 -5.23
C PRO A 113 6.09 -19.03 -4.02
N ARG A 114 6.80 -19.68 -3.12
CA ARG A 114 7.32 -19.01 -1.94
C ARG A 114 8.75 -18.56 -2.18
N MET A 1 12.40 11.84 18.64
CA MET A 1 12.11 10.75 17.70
C MET A 1 10.86 9.99 18.14
N GLY A 2 9.95 9.78 17.21
CA GLY A 2 8.73 9.06 17.52
C GLY A 2 7.55 9.54 16.70
N SER A 3 7.76 9.69 15.40
CA SER A 3 6.71 10.09 14.46
C SER A 3 6.18 11.50 14.77
N SER A 4 6.89 12.24 15.61
CA SER A 4 6.42 13.53 16.05
C SER A 4 7.10 14.67 15.29
N HIS A 5 6.44 15.13 14.25
CA HIS A 5 6.94 16.26 13.47
C HIS A 5 5.84 17.28 13.27
N HIS A 6 5.07 17.51 14.33
CA HIS A 6 3.93 18.41 14.26
C HIS A 6 4.37 19.87 14.24
N HIS A 7 5.52 20.15 14.86
CA HIS A 7 6.06 21.50 14.89
C HIS A 7 6.59 21.90 13.51
N HIS A 8 7.28 20.98 12.86
CA HIS A 8 7.82 21.24 11.53
C HIS A 8 6.93 20.59 10.47
N HIS A 9 5.94 21.35 10.00
CA HIS A 9 5.02 20.86 8.99
C HIS A 9 5.75 20.57 7.68
N HIS A 10 5.37 19.48 7.03
CA HIS A 10 5.97 19.10 5.77
C HIS A 10 5.11 19.61 4.61
N SER A 11 5.54 20.70 4.00
CA SER A 11 4.83 21.27 2.87
C SER A 11 5.09 20.49 1.60
N SER A 12 4.19 19.56 1.29
CA SER A 12 4.32 18.71 0.13
C SER A 12 4.07 19.48 -1.16
N GLY A 13 5.15 19.99 -1.74
CA GLY A 13 5.04 20.76 -2.96
C GLY A 13 5.08 19.89 -4.20
N LEU A 14 5.51 20.46 -5.31
CA LEU A 14 5.57 19.73 -6.57
C LEU A 14 6.78 18.82 -6.60
N VAL A 15 7.69 19.02 -5.66
CA VAL A 15 8.84 18.15 -5.52
C VAL A 15 8.61 17.13 -4.41
N PRO A 16 8.61 15.83 -4.76
CA PRO A 16 8.38 14.75 -3.80
C PRO A 16 9.63 14.46 -2.97
N ARG A 17 10.70 15.16 -3.28
CA ARG A 17 11.97 14.99 -2.58
C ARG A 17 12.17 16.11 -1.57
N GLY A 18 12.38 15.73 -0.32
CA GLY A 18 12.63 16.71 0.72
C GLY A 18 11.35 17.33 1.25
N SER A 19 10.72 18.17 0.44
CA SER A 19 9.51 18.86 0.84
C SER A 19 8.28 18.01 0.59
N HIS A 20 7.99 17.12 1.54
CA HIS A 20 6.84 16.23 1.43
C HIS A 20 6.58 15.56 2.78
N MET A 21 5.32 15.33 3.09
CA MET A 21 4.94 14.67 4.32
C MET A 21 5.14 13.16 4.20
N GLY A 22 5.06 12.68 2.97
CA GLY A 22 5.25 11.28 2.70
C GLY A 22 4.91 10.94 1.26
N ARG A 23 3.92 10.09 1.07
CA ARG A 23 3.44 9.78 -0.26
C ARG A 23 1.94 9.96 -0.31
N MET A 24 1.44 10.52 -1.40
CA MET A 24 0.03 10.84 -1.53
C MET A 24 -0.51 10.21 -2.78
N VAL A 25 0.18 9.19 -3.19
CA VAL A 25 -0.26 8.36 -4.27
C VAL A 25 -0.73 7.02 -3.71
N ASN A 26 -1.88 6.57 -4.17
CA ASN A 26 -2.46 5.31 -3.71
C ASN A 26 -1.65 4.14 -4.24
N LEU A 27 -1.36 3.17 -3.37
CA LEU A 27 -0.64 1.98 -3.77
C LEU A 27 -1.56 1.07 -4.54
N GLU A 28 -1.11 0.59 -5.69
CA GLU A 28 -1.96 -0.15 -6.60
C GLU A 28 -1.09 -0.94 -7.52
N PRO A 29 -1.60 -2.00 -8.16
CA PRO A 29 -0.80 -2.62 -9.15
C PRO A 29 -1.02 -2.04 -10.55
N ASP A 30 -0.08 -1.19 -10.90
CA ASP A 30 0.51 -1.09 -12.21
C ASP A 30 1.92 -1.58 -11.98
N MET A 31 2.14 -1.75 -10.67
CA MET A 31 3.43 -2.00 -10.09
C MET A 31 3.86 -3.44 -10.31
N THR A 32 5.14 -3.60 -10.58
CA THR A 32 5.72 -4.92 -10.74
C THR A 32 6.92 -5.03 -9.82
N ILE A 33 6.71 -5.72 -8.73
CA ILE A 33 7.71 -5.83 -7.70
C ILE A 33 7.85 -7.25 -7.22
N SER A 34 8.84 -7.45 -6.40
CA SER A 34 9.21 -8.78 -5.96
C SER A 34 9.21 -8.85 -4.43
N LYS A 35 9.48 -10.03 -3.91
CA LYS A 35 9.47 -10.26 -2.46
C LYS A 35 10.32 -9.23 -1.71
N ASN A 36 11.53 -9.00 -2.17
CA ASN A 36 12.42 -8.03 -1.54
C ASN A 36 12.12 -6.64 -2.06
N GLU A 37 11.45 -6.56 -3.21
CA GLU A 37 11.19 -5.29 -3.78
C GLU A 37 10.20 -4.56 -2.95
N MET A 38 9.42 -5.28 -2.21
CA MET A 38 8.50 -4.63 -1.35
C MET A 38 9.17 -4.27 -0.05
N VAL A 39 10.15 -5.07 0.31
CA VAL A 39 10.85 -4.91 1.56
C VAL A 39 11.53 -3.56 1.66
N LYS A 40 11.97 -3.11 0.53
CA LYS A 40 12.45 -1.77 0.41
C LYS A 40 11.29 -0.80 0.32
N LEU A 41 10.26 -1.17 -0.45
CA LEU A 41 9.15 -0.29 -0.74
C LEU A 41 8.41 0.12 0.45
N LEU A 42 8.19 -0.73 1.42
CA LEU A 42 7.51 -0.21 2.57
C LEU A 42 8.37 0.88 3.19
N GLU A 43 9.67 0.66 3.23
CA GLU A 43 10.61 1.62 3.77
C GLU A 43 10.66 2.80 2.87
N ALA A 44 10.41 2.49 1.62
CA ALA A 44 10.51 3.40 0.54
C ALA A 44 9.20 4.19 0.40
N THR A 45 8.22 3.78 1.19
CA THR A 45 6.90 4.35 1.10
C THR A 45 6.50 4.91 2.46
N GLN A 46 7.42 4.75 3.41
CA GLN A 46 7.29 5.18 4.79
C GLN A 46 6.41 4.25 5.62
N TYR A 47 6.72 2.99 5.55
CA TYR A 47 6.00 1.96 6.22
C TYR A 47 6.98 0.83 6.51
N ARG A 48 6.81 0.18 7.61
CA ARG A 48 7.72 -0.85 8.02
C ARG A 48 6.87 -1.93 8.67
N GLN A 49 7.37 -3.15 8.81
CA GLN A 49 6.55 -4.21 9.39
C GLN A 49 5.97 -3.80 10.71
N VAL A 50 4.94 -4.51 11.08
CA VAL A 50 4.16 -4.09 12.19
C VAL A 50 3.54 -5.28 12.93
N SER A 51 3.29 -5.09 14.22
CA SER A 51 2.56 -6.05 15.02
C SER A 51 1.17 -6.29 14.49
N LYS A 52 0.48 -5.19 14.28
CA LYS A 52 -0.88 -5.20 13.81
C LYS A 52 -1.17 -3.90 13.15
N MET A 53 -1.41 -3.96 11.88
CA MET A 53 -1.45 -2.78 11.09
C MET A 53 -2.80 -2.11 11.18
N THR A 54 -2.79 -1.01 11.89
CA THR A 54 -3.86 -0.07 11.77
C THR A 54 -3.35 1.27 12.21
N ARG A 55 -2.97 2.03 11.22
CA ARG A 55 -2.53 3.38 11.39
C ARG A 55 -2.82 4.13 10.12
N PRO A 56 -2.70 5.46 10.11
CA PRO A 56 -2.57 6.13 8.85
C PRO A 56 -1.12 6.04 8.37
N GLY A 57 -0.90 5.28 7.31
CA GLY A 57 0.41 5.24 6.69
C GLY A 57 1.43 4.38 7.44
N GLU A 58 0.94 3.36 8.16
CA GLU A 58 1.82 2.35 8.77
C GLU A 58 1.17 1.01 8.58
N PHE A 59 1.90 0.04 8.08
CA PHE A 59 1.27 -1.17 7.60
C PHE A 59 2.00 -2.40 8.12
N THR A 60 1.50 -3.59 7.82
CA THR A 60 2.15 -4.81 8.26
C THR A 60 2.71 -5.61 7.10
N VAL A 61 3.89 -6.13 7.35
CA VAL A 61 4.63 -6.91 6.38
C VAL A 61 4.45 -8.41 6.65
N GLN A 62 4.34 -9.21 5.60
CA GLN A 62 4.23 -10.66 5.77
C GLN A 62 5.27 -11.39 4.91
N ALA A 63 4.98 -11.57 3.62
CA ALA A 63 5.90 -12.30 2.74
C ALA A 63 5.61 -12.01 1.27
N ASN A 64 4.71 -12.79 0.69
CA ASN A 64 4.30 -12.59 -0.70
C ASN A 64 3.21 -11.58 -0.76
N SER A 65 2.79 -11.14 0.40
CA SER A 65 1.84 -10.08 0.45
C SER A 65 2.16 -9.14 1.62
N ILE A 66 1.88 -7.88 1.42
CA ILE A 66 1.92 -6.90 2.49
C ILE A 66 0.48 -6.56 2.83
N GLU A 67 0.26 -5.85 3.91
CA GLU A 67 -1.01 -5.24 4.13
C GLU A 67 -0.79 -3.75 4.11
N MET A 68 -1.64 -2.99 3.44
CA MET A 68 -1.45 -1.54 3.40
C MET A 68 -2.76 -0.79 3.64
N ILE A 69 -2.75 0.14 4.60
CA ILE A 69 -3.89 1.01 4.81
C ILE A 69 -4.08 1.89 3.58
N ARG A 70 -5.24 1.81 2.99
CA ARG A 70 -5.53 2.55 1.78
C ARG A 70 -5.91 3.98 2.13
N ARG A 71 -5.71 4.89 1.19
CA ARG A 71 -6.10 6.28 1.38
C ARG A 71 -7.59 6.36 1.66
N PRO A 72 -7.99 7.11 2.71
CA PRO A 72 -9.39 7.25 3.08
C PRO A 72 -10.26 7.73 1.93
N PHE A 73 -11.52 7.39 1.99
CA PHE A 73 -12.45 7.71 0.92
C PHE A 73 -13.80 8.14 1.45
N ASP A 74 -14.50 8.87 0.61
CA ASP A 74 -15.81 9.39 0.92
C ASP A 74 -16.79 9.06 -0.19
N PHE A 75 -17.93 8.54 0.17
CA PHE A 75 -18.96 8.23 -0.77
C PHE A 75 -20.21 9.00 -0.46
N PRO A 76 -21.16 8.97 -1.38
CA PRO A 76 -22.37 9.69 -1.22
C PRO A 76 -23.26 8.98 -0.26
N ASP A 77 -23.29 7.69 -0.46
CA ASP A 77 -24.18 6.86 0.26
C ASP A 77 -23.50 6.36 1.50
N SER A 78 -22.26 6.76 1.62
CA SER A 78 -21.43 6.23 2.68
C SER A 78 -20.18 7.06 2.90
N LYS A 79 -19.84 7.29 4.15
CA LYS A 79 -18.66 8.07 4.47
C LYS A 79 -17.99 7.59 5.72
N GLU A 80 -16.69 7.53 5.66
CA GLU A 80 -15.92 6.93 6.70
C GLU A 80 -14.47 7.41 6.65
N GLY A 81 -13.62 6.74 7.40
CA GLY A 81 -12.27 7.21 7.57
C GLY A 81 -11.26 6.37 6.84
N GLN A 82 -10.30 5.85 7.59
CA GLN A 82 -9.23 5.07 7.01
C GLN A 82 -9.69 3.65 6.79
N VAL A 83 -9.09 3.04 5.81
CA VAL A 83 -9.38 1.68 5.44
C VAL A 83 -8.09 0.99 5.15
N ARG A 84 -8.04 -0.27 5.40
CA ARG A 84 -6.85 -0.98 5.06
C ARG A 84 -7.09 -2.09 4.09
N ALA A 85 -6.12 -2.22 3.24
CA ALA A 85 -6.16 -3.18 2.17
C ALA A 85 -5.06 -4.21 2.35
N ARG A 86 -5.16 -5.28 1.59
CA ARG A 86 -4.17 -6.31 1.64
C ARG A 86 -3.54 -6.39 0.30
N LEU A 87 -2.26 -6.16 0.30
CA LEU A 87 -1.55 -5.85 -0.88
C LEU A 87 -0.58 -6.98 -1.21
N THR A 88 -0.82 -7.64 -2.31
CA THR A 88 -0.14 -8.87 -2.60
C THR A 88 0.83 -8.74 -3.74
N PHE A 89 1.86 -9.57 -3.68
CA PHE A 89 2.89 -9.60 -4.68
C PHE A 89 2.91 -10.92 -5.48
N ASP A 90 2.41 -10.88 -6.71
CA ASP A 90 2.39 -12.07 -7.57
C ASP A 90 3.67 -12.18 -8.40
N GLY A 91 4.60 -12.95 -7.90
CA GLY A 91 5.82 -13.20 -8.66
C GLY A 91 6.84 -12.10 -8.52
N ASP A 92 7.11 -11.44 -9.63
CA ASP A 92 8.11 -10.39 -9.67
C ASP A 92 7.38 -9.11 -9.86
N HIS A 93 6.07 -9.21 -9.75
CA HIS A 93 5.20 -8.07 -9.92
C HIS A 93 4.11 -8.05 -8.88
N LEU A 94 3.53 -6.88 -8.71
CA LEU A 94 2.43 -6.71 -7.77
C LEU A 94 1.22 -7.48 -8.22
N ALA A 95 0.60 -8.12 -7.26
CA ALA A 95 -0.51 -8.97 -7.51
C ALA A 95 -1.82 -8.21 -7.44
N THR A 96 -2.01 -7.53 -6.33
CA THR A 96 -3.25 -6.84 -6.05
C THR A 96 -3.16 -6.09 -4.74
N ILE A 97 -4.23 -5.40 -4.44
CA ILE A 97 -4.39 -4.66 -3.21
C ILE A 97 -5.89 -4.62 -2.94
N VAL A 98 -6.31 -5.07 -1.79
CA VAL A 98 -7.73 -5.28 -1.53
C VAL A 98 -8.18 -4.61 -0.26
N ASN A 99 -9.19 -3.74 -0.36
CA ASN A 99 -9.80 -3.17 0.84
C ASN A 99 -10.37 -4.31 1.66
N MET A 100 -9.57 -4.69 2.65
CA MET A 100 -9.75 -5.88 3.44
C MET A 100 -11.06 -5.92 4.15
N GLU A 101 -11.66 -4.78 4.22
CA GLU A 101 -12.88 -4.65 4.90
C GLU A 101 -13.99 -5.29 4.11
N ASN A 102 -13.94 -5.06 2.83
CA ASN A 102 -14.90 -5.63 1.90
C ASN A 102 -14.32 -6.83 1.15
N ASN A 103 -13.00 -6.81 0.99
CA ASN A 103 -12.23 -7.88 0.37
C ASN A 103 -12.86 -8.50 -0.89
N ARG A 104 -13.63 -7.70 -1.62
CA ARG A 104 -14.22 -8.17 -2.87
C ARG A 104 -14.17 -7.08 -3.93
N GLN A 105 -14.87 -5.98 -3.68
CA GLN A 105 -14.95 -4.88 -4.63
C GLN A 105 -13.69 -4.03 -4.58
N PHE A 106 -12.58 -4.65 -4.97
CA PHE A 106 -11.28 -4.00 -5.02
C PHE A 106 -10.22 -5.00 -5.48
N GLY A 107 -10.54 -6.28 -5.30
CA GLY A 107 -9.65 -7.33 -5.76
C GLY A 107 -9.79 -8.60 -4.95
N PHE A 108 -8.75 -9.42 -4.98
CA PHE A 108 -8.70 -10.67 -4.22
C PHE A 108 -7.25 -11.14 -4.13
N PHE A 109 -6.89 -11.79 -3.03
CA PHE A 109 -5.50 -12.13 -2.78
C PHE A 109 -5.25 -13.64 -2.87
N ARG A 110 -4.69 -14.07 -3.99
CA ARG A 110 -4.33 -15.46 -4.19
C ARG A 110 -2.92 -15.56 -4.80
N LEU A 111 -2.04 -16.32 -4.15
CA LEU A 111 -0.67 -16.49 -4.64
C LEU A 111 -0.27 -17.95 -4.67
N ASP A 112 0.18 -18.39 -5.83
CA ASP A 112 0.77 -19.71 -5.99
C ASP A 112 2.01 -19.57 -6.86
N PRO A 113 3.09 -19.02 -6.31
CA PRO A 113 4.30 -18.66 -7.05
C PRO A 113 5.05 -19.86 -7.63
N ARG A 114 4.58 -20.35 -8.76
CA ARG A 114 5.24 -21.42 -9.51
C ARG A 114 5.45 -22.65 -8.65
N MET A 1 8.92 15.73 -22.06
CA MET A 1 10.02 15.08 -21.30
C MET A 1 10.89 16.12 -20.65
N GLY A 2 10.42 16.67 -19.53
CA GLY A 2 11.13 17.74 -18.86
C GLY A 2 12.48 17.29 -18.31
N SER A 3 12.54 16.08 -17.82
CA SER A 3 13.76 15.56 -17.23
C SER A 3 14.29 14.38 -18.04
N SER A 4 15.04 14.69 -19.09
CA SER A 4 15.63 13.67 -19.93
C SER A 4 16.82 13.01 -19.24
N HIS A 5 16.58 11.86 -18.63
CA HIS A 5 17.61 11.13 -17.92
C HIS A 5 18.55 10.44 -18.90
N HIS A 6 19.82 10.79 -18.84
CA HIS A 6 20.83 10.20 -19.71
C HIS A 6 21.42 8.95 -19.06
N HIS A 7 20.67 7.86 -19.10
CA HIS A 7 21.09 6.59 -18.52
C HIS A 7 21.38 6.72 -17.03
N HIS A 8 20.33 6.93 -16.25
CA HIS A 8 20.45 6.99 -14.80
C HIS A 8 19.46 6.04 -14.15
N HIS A 9 19.95 5.22 -13.23
CA HIS A 9 19.12 4.22 -12.59
C HIS A 9 18.57 4.75 -11.27
N HIS A 10 18.00 3.87 -10.45
CA HIS A 10 17.50 4.24 -9.13
C HIS A 10 18.60 4.91 -8.34
N SER A 11 18.42 6.19 -8.03
CA SER A 11 19.43 6.95 -7.32
C SER A 11 18.94 7.31 -5.92
N SER A 12 18.92 6.33 -5.04
CA SER A 12 18.49 6.55 -3.67
C SER A 12 19.54 7.35 -2.91
N GLY A 13 19.06 8.29 -2.10
CA GLY A 13 19.97 9.11 -1.31
C GLY A 13 20.27 10.44 -1.97
N LEU A 14 20.87 10.40 -3.16
CA LEU A 14 21.30 11.61 -3.87
C LEU A 14 20.12 12.25 -4.61
N VAL A 15 19.01 12.41 -3.92
CA VAL A 15 17.83 13.03 -4.47
C VAL A 15 17.20 14.00 -3.47
N PRO A 16 17.58 15.28 -3.57
CA PRO A 16 17.03 16.34 -2.71
C PRO A 16 15.53 16.48 -2.87
N ARG A 17 15.09 16.67 -4.12
CA ARG A 17 13.68 16.78 -4.43
C ARG A 17 13.32 15.85 -5.58
N GLY A 18 13.20 14.56 -5.26
CA GLY A 18 12.90 13.58 -6.29
C GLY A 18 12.49 12.24 -5.70
N SER A 19 12.43 11.23 -6.56
CA SER A 19 12.06 9.87 -6.15
C SER A 19 10.71 9.86 -5.45
N HIS A 20 9.71 10.48 -6.08
CA HIS A 20 8.36 10.52 -5.52
C HIS A 20 7.37 9.91 -6.50
N MET A 21 7.86 9.00 -7.32
CA MET A 21 7.03 8.32 -8.31
C MET A 21 7.17 6.82 -8.18
N GLY A 22 6.11 6.09 -8.47
CA GLY A 22 6.16 4.65 -8.42
C GLY A 22 5.03 4.07 -7.59
N ARG A 23 3.82 4.59 -7.80
CA ARG A 23 2.63 4.13 -7.08
C ARG A 23 2.79 4.30 -5.57
N MET A 24 3.30 5.46 -5.16
CA MET A 24 3.54 5.71 -3.74
C MET A 24 2.61 6.78 -3.27
N VAL A 25 1.65 7.05 -4.11
CA VAL A 25 0.55 7.92 -3.77
C VAL A 25 -0.76 7.15 -3.87
N ASN A 26 -0.83 6.27 -4.87
CA ASN A 26 -1.95 5.37 -5.03
C ASN A 26 -1.42 3.96 -5.26
N LEU A 27 -1.12 3.26 -4.17
CA LEU A 27 -0.63 1.91 -4.26
C LEU A 27 -1.70 1.01 -4.85
N GLU A 28 -1.33 0.32 -5.91
CA GLU A 28 -2.26 -0.44 -6.69
C GLU A 28 -1.44 -1.14 -7.75
N PRO A 29 -1.88 -2.26 -8.32
CA PRO A 29 -1.08 -2.81 -9.37
C PRO A 29 -1.37 -2.15 -10.71
N ASP A 30 -0.45 -1.28 -11.05
CA ASP A 30 0.07 -1.10 -12.38
C ASP A 30 1.48 -1.59 -12.23
N MET A 31 1.70 -2.07 -11.01
CA MET A 31 2.99 -2.30 -10.43
C MET A 31 3.42 -3.74 -10.60
N THR A 32 4.68 -3.89 -10.90
CA THR A 32 5.30 -5.19 -10.99
C THR A 32 6.53 -5.21 -10.14
N ILE A 33 6.40 -5.84 -8.99
CA ILE A 33 7.45 -5.84 -8.04
C ILE A 33 7.72 -7.25 -7.54
N SER A 34 8.77 -7.37 -6.80
CA SER A 34 9.29 -8.66 -6.41
C SER A 34 9.29 -8.76 -4.89
N LYS A 35 9.69 -9.92 -4.37
CA LYS A 35 9.72 -10.13 -2.93
C LYS A 35 10.49 -9.02 -2.21
N ASN A 36 11.67 -8.69 -2.72
CA ASN A 36 12.51 -7.69 -2.10
C ASN A 36 12.11 -6.32 -2.56
N GLU A 37 11.37 -6.24 -3.66
CA GLU A 37 10.99 -4.97 -4.18
C GLU A 37 10.00 -4.31 -3.28
N MET A 38 9.33 -5.08 -2.49
CA MET A 38 8.42 -4.50 -1.54
C MET A 38 9.16 -4.19 -0.27
N VAL A 39 10.19 -4.94 -0.03
CA VAL A 39 10.99 -4.84 1.17
C VAL A 39 11.66 -3.51 1.26
N LYS A 40 11.98 -2.96 0.13
CA LYS A 40 12.45 -1.61 0.05
C LYS A 40 11.28 -0.67 0.14
N LEU A 41 10.19 -1.00 -0.54
CA LEU A 41 9.05 -0.15 -0.65
C LEU A 41 8.45 0.24 0.64
N LEU A 42 8.34 -0.64 1.60
CA LEU A 42 7.81 -0.17 2.84
C LEU A 42 8.75 0.89 3.42
N GLU A 43 10.05 0.66 3.29
CA GLU A 43 11.05 1.58 3.75
C GLU A 43 10.94 2.85 2.93
N ALA A 44 10.54 2.61 1.70
CA ALA A 44 10.55 3.60 0.65
C ALA A 44 9.24 4.37 0.63
N THR A 45 8.30 3.90 1.45
CA THR A 45 6.97 4.46 1.47
C THR A 45 6.67 4.97 2.87
N GLN A 46 7.67 4.81 3.73
CA GLN A 46 7.61 5.16 5.14
C GLN A 46 6.64 4.28 5.90
N TYR A 47 6.88 2.99 5.82
CA TYR A 47 6.10 1.99 6.47
C TYR A 47 7.02 0.85 6.79
N ARG A 48 6.76 0.20 7.87
CA ARG A 48 7.63 -0.84 8.32
C ARG A 48 6.78 -1.90 8.98
N GLN A 49 7.31 -3.11 9.10
CA GLN A 49 6.56 -4.20 9.69
C GLN A 49 5.86 -3.82 10.95
N VAL A 50 4.73 -4.44 11.15
CA VAL A 50 3.89 -4.07 12.21
C VAL A 50 3.28 -5.28 12.92
N SER A 51 2.99 -5.10 14.19
CA SER A 51 2.28 -6.09 14.99
C SER A 51 0.92 -6.37 14.41
N LYS A 52 0.21 -5.30 14.17
CA LYS A 52 -1.12 -5.37 13.64
C LYS A 52 -1.44 -4.07 12.98
N MET A 53 -1.66 -4.16 11.71
CA MET A 53 -1.71 -3.00 10.89
C MET A 53 -3.03 -2.28 11.03
N THR A 54 -2.99 -1.23 11.77
CA THR A 54 -4.01 -0.24 11.70
C THR A 54 -3.46 1.06 12.22
N ARG A 55 -3.03 1.86 11.28
CA ARG A 55 -2.62 3.21 11.52
C ARG A 55 -2.87 3.98 10.25
N PRO A 56 -2.80 5.29 10.25
CA PRO A 56 -2.67 5.98 9.00
C PRO A 56 -1.20 5.95 8.55
N GLY A 57 -0.94 5.23 7.48
CA GLY A 57 0.38 5.25 6.87
C GLY A 57 1.39 4.32 7.52
N GLU A 58 0.90 3.32 8.25
CA GLU A 58 1.77 2.28 8.83
C GLU A 58 1.12 0.95 8.62
N PHE A 59 1.87 -0.02 8.13
CA PHE A 59 1.24 -1.24 7.61
C PHE A 59 1.96 -2.46 8.13
N THR A 60 1.46 -3.64 7.80
CA THR A 60 2.09 -4.86 8.26
C THR A 60 2.73 -5.62 7.12
N VAL A 61 3.89 -6.14 7.42
CA VAL A 61 4.67 -6.92 6.48
C VAL A 61 4.53 -8.41 6.75
N GLN A 62 4.21 -9.19 5.72
CA GLN A 62 4.10 -10.64 5.86
C GLN A 62 5.21 -11.35 5.08
N ALA A 63 5.04 -11.46 3.76
CA ALA A 63 6.05 -12.12 2.90
C ALA A 63 5.75 -11.88 1.42
N ASN A 64 4.83 -12.67 0.87
CA ASN A 64 4.40 -12.51 -0.52
C ASN A 64 3.29 -11.50 -0.59
N SER A 65 2.89 -11.01 0.55
CA SER A 65 1.92 -9.96 0.59
C SER A 65 2.21 -9.01 1.75
N ILE A 66 1.95 -7.73 1.53
CA ILE A 66 1.98 -6.74 2.58
C ILE A 66 0.54 -6.35 2.88
N GLU A 67 0.30 -5.63 3.94
CA GLU A 67 -1.04 -5.13 4.18
C GLU A 67 -1.01 -3.63 4.37
N MET A 68 -1.55 -2.88 3.43
CA MET A 68 -1.37 -1.45 3.40
C MET A 68 -2.68 -0.71 3.66
N ILE A 69 -2.66 0.16 4.67
CA ILE A 69 -3.78 1.04 4.93
C ILE A 69 -3.94 2.03 3.80
N ARG A 70 -5.06 1.92 3.11
CA ARG A 70 -5.35 2.81 1.99
C ARG A 70 -5.63 4.21 2.51
N ARG A 71 -5.26 5.21 1.72
CA ARG A 71 -5.50 6.59 2.09
C ARG A 71 -6.99 6.84 2.30
N PRO A 72 -7.37 7.31 3.51
CA PRO A 72 -8.78 7.53 3.87
C PRO A 72 -9.55 8.34 2.85
N PHE A 73 -10.85 8.11 2.83
CA PHE A 73 -11.72 8.70 1.85
C PHE A 73 -13.10 8.99 2.41
N ASP A 74 -13.78 9.92 1.76
CA ASP A 74 -15.12 10.32 2.13
C ASP A 74 -16.01 10.32 0.92
N PHE A 75 -17.18 9.74 1.06
CA PHE A 75 -18.12 9.66 -0.01
C PHE A 75 -19.41 10.35 0.34
N PRO A 76 -20.26 10.53 -0.65
CA PRO A 76 -21.50 11.16 -0.48
C PRO A 76 -22.47 10.26 0.20
N ASP A 77 -22.43 9.05 -0.28
CA ASP A 77 -23.36 8.06 0.15
C ASP A 77 -22.79 7.30 1.31
N SER A 78 -21.58 7.67 1.64
CA SER A 78 -20.84 6.93 2.64
C SER A 78 -19.65 7.69 3.16
N LYS A 79 -19.39 7.60 4.45
CA LYS A 79 -18.25 8.28 5.02
C LYS A 79 -17.64 7.48 6.14
N GLU A 80 -16.35 7.64 6.27
CA GLU A 80 -15.57 6.84 7.17
C GLU A 80 -14.16 7.41 7.27
N GLY A 81 -13.28 6.65 7.86
CA GLY A 81 -11.94 7.14 8.12
C GLY A 81 -10.89 6.37 7.35
N GLN A 82 -9.96 5.77 8.07
CA GLN A 82 -8.90 5.01 7.46
C GLN A 82 -9.42 3.65 7.06
N VAL A 83 -8.85 3.13 6.02
CA VAL A 83 -9.18 1.83 5.51
C VAL A 83 -7.92 1.12 5.17
N ARG A 84 -7.91 -0.16 5.30
CA ARG A 84 -6.74 -0.90 4.93
C ARG A 84 -7.03 -1.92 3.86
N ALA A 85 -6.05 -2.07 3.02
CA ALA A 85 -6.11 -3.02 1.94
C ALA A 85 -4.99 -4.04 2.10
N ARG A 86 -5.13 -5.17 1.44
CA ARG A 86 -4.13 -6.20 1.53
C ARG A 86 -3.42 -6.27 0.21
N LEU A 87 -2.15 -6.01 0.29
CA LEU A 87 -1.37 -5.72 -0.86
C LEU A 87 -0.45 -6.90 -1.15
N THR A 88 -0.80 -7.66 -2.15
CA THR A 88 -0.13 -8.92 -2.40
C THR A 88 0.82 -8.84 -3.57
N PHE A 89 1.86 -9.63 -3.48
CA PHE A 89 2.88 -9.69 -4.49
C PHE A 89 2.93 -11.06 -5.18
N ASP A 90 2.49 -11.11 -6.42
CA ASP A 90 2.48 -12.38 -7.18
C ASP A 90 3.68 -12.45 -8.11
N GLY A 91 4.72 -13.13 -7.67
CA GLY A 91 5.86 -13.36 -8.53
C GLY A 91 6.87 -12.23 -8.53
N ASP A 92 7.00 -11.59 -9.69
CA ASP A 92 7.96 -10.53 -9.88
C ASP A 92 7.18 -9.27 -10.05
N HIS A 93 5.89 -9.42 -9.82
CA HIS A 93 4.96 -8.33 -9.99
C HIS A 93 3.94 -8.30 -8.88
N LEU A 94 3.33 -7.14 -8.75
CA LEU A 94 2.29 -6.95 -7.77
C LEU A 94 1.07 -7.74 -8.13
N ALA A 95 0.57 -8.45 -7.14
CA ALA A 95 -0.56 -9.29 -7.31
C ALA A 95 -1.83 -8.48 -7.29
N THR A 96 -1.97 -7.70 -6.23
CA THR A 96 -3.14 -6.91 -6.01
C THR A 96 -3.05 -6.16 -4.72
N ILE A 97 -4.07 -5.37 -4.47
CA ILE A 97 -4.25 -4.64 -3.26
C ILE A 97 -5.72 -4.59 -3.00
N VAL A 98 -6.15 -5.18 -1.91
CA VAL A 98 -7.56 -5.36 -1.69
C VAL A 98 -8.07 -4.61 -0.49
N ASN A 99 -9.07 -3.76 -0.72
CA ASN A 99 -9.74 -3.06 0.37
C ASN A 99 -10.38 -4.09 1.28
N MET A 100 -9.61 -4.45 2.27
CA MET A 100 -9.79 -5.63 3.09
C MET A 100 -11.11 -5.66 3.80
N GLU A 101 -11.69 -4.52 3.91
CA GLU A 101 -12.90 -4.39 4.60
C GLU A 101 -14.02 -5.00 3.80
N ASN A 102 -13.97 -4.73 2.53
CA ASN A 102 -14.93 -5.28 1.61
C ASN A 102 -14.36 -6.48 0.90
N ASN A 103 -13.04 -6.50 0.68
CA ASN A 103 -12.37 -7.60 0.01
C ASN A 103 -13.22 -8.20 -1.13
N ARG A 104 -13.86 -7.31 -1.88
CA ARG A 104 -14.85 -7.69 -2.87
C ARG A 104 -14.28 -7.54 -4.28
N GLN A 105 -13.67 -8.61 -4.76
CA GLN A 105 -13.09 -8.65 -6.10
C GLN A 105 -12.08 -7.53 -6.32
N PHE A 106 -11.47 -7.04 -5.25
CA PHE A 106 -10.48 -5.97 -5.37
C PHE A 106 -9.13 -6.57 -5.78
N GLY A 107 -9.10 -7.90 -6.01
CA GLY A 107 -7.92 -8.50 -6.58
C GLY A 107 -7.37 -9.69 -5.82
N PHE A 108 -7.95 -10.00 -4.66
CA PHE A 108 -7.46 -11.08 -3.81
C PHE A 108 -7.40 -12.43 -4.55
N PHE A 109 -6.21 -13.01 -4.58
CA PHE A 109 -5.98 -14.33 -5.16
C PHE A 109 -4.91 -15.05 -4.35
N ARG A 110 -4.70 -16.33 -4.63
CA ARG A 110 -3.73 -17.12 -3.88
C ARG A 110 -2.37 -17.14 -4.58
N LEU A 111 -1.32 -16.99 -3.79
CA LEU A 111 0.05 -17.05 -4.28
C LEU A 111 0.55 -18.49 -4.25
N ASP A 112 1.52 -18.79 -5.12
CA ASP A 112 2.12 -20.12 -5.17
C ASP A 112 1.08 -21.19 -5.50
N PRO A 113 0.71 -21.31 -6.78
CA PRO A 113 -0.28 -22.29 -7.23
C PRO A 113 0.21 -23.73 -7.10
N ARG A 114 1.47 -23.95 -7.45
CA ARG A 114 2.04 -25.29 -7.42
C ARG A 114 3.52 -25.22 -7.07
N MET A 1 38.09 27.04 16.27
CA MET A 1 37.21 28.13 16.75
C MET A 1 37.16 28.16 18.27
N GLY A 2 37.89 27.25 18.91
CA GLY A 2 37.89 27.19 20.35
C GLY A 2 36.61 26.59 20.89
N SER A 3 36.12 27.13 22.00
CA SER A 3 34.91 26.62 22.63
C SER A 3 33.71 27.48 22.23
N SER A 4 33.19 27.23 21.04
CA SER A 4 32.06 28.00 20.54
C SER A 4 30.74 27.27 20.77
N HIS A 5 30.57 26.11 20.14
CA HIS A 5 29.32 25.35 20.24
C HIS A 5 29.62 23.86 20.36
N HIS A 6 30.44 23.34 19.45
CA HIS A 6 30.75 21.91 19.39
C HIS A 6 29.48 21.10 19.08
N HIS A 7 29.28 20.80 17.80
CA HIS A 7 28.12 20.03 17.37
C HIS A 7 28.22 18.60 17.91
N HIS A 8 27.07 17.97 18.08
CA HIS A 8 27.02 16.59 18.52
C HIS A 8 27.46 15.68 17.39
N HIS A 9 28.29 14.71 17.68
CA HIS A 9 28.84 13.83 16.66
C HIS A 9 27.82 12.78 16.25
N HIS A 10 26.92 13.15 15.34
CA HIS A 10 25.93 12.21 14.84
C HIS A 10 26.50 11.43 13.67
N SER A 11 26.20 10.15 13.62
CA SER A 11 26.65 9.29 12.54
C SER A 11 25.45 8.76 11.75
N SER A 12 24.28 9.33 12.03
CA SER A 12 23.06 8.93 11.37
C SER A 12 22.65 9.95 10.31
N GLY A 13 23.63 10.51 9.63
CA GLY A 13 23.36 11.53 8.62
C GLY A 13 23.07 10.93 7.26
N LEU A 14 22.17 9.95 7.23
CA LEU A 14 21.78 9.33 5.99
C LEU A 14 20.66 10.13 5.35
N VAL A 15 20.92 10.68 4.18
CA VAL A 15 19.93 11.44 3.45
C VAL A 15 19.41 10.63 2.25
N PRO A 16 18.10 10.37 2.20
CA PRO A 16 17.47 9.67 1.08
C PRO A 16 17.43 10.54 -0.18
N ARG A 17 18.54 10.59 -0.89
CA ARG A 17 18.64 11.36 -2.13
C ARG A 17 17.98 10.61 -3.27
N GLY A 18 18.22 9.31 -3.30
CA GLY A 18 17.62 8.46 -4.31
C GLY A 18 16.65 7.47 -3.69
N SER A 19 15.83 6.84 -4.53
CA SER A 19 14.83 5.89 -4.07
C SER A 19 13.83 6.58 -3.14
N HIS A 20 13.10 5.79 -2.35
CA HIS A 20 12.20 6.34 -1.34
C HIS A 20 11.08 7.16 -1.99
N MET A 21 10.16 6.47 -2.64
CA MET A 21 9.06 7.12 -3.34
C MET A 21 8.12 7.85 -2.38
N GLY A 22 7.83 7.23 -1.24
CA GLY A 22 6.90 7.81 -0.31
C GLY A 22 5.48 7.79 -0.85
N ARG A 23 4.93 6.59 -0.98
CA ARG A 23 3.62 6.41 -1.59
C ARG A 23 2.53 6.73 -0.57
N MET A 24 1.63 7.65 -0.91
CA MET A 24 0.56 8.03 -0.03
C MET A 24 -0.71 8.18 -0.83
N VAL A 25 -0.72 7.46 -1.91
CA VAL A 25 -1.85 7.43 -2.79
C VAL A 25 -2.38 5.99 -2.86
N ASN A 26 -3.56 5.81 -3.44
CA ASN A 26 -4.19 4.50 -3.55
C ASN A 26 -3.26 3.50 -4.22
N LEU A 27 -2.72 2.58 -3.43
CA LEU A 27 -1.77 1.59 -3.93
C LEU A 27 -2.51 0.47 -4.64
N GLU A 28 -2.41 0.46 -5.96
CA GLU A 28 -2.91 -0.62 -6.81
C GLU A 28 -2.64 -0.28 -8.27
N PRO A 29 -1.37 -0.06 -8.62
CA PRO A 29 -0.96 0.23 -9.98
C PRO A 29 -0.64 -1.04 -10.73
N ASP A 30 -0.28 -0.89 -11.99
CA ASP A 30 0.24 -1.99 -12.80
C ASP A 30 1.60 -2.48 -12.27
N MET A 31 1.88 -2.17 -11.00
CA MET A 31 3.18 -2.40 -10.37
C MET A 31 3.66 -3.81 -10.63
N THR A 32 4.94 -3.91 -10.92
CA THR A 32 5.56 -5.20 -11.02
C THR A 32 6.75 -5.22 -10.09
N ILE A 33 6.55 -5.82 -8.93
CA ILE A 33 7.56 -5.87 -7.94
C ILE A 33 7.74 -7.28 -7.42
N SER A 34 8.76 -7.44 -6.64
CA SER A 34 9.18 -8.74 -6.19
C SER A 34 9.21 -8.77 -4.67
N LYS A 35 9.56 -9.91 -4.11
CA LYS A 35 9.55 -10.08 -2.66
C LYS A 35 10.45 -9.04 -1.97
N ASN A 36 11.62 -8.81 -2.53
CA ASN A 36 12.54 -7.84 -1.98
C ASN A 36 12.20 -6.45 -2.47
N GLU A 37 11.42 -6.38 -3.54
CA GLU A 37 11.08 -5.11 -4.08
C GLU A 37 10.08 -4.40 -3.22
N MET A 38 9.38 -5.13 -2.42
CA MET A 38 8.51 -4.49 -1.48
C MET A 38 9.24 -4.18 -0.22
N VAL A 39 10.27 -4.97 0.03
CA VAL A 39 11.06 -4.87 1.23
C VAL A 39 11.76 -3.54 1.33
N LYS A 40 12.08 -3.02 0.19
CA LYS A 40 12.58 -1.67 0.10
C LYS A 40 11.43 -0.69 0.19
N LEU A 41 10.33 -1.02 -0.48
CA LEU A 41 9.22 -0.12 -0.62
C LEU A 41 8.59 0.26 0.65
N LEU A 42 8.49 -0.61 1.63
CA LEU A 42 7.95 -0.11 2.86
C LEU A 42 8.91 0.93 3.45
N GLU A 43 10.20 0.65 3.34
CA GLU A 43 11.23 1.55 3.81
C GLU A 43 11.16 2.81 2.98
N ALA A 44 10.71 2.59 1.76
CA ALA A 44 10.75 3.54 0.71
C ALA A 44 9.45 4.33 0.66
N THR A 45 8.48 3.90 1.45
CA THR A 45 7.15 4.47 1.40
C THR A 45 6.77 5.01 2.78
N GLN A 46 7.70 4.81 3.69
CA GLN A 46 7.53 5.17 5.10
C GLN A 46 6.54 4.25 5.80
N TYR A 47 6.86 2.98 5.75
CA TYR A 47 6.08 1.96 6.37
C TYR A 47 7.03 0.86 6.75
N ARG A 48 6.77 0.23 7.84
CA ARG A 48 7.62 -0.80 8.33
C ARG A 48 6.74 -1.80 9.03
N GLN A 49 7.24 -3.01 9.28
CA GLN A 49 6.41 -4.05 9.89
C GLN A 49 5.64 -3.56 11.07
N VAL A 50 4.61 -4.32 11.36
CA VAL A 50 3.68 -3.92 12.35
C VAL A 50 3.06 -5.12 13.05
N SER A 51 2.74 -4.93 14.31
CA SER A 51 2.01 -5.92 15.09
C SER A 51 0.65 -6.21 14.49
N LYS A 52 -0.05 -5.15 14.20
CA LYS A 52 -1.38 -5.22 13.68
C LYS A 52 -1.69 -3.93 12.98
N MET A 53 -1.89 -4.04 11.70
CA MET A 53 -1.96 -2.88 10.88
C MET A 53 -3.29 -2.17 11.03
N THR A 54 -3.21 -1.08 11.74
CA THR A 54 -4.22 -0.08 11.62
C THR A 54 -3.65 1.25 12.07
N ARG A 55 -3.17 1.99 11.10
CA ARG A 55 -2.74 3.35 11.26
C ARG A 55 -2.90 4.04 9.92
N PRO A 56 -2.84 5.35 9.86
CA PRO A 56 -2.68 5.99 8.59
C PRO A 56 -1.21 5.95 8.18
N GLY A 57 -0.92 5.17 7.16
CA GLY A 57 0.42 5.18 6.58
C GLY A 57 1.40 4.24 7.25
N GLU A 58 0.93 3.34 8.10
CA GLU A 58 1.79 2.33 8.70
C GLU A 58 1.17 0.97 8.50
N PHE A 59 1.96 0.02 8.03
CA PHE A 59 1.36 -1.20 7.52
C PHE A 59 2.03 -2.42 8.11
N THR A 60 1.50 -3.59 7.82
CA THR A 60 2.05 -4.79 8.34
C THR A 60 2.67 -5.57 7.22
N VAL A 61 3.82 -6.12 7.46
CA VAL A 61 4.60 -6.68 6.40
C VAL A 61 4.70 -8.21 6.44
N GLN A 62 4.76 -8.82 5.25
CA GLN A 62 4.82 -10.27 5.10
C GLN A 62 5.48 -10.58 3.75
N ALA A 63 5.73 -11.87 3.47
CA ALA A 63 6.56 -12.27 2.32
C ALA A 63 5.96 -11.90 0.96
N ASN A 64 5.03 -12.72 0.46
CA ASN A 64 4.47 -12.52 -0.89
C ASN A 64 3.36 -11.53 -0.88
N SER A 65 2.99 -11.08 0.28
CA SER A 65 1.96 -10.09 0.36
C SER A 65 2.16 -9.19 1.57
N ILE A 66 2.02 -7.90 1.37
CA ILE A 66 2.05 -6.94 2.45
C ILE A 66 0.62 -6.57 2.77
N GLU A 67 0.41 -5.83 3.82
CA GLU A 67 -0.86 -5.24 4.03
C GLU A 67 -0.66 -3.74 4.02
N MET A 68 -1.53 -2.99 3.38
CA MET A 68 -1.37 -1.54 3.31
C MET A 68 -2.67 -0.80 3.59
N ILE A 69 -2.65 0.08 4.60
CA ILE A 69 -3.78 0.93 4.90
C ILE A 69 -4.00 1.94 3.78
N ARG A 70 -5.26 2.12 3.43
CA ARG A 70 -5.63 3.16 2.49
C ARG A 70 -5.84 4.45 3.26
N ARG A 71 -5.49 5.58 2.64
CA ARG A 71 -5.60 6.89 3.25
C ARG A 71 -6.95 7.06 3.94
N PRO A 72 -6.95 7.54 5.19
CA PRO A 72 -8.17 7.67 5.98
C PRO A 72 -9.25 8.45 5.26
N PHE A 73 -10.48 8.17 5.63
CA PHE A 73 -11.62 8.72 4.92
C PHE A 73 -11.94 10.11 5.37
N ASP A 74 -11.81 11.02 4.44
CA ASP A 74 -12.12 12.40 4.68
C ASP A 74 -13.06 12.91 3.61
N PHE A 75 -14.19 13.37 4.04
CA PHE A 75 -15.17 13.97 3.18
C PHE A 75 -15.43 15.38 3.60
N PRO A 76 -16.21 16.08 2.81
CA PRO A 76 -16.61 17.39 3.13
C PRO A 76 -17.73 17.37 4.11
N ASP A 77 -18.64 16.48 3.82
CA ASP A 77 -19.85 16.37 4.56
C ASP A 77 -19.68 15.39 5.67
N SER A 78 -18.50 14.81 5.71
CA SER A 78 -18.24 13.71 6.63
C SER A 78 -16.75 13.45 6.79
N LYS A 79 -16.33 12.90 7.91
CA LYS A 79 -14.95 12.50 8.11
C LYS A 79 -14.85 11.38 9.11
N GLU A 80 -13.91 10.48 8.88
CA GLU A 80 -13.81 9.28 9.67
C GLU A 80 -12.42 8.68 9.62
N GLY A 81 -12.31 7.44 10.02
CA GLY A 81 -11.02 6.82 10.24
C GLY A 81 -10.41 6.19 9.00
N GLN A 82 -9.57 5.17 9.22
CA GLN A 82 -8.79 4.57 8.17
C GLN A 82 -9.41 3.27 7.67
N VAL A 83 -8.99 2.89 6.49
CA VAL A 83 -9.32 1.61 5.91
C VAL A 83 -8.04 0.96 5.50
N ARG A 84 -7.96 -0.33 5.57
CA ARG A 84 -6.78 -1.00 5.15
C ARG A 84 -7.03 -2.08 4.13
N ALA A 85 -6.08 -2.18 3.25
CA ALA A 85 -6.12 -3.15 2.19
C ALA A 85 -4.98 -4.14 2.33
N ARG A 86 -5.09 -5.26 1.66
CA ARG A 86 -4.05 -6.26 1.72
C ARG A 86 -3.40 -6.36 0.38
N LEU A 87 -2.15 -6.05 0.39
CA LEU A 87 -1.42 -5.75 -0.81
C LEU A 87 -0.47 -6.91 -1.16
N THR A 88 -0.77 -7.59 -2.23
CA THR A 88 -0.10 -8.84 -2.54
C THR A 88 0.83 -8.72 -3.72
N PHE A 89 1.85 -9.57 -3.71
CA PHE A 89 2.87 -9.57 -4.74
C PHE A 89 2.92 -10.89 -5.51
N ASP A 90 2.30 -10.94 -6.67
CA ASP A 90 2.24 -12.18 -7.45
C ASP A 90 3.47 -12.32 -8.34
N GLY A 91 4.44 -13.07 -7.86
CA GLY A 91 5.61 -13.34 -8.67
C GLY A 91 6.65 -12.27 -8.54
N ASP A 92 6.94 -11.62 -9.67
CA ASP A 92 7.93 -10.56 -9.71
C ASP A 92 7.20 -9.28 -9.96
N HIS A 93 5.89 -9.37 -9.81
CA HIS A 93 5.04 -8.23 -10.02
C HIS A 93 3.96 -8.16 -8.96
N LEU A 94 3.37 -6.99 -8.82
CA LEU A 94 2.30 -6.81 -7.87
C LEU A 94 1.11 -7.65 -8.25
N ALA A 95 0.51 -8.22 -7.23
CA ALA A 95 -0.60 -9.10 -7.42
C ALA A 95 -1.91 -8.37 -7.34
N THR A 96 -2.05 -7.59 -6.28
CA THR A 96 -3.28 -6.92 -5.98
C THR A 96 -3.16 -6.19 -4.67
N ILE A 97 -4.21 -5.52 -4.35
CA ILE A 97 -4.40 -4.83 -3.11
C ILE A 97 -5.88 -4.88 -2.83
N VAL A 98 -6.25 -5.19 -1.61
CA VAL A 98 -7.65 -5.44 -1.34
C VAL A 98 -8.10 -4.75 -0.08
N ASN A 99 -9.05 -3.82 -0.22
CA ASN A 99 -9.65 -3.20 0.95
C ASN A 99 -10.31 -4.28 1.76
N MET A 100 -9.55 -4.70 2.75
CA MET A 100 -9.76 -5.90 3.53
C MET A 100 -11.07 -5.93 4.21
N GLU A 101 -11.66 -4.78 4.29
CA GLU A 101 -12.90 -4.65 4.92
C GLU A 101 -13.98 -5.26 4.06
N ASN A 102 -13.89 -4.97 2.80
CA ASN A 102 -14.82 -5.48 1.82
C ASN A 102 -14.28 -6.74 1.17
N ASN A 103 -12.95 -6.77 1.02
CA ASN A 103 -12.20 -7.88 0.43
C ASN A 103 -12.84 -8.53 -0.80
N ARG A 104 -13.72 -7.80 -1.49
CA ARG A 104 -14.43 -8.35 -2.65
C ARG A 104 -14.58 -7.31 -3.76
N GLN A 105 -15.26 -6.21 -3.45
CA GLN A 105 -15.47 -5.13 -4.42
C GLN A 105 -14.13 -4.59 -4.94
N PHE A 106 -13.16 -4.54 -4.05
CA PHE A 106 -11.81 -4.13 -4.42
C PHE A 106 -10.85 -5.28 -4.18
N GLY A 107 -10.43 -5.96 -5.24
CA GLY A 107 -9.49 -7.03 -5.05
C GLY A 107 -9.28 -7.90 -6.26
N PHE A 108 -8.14 -8.58 -6.27
CA PHE A 108 -7.78 -9.53 -7.31
C PHE A 108 -7.20 -10.78 -6.67
N PHE A 109 -6.68 -11.70 -7.49
CA PHE A 109 -6.28 -13.01 -7.00
C PHE A 109 -4.95 -12.96 -6.25
N ARG A 110 -4.76 -13.95 -5.38
CA ARG A 110 -3.63 -14.02 -4.47
C ARG A 110 -2.72 -15.19 -4.83
N LEU A 111 -1.51 -15.17 -4.30
CA LEU A 111 -0.52 -16.21 -4.58
C LEU A 111 -0.93 -17.55 -3.96
N ASP A 112 -0.54 -18.61 -4.65
CA ASP A 112 -0.67 -19.96 -4.12
C ASP A 112 0.24 -20.90 -4.92
N PRO A 113 0.10 -20.97 -6.26
CA PRO A 113 1.04 -21.72 -7.09
C PRO A 113 2.37 -20.99 -7.24
N ARG A 114 3.45 -21.69 -6.90
CA ARG A 114 4.80 -21.14 -6.99
C ARG A 114 4.95 -19.93 -6.05
N MET A 1 12.83 23.65 -7.65
CA MET A 1 13.27 24.17 -8.96
C MET A 1 12.90 23.18 -10.06
N GLY A 2 11.64 22.77 -10.07
CA GLY A 2 11.18 21.80 -11.03
C GLY A 2 11.53 20.39 -10.59
N SER A 3 11.26 20.08 -9.33
CA SER A 3 11.59 18.78 -8.76
C SER A 3 10.92 17.66 -9.54
N SER A 4 9.69 17.90 -9.97
CA SER A 4 8.93 16.91 -10.70
C SER A 4 9.31 16.88 -12.18
N HIS A 5 9.84 17.99 -12.68
CA HIS A 5 10.15 18.10 -14.11
C HIS A 5 11.54 18.68 -14.34
N HIS A 6 12.55 17.82 -14.29
CA HIS A 6 13.92 18.22 -14.58
C HIS A 6 14.75 16.99 -14.95
N HIS A 7 14.06 15.91 -15.30
CA HIS A 7 14.68 14.60 -15.49
C HIS A 7 15.15 14.05 -14.15
N HIS A 8 14.40 13.10 -13.61
CA HIS A 8 14.70 12.50 -12.31
C HIS A 8 16.06 11.80 -12.37
N HIS A 9 16.27 11.06 -13.46
CA HIS A 9 17.55 10.40 -13.73
C HIS A 9 17.99 9.55 -12.53
N HIS A 10 17.23 8.49 -12.26
CA HIS A 10 17.57 7.57 -11.18
C HIS A 10 17.80 6.18 -11.75
N SER A 11 18.08 6.11 -13.04
CA SER A 11 18.27 4.84 -13.74
C SER A 11 17.00 4.00 -13.67
N SER A 12 17.11 2.71 -13.97
CA SER A 12 15.99 1.78 -13.89
C SER A 12 14.95 2.09 -14.96
N GLY A 13 14.89 1.25 -15.98
CA GLY A 13 13.93 1.42 -17.05
C GLY A 13 12.52 1.12 -16.59
N LEU A 14 12.39 0.22 -15.64
CA LEU A 14 11.08 -0.15 -15.11
C LEU A 14 10.69 0.77 -13.96
N VAL A 15 10.13 1.92 -14.31
CA VAL A 15 9.65 2.86 -13.31
C VAL A 15 8.49 3.70 -13.87
N PRO A 16 7.35 3.04 -14.16
CA PRO A 16 6.16 3.69 -14.73
C PRO A 16 5.46 4.63 -13.73
N ARG A 17 5.93 4.61 -12.49
CA ARG A 17 5.38 5.50 -11.46
C ARG A 17 6.33 6.66 -11.20
N GLY A 18 7.42 6.70 -11.96
CA GLY A 18 8.45 7.70 -11.75
C GLY A 18 7.96 9.10 -12.08
N SER A 19 6.93 9.18 -12.90
CA SER A 19 6.32 10.45 -13.27
C SER A 19 5.61 11.08 -12.07
N HIS A 20 5.39 10.29 -11.02
CA HIS A 20 4.75 10.79 -9.82
C HIS A 20 5.79 11.32 -8.85
N MET A 21 6.46 10.40 -8.14
CA MET A 21 7.48 10.75 -7.15
C MET A 21 6.94 11.78 -6.17
N GLY A 22 5.87 11.40 -5.48
CA GLY A 22 5.24 12.31 -4.53
C GLY A 22 4.30 11.58 -3.60
N ARG A 23 4.28 12.00 -2.35
CA ARG A 23 3.42 11.39 -1.34
C ARG A 23 1.99 11.92 -1.46
N MET A 24 1.31 11.49 -2.51
CA MET A 24 -0.08 11.85 -2.73
C MET A 24 -0.74 10.84 -3.63
N VAL A 25 -0.22 9.64 -3.55
CA VAL A 25 -0.69 8.56 -4.38
C VAL A 25 -0.97 7.32 -3.53
N ASN A 26 -1.84 6.46 -4.04
CA ASN A 26 -2.17 5.23 -3.34
C ASN A 26 -1.40 4.07 -3.95
N LEU A 27 -0.96 3.15 -3.11
CA LEU A 27 -0.31 1.94 -3.58
C LEU A 27 -1.37 1.04 -4.20
N GLU A 28 -1.11 0.58 -5.41
CA GLU A 28 -2.08 -0.14 -6.19
C GLU A 28 -1.34 -0.94 -7.22
N PRO A 29 -1.93 -1.95 -7.86
CA PRO A 29 -1.21 -2.56 -8.91
C PRO A 29 -1.50 -1.91 -10.26
N ASP A 30 -0.55 -1.06 -10.62
CA ASP A 30 -0.06 -0.88 -11.96
C ASP A 30 1.35 -1.41 -11.86
N MET A 31 1.65 -1.72 -10.60
CA MET A 31 2.97 -2.00 -10.11
C MET A 31 3.37 -3.44 -10.38
N THR A 32 4.64 -3.61 -10.67
CA THR A 32 5.22 -4.91 -10.90
C THR A 32 6.49 -5.02 -10.11
N ILE A 33 6.40 -5.73 -9.00
CA ILE A 33 7.46 -5.78 -8.06
C ILE A 33 7.77 -7.21 -7.64
N SER A 34 8.84 -7.34 -6.93
CA SER A 34 9.38 -8.63 -6.57
C SER A 34 9.52 -8.72 -5.06
N LYS A 35 9.88 -9.89 -4.56
CA LYS A 35 9.94 -10.13 -3.11
C LYS A 35 10.76 -9.08 -2.34
N ASN A 36 11.89 -8.67 -2.88
CA ASN A 36 12.70 -7.66 -2.24
C ASN A 36 12.22 -6.28 -2.65
N GLU A 37 11.47 -6.22 -3.74
CA GLU A 37 11.05 -4.96 -4.26
C GLU A 37 10.06 -4.31 -3.36
N MET A 38 9.36 -5.06 -2.59
CA MET A 38 8.46 -4.44 -1.64
C MET A 38 9.19 -4.18 -0.35
N VAL A 39 10.22 -4.97 -0.14
CA VAL A 39 11.00 -4.89 1.08
C VAL A 39 11.70 -3.57 1.22
N LYS A 40 12.01 -3.00 0.10
CA LYS A 40 12.49 -1.65 0.05
C LYS A 40 11.33 -0.68 0.14
N LEU A 41 10.25 -1.01 -0.54
CA LEU A 41 9.11 -0.13 -0.64
C LEU A 41 8.51 0.22 0.65
N LEU A 42 8.38 -0.68 1.60
CA LEU A 42 7.84 -0.23 2.84
C LEU A 42 8.78 0.81 3.46
N GLU A 43 10.07 0.57 3.31
CA GLU A 43 11.09 1.49 3.80
C GLU A 43 10.99 2.77 3.00
N ALA A 44 10.59 2.55 1.76
CA ALA A 44 10.61 3.55 0.73
C ALA A 44 9.30 4.33 0.71
N THR A 45 8.36 3.87 1.51
CA THR A 45 7.02 4.42 1.52
C THR A 45 6.70 4.93 2.91
N GLN A 46 7.67 4.74 3.80
CA GLN A 46 7.58 5.09 5.20
C GLN A 46 6.60 4.17 5.94
N TYR A 47 6.87 2.88 5.84
CA TYR A 47 6.07 1.87 6.46
C TYR A 47 6.98 0.72 6.80
N ARG A 48 6.70 0.09 7.89
CA ARG A 48 7.54 -0.96 8.36
C ARG A 48 6.66 -1.98 9.05
N GLN A 49 7.17 -3.18 9.26
CA GLN A 49 6.38 -4.25 9.85
C GLN A 49 5.64 -3.84 11.08
N VAL A 50 4.48 -4.44 11.24
CA VAL A 50 3.59 -4.06 12.27
C VAL A 50 2.91 -5.25 12.92
N SER A 51 2.56 -5.09 14.19
CA SER A 51 1.78 -6.06 14.92
C SER A 51 0.41 -6.27 14.30
N LYS A 52 -0.24 -5.17 14.06
CA LYS A 52 -1.57 -5.19 13.51
C LYS A 52 -1.81 -3.90 12.78
N MET A 53 -2.00 -4.02 11.51
CA MET A 53 -1.98 -2.89 10.65
C MET A 53 -3.25 -2.08 10.74
N THR A 54 -3.15 -1.02 11.49
CA THR A 54 -4.10 0.04 11.41
C THR A 54 -3.49 1.29 11.96
N ARG A 55 -3.00 2.07 11.04
CA ARG A 55 -2.53 3.40 11.31
C ARG A 55 -2.72 4.20 10.05
N PRO A 56 -2.55 5.52 10.06
CA PRO A 56 -2.37 6.21 8.83
C PRO A 56 -0.91 6.11 8.38
N GLY A 57 -0.67 5.38 7.30
CA GLY A 57 0.67 5.34 6.73
C GLY A 57 1.62 4.38 7.43
N GLU A 58 1.08 3.39 8.14
CA GLU A 58 1.89 2.33 8.75
C GLU A 58 1.17 1.02 8.52
N PHE A 59 1.90 0.02 8.04
CA PHE A 59 1.24 -1.17 7.54
C PHE A 59 1.91 -2.41 8.09
N THR A 60 1.39 -3.57 7.79
CA THR A 60 1.99 -4.80 8.27
C THR A 60 2.68 -5.56 7.17
N VAL A 61 3.78 -6.16 7.53
CA VAL A 61 4.58 -6.94 6.62
C VAL A 61 4.41 -8.44 6.90
N GLN A 62 3.94 -9.18 5.90
CA GLN A 62 3.74 -10.63 6.05
C GLN A 62 4.88 -11.38 5.37
N ALA A 63 4.74 -11.63 4.08
CA ALA A 63 5.77 -12.36 3.32
C ALA A 63 5.65 -12.05 1.83
N ASN A 64 4.75 -12.77 1.15
CA ASN A 64 4.49 -12.54 -0.28
C ASN A 64 3.39 -11.53 -0.42
N SER A 65 2.89 -11.10 0.69
CA SER A 65 1.92 -10.05 0.70
C SER A 65 2.20 -9.08 1.84
N ILE A 66 1.97 -7.82 1.57
CA ILE A 66 1.98 -6.79 2.60
C ILE A 66 0.55 -6.42 2.91
N GLU A 67 0.31 -5.64 3.94
CA GLU A 67 -1.01 -5.13 4.16
C GLU A 67 -0.97 -3.63 4.34
N MET A 68 -1.42 -2.90 3.34
CA MET A 68 -1.20 -1.46 3.27
C MET A 68 -2.48 -0.68 3.48
N ILE A 69 -2.45 0.24 4.44
CA ILE A 69 -3.57 1.14 4.64
C ILE A 69 -3.72 2.07 3.45
N ARG A 70 -4.90 2.08 2.87
CA ARG A 70 -5.17 2.92 1.72
C ARG A 70 -5.71 4.28 2.18
N ARG A 71 -6.08 5.11 1.22
CA ARG A 71 -6.54 6.46 1.53
C ARG A 71 -7.84 6.39 2.32
N PRO A 72 -7.94 7.15 3.43
CA PRO A 72 -9.16 7.23 4.23
C PRO A 72 -10.37 7.61 3.41
N PHE A 73 -11.54 7.32 3.93
CA PHE A 73 -12.77 7.55 3.20
C PHE A 73 -13.41 8.87 3.53
N ASP A 74 -13.61 9.64 2.48
CA ASP A 74 -14.31 10.88 2.59
C ASP A 74 -15.38 10.97 1.52
N PHE A 75 -16.60 11.08 1.96
CA PHE A 75 -17.72 11.30 1.10
C PHE A 75 -18.42 12.57 1.49
N PRO A 76 -19.38 12.98 0.70
CA PRO A 76 -20.11 14.14 0.97
C PRO A 76 -21.12 13.89 2.04
N ASP A 77 -21.74 12.76 1.88
CA ASP A 77 -22.82 12.38 2.74
C ASP A 77 -22.32 11.52 3.85
N SER A 78 -21.03 11.31 3.82
CA SER A 78 -20.41 10.39 4.76
C SER A 78 -18.92 10.60 4.85
N LYS A 79 -18.36 10.44 6.02
CA LYS A 79 -16.92 10.56 6.20
C LYS A 79 -16.46 9.71 7.34
N GLU A 80 -15.28 9.16 7.19
CA GLU A 80 -14.77 8.22 8.15
C GLU A 80 -13.26 8.13 8.09
N GLY A 81 -12.73 7.12 8.72
CA GLY A 81 -11.30 7.03 8.94
C GLY A 81 -10.58 6.25 7.86
N GLN A 82 -9.49 5.62 8.27
CA GLN A 82 -8.60 4.94 7.34
C GLN A 82 -9.15 3.60 6.95
N VAL A 83 -8.71 3.13 5.81
CA VAL A 83 -9.00 1.79 5.35
C VAL A 83 -7.73 1.09 5.04
N ARG A 84 -7.68 -0.17 5.32
CA ARG A 84 -6.52 -0.93 4.98
C ARG A 84 -6.81 -2.05 4.04
N ALA A 85 -5.85 -2.25 3.18
CA ALA A 85 -5.95 -3.24 2.15
C ALA A 85 -4.85 -4.25 2.28
N ARG A 86 -5.04 -5.40 1.68
CA ARG A 86 -4.05 -6.45 1.73
C ARG A 86 -3.44 -6.57 0.37
N LEU A 87 -2.17 -6.37 0.36
CA LEU A 87 -1.44 -6.09 -0.82
C LEU A 87 -0.46 -7.22 -1.12
N THR A 88 -0.73 -7.95 -2.18
CA THR A 88 0.05 -9.13 -2.49
C THR A 88 0.91 -8.90 -3.69
N PHE A 89 2.07 -9.53 -3.71
CA PHE A 89 2.96 -9.44 -4.84
C PHE A 89 3.16 -10.77 -5.56
N ASP A 90 2.45 -10.97 -6.66
CA ASP A 90 2.51 -12.20 -7.44
C ASP A 90 3.78 -12.26 -8.28
N GLY A 91 4.82 -12.85 -7.74
CA GLY A 91 5.99 -13.13 -8.52
C GLY A 91 6.95 -11.97 -8.61
N ASP A 92 7.02 -11.40 -9.80
CA ASP A 92 7.93 -10.32 -10.09
C ASP A 92 7.11 -9.08 -10.27
N HIS A 93 5.84 -9.24 -9.97
CA HIS A 93 4.91 -8.15 -10.10
C HIS A 93 3.88 -8.16 -8.97
N LEU A 94 3.25 -7.01 -8.77
CA LEU A 94 2.20 -6.88 -7.79
C LEU A 94 1.00 -7.71 -8.16
N ALA A 95 0.47 -8.38 -7.16
CA ALA A 95 -0.63 -9.26 -7.34
C ALA A 95 -1.95 -8.52 -7.22
N THR A 96 -2.12 -7.80 -6.12
CA THR A 96 -3.35 -7.10 -5.83
C THR A 96 -3.22 -6.34 -4.53
N ILE A 97 -4.28 -5.62 -4.24
CA ILE A 97 -4.42 -4.86 -3.03
C ILE A 97 -5.90 -4.76 -2.73
N VAL A 98 -6.32 -5.29 -1.61
CA VAL A 98 -7.74 -5.39 -1.33
C VAL A 98 -8.13 -4.73 -0.03
N ASN A 99 -9.06 -3.79 -0.10
CA ASN A 99 -9.59 -3.17 1.11
C ASN A 99 -10.25 -4.24 1.95
N MET A 100 -9.44 -4.73 2.86
CA MET A 100 -9.69 -5.92 3.66
C MET A 100 -10.94 -5.83 4.46
N GLU A 101 -11.41 -4.64 4.58
CA GLU A 101 -12.55 -4.37 5.36
C GLU A 101 -13.77 -4.97 4.71
N ASN A 102 -13.80 -4.81 3.42
CA ASN A 102 -14.87 -5.38 2.63
C ASN A 102 -14.38 -6.50 1.71
N ASN A 103 -13.07 -6.52 1.43
CA ASN A 103 -12.41 -7.52 0.60
C ASN A 103 -13.21 -7.88 -0.66
N ARG A 104 -13.97 -6.92 -1.18
CA ARG A 104 -14.79 -7.15 -2.36
C ARG A 104 -14.63 -5.99 -3.36
N GLN A 105 -14.34 -4.80 -2.85
CA GLN A 105 -14.04 -3.65 -3.70
C GLN A 105 -12.98 -4.05 -4.72
N PHE A 106 -11.87 -4.56 -4.21
CA PHE A 106 -10.87 -5.19 -5.05
C PHE A 106 -10.79 -6.65 -4.64
N GLY A 107 -10.19 -7.48 -5.47
CA GLY A 107 -10.05 -8.87 -5.08
C GLY A 107 -9.41 -9.70 -6.16
N PHE A 108 -8.35 -10.40 -5.77
CA PHE A 108 -7.64 -11.28 -6.68
C PHE A 108 -7.27 -12.59 -6.00
N PHE A 109 -6.53 -13.42 -6.70
CA PHE A 109 -6.14 -14.73 -6.20
C PHE A 109 -4.97 -14.61 -5.23
N ARG A 110 -4.75 -15.68 -4.48
CA ARG A 110 -3.64 -15.73 -3.54
C ARG A 110 -2.43 -16.40 -4.20
N LEU A 111 -1.24 -16.08 -3.71
CA LEU A 111 -0.01 -16.62 -4.29
C LEU A 111 0.11 -18.10 -3.99
N ASP A 112 0.98 -18.77 -4.74
CA ASP A 112 1.16 -20.21 -4.62
C ASP A 112 -0.15 -20.95 -4.85
N PRO A 113 -0.73 -20.85 -6.06
CA PRO A 113 -1.97 -21.53 -6.41
C PRO A 113 -1.70 -22.97 -6.87
N ARG A 114 -0.92 -23.69 -6.07
CA ARG A 114 -0.53 -25.05 -6.42
C ARG A 114 -1.41 -26.04 -5.67
N MET A 1 -13.25 22.29 20.97
CA MET A 1 -12.08 22.33 20.07
C MET A 1 -11.11 23.44 20.47
N GLY A 2 -11.52 24.68 20.22
CA GLY A 2 -10.67 25.82 20.48
C GLY A 2 -10.63 26.76 19.30
N SER A 3 -10.40 26.22 18.12
CA SER A 3 -10.40 27.02 16.90
C SER A 3 -11.43 26.45 15.93
N SER A 4 -11.54 27.07 14.76
CA SER A 4 -12.49 26.66 13.72
C SER A 4 -13.93 26.70 14.26
N HIS A 5 -14.36 27.87 14.70
CA HIS A 5 -15.71 28.04 15.20
C HIS A 5 -16.68 28.22 14.03
N HIS A 6 -17.92 27.79 14.23
CA HIS A 6 -18.94 27.84 13.18
C HIS A 6 -18.49 27.01 11.98
N HIS A 7 -18.53 25.69 12.16
CA HIS A 7 -18.04 24.74 11.16
C HIS A 7 -18.70 24.94 9.80
N HIS A 8 -17.89 25.24 8.80
CA HIS A 8 -18.36 25.38 7.44
C HIS A 8 -18.47 24.01 6.78
N HIS A 9 -19.25 23.14 7.40
CA HIS A 9 -19.43 21.78 6.90
C HIS A 9 -20.92 21.46 6.82
N HIS A 10 -21.40 21.27 5.61
CA HIS A 10 -22.81 20.95 5.37
C HIS A 10 -22.93 19.78 4.41
N SER A 11 -21.98 18.85 4.47
CA SER A 11 -22.03 17.67 3.63
C SER A 11 -23.05 16.68 4.20
N SER A 12 -24.32 16.94 3.91
CA SER A 12 -25.42 16.15 4.43
C SER A 12 -25.40 14.73 3.87
N GLY A 13 -24.95 13.79 4.69
CA GLY A 13 -24.89 12.41 4.28
C GLY A 13 -23.48 11.90 4.19
N LEU A 14 -22.52 12.81 4.05
CA LEU A 14 -21.11 12.47 3.86
C LEU A 14 -20.94 11.52 2.68
N VAL A 15 -21.11 12.05 1.49
CA VAL A 15 -21.02 11.26 0.28
C VAL A 15 -19.56 11.14 -0.19
N PRO A 16 -19.06 9.91 -0.32
CA PRO A 16 -17.73 9.66 -0.86
C PRO A 16 -17.73 9.76 -2.39
N ARG A 17 -17.86 10.99 -2.88
CA ARG A 17 -17.92 11.26 -4.31
C ARG A 17 -16.69 10.70 -5.02
N GLY A 18 -16.91 10.17 -6.22
CA GLY A 18 -15.86 9.49 -6.97
C GLY A 18 -14.66 10.38 -7.22
N SER A 19 -13.67 10.26 -6.34
CA SER A 19 -12.46 11.06 -6.43
C SER A 19 -11.38 10.39 -5.60
N HIS A 20 -10.12 10.80 -5.83
CA HIS A 20 -8.98 10.24 -5.10
C HIS A 20 -8.84 8.74 -5.39
N MET A 21 -8.55 8.41 -6.64
CA MET A 21 -8.35 7.01 -7.04
C MET A 21 -7.28 6.93 -8.13
N GLY A 22 -6.43 7.94 -8.18
CA GLY A 22 -5.42 8.02 -9.23
C GLY A 22 -4.13 7.33 -8.88
N ARG A 23 -4.23 6.15 -8.27
CA ARG A 23 -3.07 5.29 -7.98
C ARG A 23 -1.99 6.01 -7.17
N MET A 24 -2.38 7.04 -6.43
CA MET A 24 -1.45 7.79 -5.61
C MET A 24 -2.11 8.17 -4.31
N VAL A 25 -3.08 7.36 -3.98
CA VAL A 25 -3.83 7.51 -2.76
C VAL A 25 -4.17 6.12 -2.22
N ASN A 26 -4.61 5.25 -3.11
CA ASN A 26 -4.75 3.84 -2.81
C ASN A 26 -3.70 3.08 -3.60
N LEU A 27 -2.84 2.37 -2.89
CA LEU A 27 -1.79 1.60 -3.52
C LEU A 27 -2.42 0.50 -4.36
N GLU A 28 -2.26 0.62 -5.67
CA GLU A 28 -2.78 -0.36 -6.62
C GLU A 28 -2.43 0.09 -8.04
N PRO A 29 -1.15 0.31 -8.32
CA PRO A 29 -0.67 0.68 -9.64
C PRO A 29 -0.34 -0.56 -10.45
N ASP A 30 0.08 -0.35 -11.69
CA ASP A 30 0.57 -1.41 -12.57
C ASP A 30 1.86 -2.02 -12.03
N MET A 31 2.12 -1.86 -10.73
CA MET A 31 3.37 -2.21 -10.11
C MET A 31 3.77 -3.63 -10.42
N THR A 32 5.04 -3.80 -10.69
CA THR A 32 5.59 -5.12 -10.87
C THR A 32 6.81 -5.26 -9.98
N ILE A 33 6.59 -5.86 -8.83
CA ILE A 33 7.60 -5.96 -7.83
C ILE A 33 7.79 -7.37 -7.36
N SER A 34 8.81 -7.54 -6.58
CA SER A 34 9.24 -8.85 -6.17
C SER A 34 9.20 -8.95 -4.65
N LYS A 35 9.48 -10.13 -4.14
CA LYS A 35 9.43 -10.38 -2.69
C LYS A 35 10.26 -9.36 -1.90
N ASN A 36 11.49 -9.14 -2.33
CA ASN A 36 12.36 -8.18 -1.68
C ASN A 36 12.11 -6.80 -2.21
N GLU A 37 11.42 -6.71 -3.35
CA GLU A 37 11.14 -5.44 -3.90
C GLU A 37 10.15 -4.71 -3.06
N MET A 38 9.41 -5.43 -2.28
CA MET A 38 8.50 -4.76 -1.39
C MET A 38 9.21 -4.39 -0.12
N VAL A 39 10.24 -5.15 0.18
CA VAL A 39 10.99 -4.99 1.40
C VAL A 39 11.65 -3.63 1.46
N LYS A 40 12.01 -3.17 0.32
CA LYS A 40 12.47 -1.81 0.17
C LYS A 40 11.30 -0.86 0.15
N LEU A 41 10.24 -1.25 -0.53
CA LEU A 41 9.09 -0.40 -0.73
C LEU A 41 8.44 0.04 0.52
N LEU A 42 8.32 -0.78 1.53
CA LEU A 42 7.73 -0.25 2.72
C LEU A 42 8.64 0.86 3.27
N GLU A 43 9.95 0.63 3.18
CA GLU A 43 10.94 1.59 3.61
C GLU A 43 10.82 2.81 2.72
N ALA A 44 10.44 2.51 1.50
CA ALA A 44 10.46 3.41 0.40
C ALA A 44 9.12 4.15 0.31
N THR A 45 8.18 3.73 1.13
CA THR A 45 6.84 4.25 1.09
C THR A 45 6.48 4.85 2.44
N GLN A 46 7.46 4.76 3.34
CA GLN A 46 7.35 5.24 4.72
C GLN A 46 6.42 4.36 5.54
N TYR A 47 6.72 3.08 5.57
CA TYR A 47 5.96 2.10 6.27
C TYR A 47 6.90 0.99 6.64
N ARG A 48 6.68 0.36 7.76
CA ARG A 48 7.56 -0.68 8.19
C ARG A 48 6.73 -1.73 8.87
N GLN A 49 7.24 -2.95 8.98
CA GLN A 49 6.46 -4.05 9.53
C GLN A 49 5.85 -3.69 10.85
N VAL A 50 4.82 -4.42 11.17
CA VAL A 50 4.00 -4.07 12.27
C VAL A 50 3.41 -5.31 12.94
N SER A 51 3.10 -5.18 14.21
CA SER A 51 2.41 -6.21 14.95
C SER A 51 1.06 -6.51 14.35
N LYS A 52 0.31 -5.45 14.13
CA LYS A 52 -1.02 -5.54 13.60
C LYS A 52 -1.36 -4.23 12.98
N MET A 53 -1.52 -4.25 11.69
CA MET A 53 -1.57 -3.03 10.96
C MET A 53 -2.94 -2.41 11.01
N THR A 54 -3.01 -1.39 11.81
CA THR A 54 -4.09 -0.47 11.72
C THR A 54 -3.65 0.82 12.32
N ARG A 55 -3.17 1.66 11.44
CA ARG A 55 -2.69 2.97 11.81
C ARG A 55 -2.89 3.88 10.61
N PRO A 56 -2.72 5.18 10.76
CA PRO A 56 -2.61 6.01 9.60
C PRO A 56 -1.20 5.94 9.02
N GLY A 57 -1.07 5.33 7.85
CA GLY A 57 0.21 5.34 7.15
C GLY A 57 1.25 4.38 7.72
N GLU A 58 0.79 3.40 8.48
CA GLU A 58 1.68 2.37 9.03
C GLU A 58 1.08 1.03 8.70
N PHE A 59 1.87 0.11 8.19
CA PHE A 59 1.29 -1.11 7.66
C PHE A 59 2.04 -2.33 8.17
N THR A 60 1.57 -3.53 7.84
CA THR A 60 2.24 -4.74 8.27
C THR A 60 2.87 -5.47 7.12
N VAL A 61 4.02 -6.01 7.39
CA VAL A 61 4.77 -6.78 6.44
C VAL A 61 4.62 -8.27 6.70
N GLN A 62 4.09 -9.00 5.73
CA GLN A 62 3.87 -10.43 5.90
C GLN A 62 4.96 -11.24 5.18
N ALA A 63 4.85 -11.37 3.87
CA ALA A 63 5.84 -12.11 3.08
C ALA A 63 5.69 -11.84 1.59
N ASN A 64 4.80 -12.59 0.95
CA ASN A 64 4.49 -12.39 -0.48
C ASN A 64 3.38 -11.39 -0.59
N SER A 65 2.89 -10.99 0.54
CA SER A 65 1.91 -9.96 0.58
C SER A 65 2.22 -9.01 1.73
N ILE A 66 1.99 -7.73 1.48
CA ILE A 66 2.02 -6.75 2.52
C ILE A 66 0.58 -6.39 2.83
N GLU A 67 0.36 -5.64 3.86
CA GLU A 67 -0.93 -5.02 4.03
C GLU A 67 -0.71 -3.54 4.04
N MET A 68 -1.55 -2.77 3.41
CA MET A 68 -1.37 -1.31 3.40
C MET A 68 -2.68 -0.56 3.66
N ILE A 69 -2.67 0.35 4.65
CA ILE A 69 -3.78 1.26 4.81
C ILE A 69 -3.74 2.27 3.69
N ARG A 70 -4.90 2.62 3.17
CA ARG A 70 -4.98 3.66 2.15
C ARG A 70 -4.48 4.97 2.75
N ARG A 71 -4.25 6.00 1.94
CA ARG A 71 -3.78 7.28 2.47
C ARG A 71 -4.81 7.88 3.43
N PRO A 72 -4.47 7.97 4.73
CA PRO A 72 -5.35 8.53 5.74
C PRO A 72 -5.36 10.05 5.70
N PHE A 73 -6.31 10.66 6.39
CA PHE A 73 -6.42 12.10 6.40
C PHE A 73 -6.79 12.63 7.77
N ASP A 74 -6.39 13.86 8.01
CA ASP A 74 -6.70 14.58 9.22
C ASP A 74 -7.25 15.94 8.85
N PHE A 75 -8.40 16.26 9.39
CA PHE A 75 -9.03 17.52 9.10
C PHE A 75 -9.21 18.33 10.35
N PRO A 76 -9.57 19.59 10.16
CA PRO A 76 -9.72 20.49 11.23
C PRO A 76 -10.98 20.23 11.97
N ASP A 77 -11.97 19.97 11.18
CA ASP A 77 -13.29 19.80 11.69
C ASP A 77 -13.53 18.36 11.98
N SER A 78 -12.55 17.57 11.63
CA SER A 78 -12.71 16.12 11.70
C SER A 78 -11.39 15.38 11.62
N LYS A 79 -11.25 14.35 12.41
CA LYS A 79 -10.02 13.57 12.41
C LYS A 79 -10.29 12.11 12.68
N GLU A 80 -9.55 11.28 11.99
CA GLU A 80 -9.78 9.86 12.01
C GLU A 80 -8.62 9.11 11.37
N GLY A 81 -8.85 7.86 11.08
CA GLY A 81 -7.82 7.02 10.50
C GLY A 81 -8.11 6.70 9.06
N GLN A 82 -7.92 5.45 8.68
CA GLN A 82 -8.12 5.07 7.31
C GLN A 82 -8.56 3.62 7.16
N VAL A 83 -8.89 3.29 5.93
CA VAL A 83 -9.23 1.96 5.51
C VAL A 83 -7.97 1.28 5.06
N ARG A 84 -7.93 0.00 5.25
CA ARG A 84 -6.78 -0.75 4.87
C ARG A 84 -7.08 -1.82 3.86
N ALA A 85 -6.11 -1.99 3.01
CA ALA A 85 -6.16 -2.99 1.98
C ALA A 85 -5.02 -3.98 2.15
N ARG A 86 -5.17 -5.16 1.56
CA ARG A 86 -4.16 -6.17 1.65
C ARG A 86 -3.48 -6.31 0.33
N LEU A 87 -2.22 -6.05 0.36
CA LEU A 87 -1.47 -5.77 -0.82
C LEU A 87 -0.50 -6.90 -1.13
N THR A 88 -0.73 -7.59 -2.21
CA THR A 88 0.00 -8.80 -2.52
C THR A 88 0.91 -8.63 -3.71
N PHE A 89 2.03 -9.36 -3.70
CA PHE A 89 2.92 -9.36 -4.83
C PHE A 89 3.05 -10.75 -5.44
N ASP A 90 2.52 -10.89 -6.65
CA ASP A 90 2.52 -12.17 -7.36
C ASP A 90 3.72 -12.25 -8.30
N GLY A 91 4.69 -13.07 -7.94
CA GLY A 91 5.82 -13.29 -8.81
C GLY A 91 6.86 -12.21 -8.70
N ASP A 92 7.05 -11.50 -9.80
CA ASP A 92 8.02 -10.42 -9.87
C ASP A 92 7.25 -9.16 -10.01
N HIS A 93 5.94 -9.28 -9.82
CA HIS A 93 5.05 -8.14 -9.97
C HIS A 93 4.00 -8.07 -8.88
N LEU A 94 3.42 -6.89 -8.72
CA LEU A 94 2.33 -6.71 -7.78
C LEU A 94 1.15 -7.53 -8.18
N ALA A 95 0.58 -8.20 -7.22
CA ALA A 95 -0.51 -9.08 -7.44
C ALA A 95 -1.83 -8.34 -7.36
N THR A 96 -1.99 -7.60 -6.28
CA THR A 96 -3.24 -6.94 -5.98
C THR A 96 -3.14 -6.21 -4.67
N ILE A 97 -4.23 -5.56 -4.35
CA ILE A 97 -4.39 -4.82 -3.14
C ILE A 97 -5.88 -4.82 -2.85
N VAL A 98 -6.25 -5.26 -1.67
CA VAL A 98 -7.65 -5.51 -1.42
C VAL A 98 -8.18 -4.72 -0.26
N ASN A 99 -9.21 -3.93 -0.53
CA ASN A 99 -9.93 -3.24 0.53
C ASN A 99 -10.47 -4.28 1.45
N MET A 100 -9.71 -4.52 2.50
CA MET A 100 -9.88 -5.65 3.38
C MET A 100 -11.20 -5.63 4.09
N GLU A 101 -11.81 -4.49 4.04
CA GLU A 101 -13.05 -4.30 4.67
C GLU A 101 -14.15 -4.97 3.89
N ASN A 102 -14.07 -4.80 2.60
CA ASN A 102 -15.00 -5.44 1.71
C ASN A 102 -14.44 -6.69 1.06
N ASN A 103 -13.11 -6.69 0.88
CA ASN A 103 -12.35 -7.80 0.30
C ASN A 103 -13.00 -8.45 -0.92
N ARG A 104 -13.92 -7.73 -1.59
CA ARG A 104 -14.62 -8.26 -2.75
C ARG A 104 -14.72 -7.23 -3.87
N GLN A 105 -14.11 -6.07 -3.67
CA GLN A 105 -14.05 -5.06 -4.73
C GLN A 105 -12.86 -5.35 -5.62
N PHE A 106 -11.69 -4.87 -5.21
CA PHE A 106 -10.44 -5.28 -5.80
C PHE A 106 -9.85 -6.38 -4.95
N GLY A 107 -10.00 -7.63 -5.38
CA GLY A 107 -9.55 -8.73 -4.56
C GLY A 107 -9.03 -9.91 -5.36
N PHE A 108 -7.73 -10.11 -5.30
CA PHE A 108 -7.08 -11.25 -5.95
C PHE A 108 -6.05 -11.85 -5.00
N PHE A 109 -5.61 -13.07 -5.28
CA PHE A 109 -4.57 -13.71 -4.48
C PHE A 109 -4.01 -14.94 -5.21
N ARG A 110 -2.84 -14.78 -5.80
CA ARG A 110 -2.16 -15.91 -6.42
C ARG A 110 -0.70 -15.92 -5.98
N LEU A 111 -0.33 -16.96 -5.25
CA LEU A 111 1.03 -17.12 -4.72
C LEU A 111 1.16 -18.50 -4.08
N ASP A 112 2.33 -18.80 -3.53
CA ASP A 112 2.52 -20.03 -2.78
C ASP A 112 1.46 -20.21 -1.70
N PRO A 113 1.26 -19.23 -0.78
CA PRO A 113 0.22 -19.33 0.24
C PRO A 113 -1.12 -18.79 -0.27
N ARG A 114 -2.09 -19.68 -0.41
CA ARG A 114 -3.41 -19.30 -0.87
C ARG A 114 -4.32 -18.94 0.30
N MET A 1 10.44 6.20 -19.74
CA MET A 1 10.74 5.29 -20.86
C MET A 1 9.51 5.12 -21.75
N GLY A 2 9.68 5.38 -23.04
CA GLY A 2 8.56 5.28 -23.95
C GLY A 2 7.87 6.62 -24.13
N SER A 3 6.55 6.62 -24.03
CA SER A 3 5.76 7.86 -24.09
C SER A 3 5.93 8.55 -25.44
N SER A 4 5.40 9.76 -25.55
CA SER A 4 5.51 10.54 -26.77
C SER A 4 6.02 11.94 -26.47
N HIS A 5 7.11 12.30 -27.14
CA HIS A 5 7.65 13.66 -27.22
C HIS A 5 7.61 14.41 -25.88
N HIS A 6 6.58 15.23 -25.70
CA HIS A 6 6.53 16.17 -24.58
C HIS A 6 5.64 15.67 -23.45
N HIS A 7 5.70 14.37 -23.19
CA HIS A 7 4.89 13.75 -22.14
C HIS A 7 5.10 14.43 -20.77
N HIS A 8 6.28 15.01 -20.58
CA HIS A 8 6.54 15.81 -19.39
C HIS A 8 7.29 17.08 -19.76
N HIS A 9 6.92 17.64 -20.90
CA HIS A 9 7.49 18.91 -21.36
C HIS A 9 6.36 19.86 -21.72
N HIS A 10 6.10 20.81 -20.82
CA HIS A 10 4.99 21.76 -21.00
C HIS A 10 3.64 21.05 -20.90
N SER A 11 2.57 21.82 -21.00
CA SER A 11 1.23 21.26 -20.91
C SER A 11 0.53 21.31 -22.27
N SER A 12 1.31 21.12 -23.32
CA SER A 12 0.79 21.15 -24.68
C SER A 12 -0.05 19.89 -24.95
N GLY A 13 -1.37 20.04 -24.87
CA GLY A 13 -2.24 18.89 -25.03
C GLY A 13 -2.25 18.03 -23.79
N LEU A 14 -2.59 18.63 -22.67
CA LEU A 14 -2.60 17.94 -21.38
C LEU A 14 -3.80 17.01 -21.27
N VAL A 15 -3.75 16.09 -20.33
CA VAL A 15 -4.86 15.19 -20.07
C VAL A 15 -5.56 15.56 -18.77
N PRO A 16 -6.89 15.78 -18.82
CA PRO A 16 -7.68 16.14 -17.64
C PRO A 16 -8.11 14.92 -16.84
N ARG A 17 -7.41 13.82 -17.02
CA ARG A 17 -7.71 12.59 -16.30
C ARG A 17 -6.49 12.14 -15.52
N GLY A 18 -6.68 11.18 -14.63
CA GLY A 18 -5.61 10.73 -13.78
C GLY A 18 -5.60 11.45 -12.45
N SER A 19 -5.99 10.77 -11.40
CA SER A 19 -6.11 11.38 -10.08
C SER A 19 -4.74 11.80 -9.54
N HIS A 20 -3.76 10.92 -9.70
CA HIS A 20 -2.40 11.21 -9.26
C HIS A 20 -1.40 10.77 -10.32
N MET A 21 -0.65 11.71 -10.84
CA MET A 21 0.35 11.42 -11.86
C MET A 21 1.62 10.87 -11.22
N GLY A 22 1.78 11.15 -9.93
CA GLY A 22 2.93 10.66 -9.21
C GLY A 22 2.53 9.70 -8.10
N ARG A 23 2.84 8.43 -8.28
CA ARG A 23 2.49 7.41 -7.30
C ARG A 23 3.49 7.37 -6.17
N MET A 24 3.33 8.28 -5.23
CA MET A 24 4.10 8.32 -4.01
C MET A 24 3.18 8.62 -2.86
N VAL A 25 1.93 8.37 -3.11
CA VAL A 25 0.88 8.62 -2.16
C VAL A 25 -0.26 7.63 -2.36
N ASN A 26 -0.19 6.86 -3.45
CA ASN A 26 -1.23 5.92 -3.81
C ASN A 26 -0.63 4.67 -4.42
N LEU A 27 -0.53 3.62 -3.63
CA LEU A 27 -0.01 2.35 -4.09
C LEU A 27 -1.14 1.49 -4.67
N GLU A 28 -0.86 0.87 -5.81
CA GLU A 28 -1.85 0.11 -6.56
C GLU A 28 -1.11 -0.79 -7.50
N PRO A 29 -1.74 -1.83 -8.04
CA PRO A 29 -1.07 -2.59 -9.06
C PRO A 29 -1.39 -2.11 -10.47
N ASP A 30 -0.41 -1.40 -11.02
CA ASP A 30 0.04 -1.54 -12.39
C ASP A 30 1.43 -2.11 -12.22
N MET A 31 1.76 -2.17 -10.93
CA MET A 31 3.10 -2.34 -10.42
C MET A 31 3.57 -3.78 -10.56
N THR A 32 4.83 -3.91 -10.86
CA THR A 32 5.48 -5.21 -10.96
C THR A 32 6.69 -5.25 -10.06
N ILE A 33 6.53 -5.86 -8.91
CA ILE A 33 7.54 -5.86 -7.91
C ILE A 33 7.77 -7.26 -7.36
N SER A 34 8.78 -7.38 -6.56
CA SER A 34 9.27 -8.67 -6.13
C SER A 34 9.28 -8.75 -4.62
N LYS A 35 9.69 -9.88 -4.08
CA LYS A 35 9.74 -10.07 -2.63
C LYS A 35 10.69 -9.05 -2.00
N ASN A 36 11.78 -8.76 -2.69
CA ASN A 36 12.73 -7.77 -2.21
C ASN A 36 12.31 -6.39 -2.65
N GLU A 37 11.50 -6.30 -3.70
CA GLU A 37 11.10 -5.03 -4.16
C GLU A 37 10.12 -4.43 -3.21
N MET A 38 9.47 -5.25 -2.46
CA MET A 38 8.55 -4.74 -1.49
C MET A 38 9.28 -4.38 -0.23
N VAL A 39 10.36 -5.07 0.00
CA VAL A 39 11.13 -4.90 1.20
C VAL A 39 11.70 -3.51 1.29
N LYS A 40 12.02 -2.96 0.16
CA LYS A 40 12.38 -1.59 0.07
C LYS A 40 11.16 -0.71 0.11
N LEU A 41 10.09 -1.14 -0.56
CA LEU A 41 8.90 -0.35 -0.71
C LEU A 41 8.28 0.04 0.57
N LEU A 42 8.22 -0.82 1.57
CA LEU A 42 7.65 -0.33 2.78
C LEU A 42 8.52 0.81 3.33
N GLU A 43 9.83 0.65 3.20
CA GLU A 43 10.78 1.66 3.62
C GLU A 43 10.60 2.88 2.75
N ALA A 44 10.19 2.57 1.53
CA ALA A 44 10.13 3.51 0.44
C ALA A 44 8.77 4.19 0.41
N THR A 45 7.88 3.70 1.26
CA THR A 45 6.52 4.16 1.28
C THR A 45 6.19 4.69 2.68
N GLN A 46 7.22 4.65 3.52
CA GLN A 46 7.17 5.11 4.90
C GLN A 46 6.31 4.19 5.75
N TYR A 47 6.66 2.93 5.72
CA TYR A 47 5.94 1.91 6.39
C TYR A 47 6.91 0.79 6.72
N ARG A 48 6.70 0.14 7.82
CA ARG A 48 7.60 -0.88 8.27
C ARG A 48 6.77 -1.93 8.97
N GLN A 49 7.29 -3.13 9.15
CA GLN A 49 6.49 -4.21 9.72
C GLN A 49 5.84 -3.80 11.00
N VAL A 50 4.79 -4.51 11.31
CA VAL A 50 3.95 -4.12 12.38
C VAL A 50 3.32 -5.33 13.08
N SER A 51 2.99 -5.16 14.34
CA SER A 51 2.26 -6.16 15.10
C SER A 51 0.93 -6.45 14.48
N LYS A 52 0.21 -5.39 14.23
CA LYS A 52 -1.10 -5.44 13.66
C LYS A 52 -1.40 -4.09 13.07
N MET A 53 -1.58 -4.08 11.79
CA MET A 53 -1.57 -2.85 11.09
C MET A 53 -2.91 -2.16 11.18
N THR A 54 -2.91 -1.11 11.93
CA THR A 54 -3.95 -0.15 11.84
C THR A 54 -3.44 1.16 12.32
N ARG A 55 -3.02 1.93 11.36
CA ARG A 55 -2.60 3.29 11.56
C ARG A 55 -2.89 4.05 10.29
N PRO A 56 -2.81 5.37 10.30
CA PRO A 56 -2.66 6.08 9.05
C PRO A 56 -1.20 6.04 8.62
N GLY A 57 -0.92 5.32 7.54
CA GLY A 57 0.42 5.35 6.96
C GLY A 57 1.41 4.39 7.61
N GLU A 58 0.91 3.37 8.31
CA GLU A 58 1.78 2.33 8.88
C GLU A 58 1.12 1.00 8.65
N PHE A 59 1.89 0.05 8.16
CA PHE A 59 1.28 -1.16 7.62
C PHE A 59 1.99 -2.39 8.19
N THR A 60 1.50 -3.57 7.85
CA THR A 60 2.14 -4.79 8.31
C THR A 60 2.76 -5.56 7.18
N VAL A 61 3.92 -6.10 7.48
CA VAL A 61 4.70 -6.87 6.52
C VAL A 61 4.48 -8.37 6.74
N GLN A 62 4.38 -9.13 5.65
CA GLN A 62 4.20 -10.57 5.76
C GLN A 62 5.27 -11.33 4.96
N ALA A 63 5.11 -11.41 3.64
CA ALA A 63 6.06 -12.14 2.79
C ALA A 63 5.75 -11.97 1.30
N ASN A 64 4.80 -12.75 0.80
CA ASN A 64 4.35 -12.63 -0.59
C ASN A 64 3.28 -11.60 -0.67
N SER A 65 2.90 -11.10 0.45
CA SER A 65 1.95 -10.03 0.50
C SER A 65 2.31 -9.09 1.64
N ILE A 66 2.05 -7.83 1.45
CA ILE A 66 2.09 -6.85 2.50
C ILE A 66 0.65 -6.46 2.80
N GLU A 67 0.43 -5.76 3.87
CA GLU A 67 -0.85 -5.18 4.09
C GLU A 67 -0.65 -3.68 4.08
N MET A 68 -1.51 -2.92 3.43
CA MET A 68 -1.31 -1.47 3.40
C MET A 68 -2.62 -0.71 3.62
N ILE A 69 -2.61 0.19 4.61
CA ILE A 69 -3.74 1.07 4.85
C ILE A 69 -3.90 2.04 3.69
N ARG A 70 -5.14 2.29 3.32
CA ARG A 70 -5.46 3.28 2.32
C ARG A 70 -5.56 4.64 2.98
N ARG A 71 -5.78 5.68 2.20
CA ARG A 71 -6.02 7.00 2.76
C ARG A 71 -7.34 6.98 3.54
N PRO A 72 -7.54 7.91 4.49
CA PRO A 72 -8.78 7.97 5.23
C PRO A 72 -9.92 8.40 4.33
N PHE A 73 -11.12 8.04 4.70
CA PHE A 73 -12.26 8.20 3.82
C PHE A 73 -13.06 9.43 4.13
N ASP A 74 -13.21 10.24 3.10
CA ASP A 74 -13.96 11.46 3.22
C ASP A 74 -14.97 11.61 2.11
N PHE A 75 -16.20 11.79 2.49
CA PHE A 75 -17.24 12.10 1.59
C PHE A 75 -17.92 13.38 1.97
N PRO A 76 -18.82 13.84 1.12
CA PRO A 76 -19.61 14.98 1.38
C PRO A 76 -20.72 14.65 2.31
N ASP A 77 -21.29 13.53 1.99
CA ASP A 77 -22.46 13.05 2.61
C ASP A 77 -22.11 12.34 3.87
N SER A 78 -20.85 12.07 3.96
CA SER A 78 -20.35 11.18 4.97
C SER A 78 -18.87 11.33 5.18
N LYS A 79 -18.38 11.03 6.37
CA LYS A 79 -16.97 11.09 6.65
C LYS A 79 -16.60 10.08 7.69
N GLU A 80 -15.40 9.57 7.55
CA GLU A 80 -14.97 8.47 8.36
C GLU A 80 -13.45 8.43 8.46
N GLY A 81 -12.94 7.31 8.91
CA GLY A 81 -11.53 7.23 9.26
C GLY A 81 -10.71 6.44 8.26
N GLN A 82 -9.84 5.58 8.77
CA GLN A 82 -8.90 4.88 7.93
C GLN A 82 -9.48 3.55 7.43
N VAL A 83 -8.98 3.13 6.29
CA VAL A 83 -9.29 1.87 5.71
C VAL A 83 -8.01 1.20 5.30
N ARG A 84 -7.98 -0.10 5.36
CA ARG A 84 -6.78 -0.79 4.97
C ARG A 84 -7.02 -1.87 3.96
N ALA A 85 -6.04 -1.98 3.11
CA ALA A 85 -6.06 -2.95 2.05
C ALA A 85 -5.02 -4.02 2.28
N ARG A 86 -5.12 -5.09 1.50
CA ARG A 86 -4.16 -6.17 1.58
C ARG A 86 -3.49 -6.27 0.26
N LEU A 87 -2.20 -6.15 0.29
CA LEU A 87 -1.44 -5.86 -0.88
C LEU A 87 -0.48 -6.99 -1.19
N THR A 88 -0.79 -7.74 -2.21
CA THR A 88 -0.10 -8.99 -2.49
C THR A 88 0.85 -8.87 -3.66
N PHE A 89 1.89 -9.68 -3.60
CA PHE A 89 2.92 -9.71 -4.59
C PHE A 89 2.98 -11.04 -5.34
N ASP A 90 2.54 -11.06 -6.59
CA ASP A 90 2.55 -12.29 -7.40
C ASP A 90 3.80 -12.35 -8.28
N GLY A 91 4.77 -13.14 -7.88
CA GLY A 91 5.94 -13.35 -8.71
C GLY A 91 6.94 -12.23 -8.59
N ASP A 92 7.19 -11.55 -9.69
CA ASP A 92 8.12 -10.42 -9.71
C ASP A 92 7.30 -9.21 -9.94
N HIS A 93 5.99 -9.38 -9.80
CA HIS A 93 5.06 -8.30 -9.98
C HIS A 93 4.04 -8.24 -8.87
N LEU A 94 3.43 -7.09 -8.75
CA LEU A 94 2.37 -6.90 -7.77
C LEU A 94 1.16 -7.69 -8.17
N ALA A 95 0.60 -8.36 -7.17
CA ALA A 95 -0.52 -9.20 -7.36
C ALA A 95 -1.81 -8.41 -7.29
N THR A 96 -1.94 -7.63 -6.23
CA THR A 96 -3.12 -6.84 -5.99
C THR A 96 -2.98 -6.04 -4.72
N ILE A 97 -4.01 -5.26 -4.48
CA ILE A 97 -4.19 -4.49 -3.28
C ILE A 97 -5.67 -4.37 -3.05
N VAL A 98 -6.16 -4.82 -1.92
CA VAL A 98 -7.59 -4.90 -1.73
C VAL A 98 -8.03 -4.31 -0.41
N ASN A 99 -8.91 -3.32 -0.46
CA ASN A 99 -9.53 -2.80 0.75
C ASN A 99 -10.25 -3.93 1.43
N MET A 100 -9.55 -4.45 2.41
CA MET A 100 -9.87 -5.68 3.10
C MET A 100 -11.24 -5.65 3.68
N GLU A 101 -11.71 -4.46 3.88
CA GLU A 101 -12.98 -4.26 4.47
C GLU A 101 -14.07 -4.74 3.56
N ASN A 102 -13.94 -4.40 2.30
CA ASN A 102 -14.92 -4.79 1.31
C ASN A 102 -14.41 -5.91 0.43
N ASN A 103 -13.08 -6.08 0.39
CA ASN A 103 -12.42 -7.17 -0.31
C ASN A 103 -13.12 -7.55 -1.63
N ARG A 104 -13.45 -6.53 -2.41
CA ARG A 104 -14.12 -6.71 -3.69
C ARG A 104 -13.97 -5.45 -4.54
N GLN A 105 -13.78 -4.32 -3.88
CA GLN A 105 -13.58 -3.02 -4.53
C GLN A 105 -12.53 -3.11 -5.64
N PHE A 106 -11.37 -3.65 -5.30
CA PHE A 106 -10.35 -3.96 -6.30
C PHE A 106 -10.41 -5.45 -6.59
N GLY A 107 -9.81 -6.22 -5.69
CA GLY A 107 -9.96 -7.68 -5.70
C GLY A 107 -9.35 -8.38 -6.87
N PHE A 108 -8.18 -8.94 -6.64
CA PHE A 108 -7.52 -9.78 -7.61
C PHE A 108 -7.02 -11.05 -6.92
N PHE A 109 -6.28 -11.88 -7.64
CA PHE A 109 -5.90 -13.19 -7.10
C PHE A 109 -4.74 -13.07 -6.12
N ARG A 110 -4.78 -13.91 -5.09
CA ARG A 110 -3.81 -13.85 -4.00
C ARG A 110 -2.76 -14.94 -4.18
N LEU A 111 -1.62 -14.75 -3.51
CA LEU A 111 -0.49 -15.67 -3.61
C LEU A 111 -0.78 -17.00 -2.92
N ASP A 112 -0.43 -18.08 -3.60
CA ASP A 112 -0.53 -19.41 -3.02
C ASP A 112 0.70 -19.69 -2.15
N PRO A 113 0.48 -19.94 -0.85
CA PRO A 113 1.58 -20.18 0.09
C PRO A 113 2.40 -21.41 -0.27
N ARG A 114 3.72 -21.26 -0.27
CA ARG A 114 4.61 -22.35 -0.62
C ARG A 114 4.96 -23.16 0.62
N MET A 1 -0.70 -6.34 -19.33
CA MET A 1 -0.55 -5.99 -20.76
C MET A 1 -1.31 -4.71 -21.09
N GLY A 2 -0.57 -3.62 -21.28
CA GLY A 2 -1.19 -2.35 -21.62
C GLY A 2 -1.77 -1.66 -20.41
N SER A 3 -2.90 -2.17 -19.94
CA SER A 3 -3.57 -1.63 -18.77
C SER A 3 -4.31 -2.74 -18.05
N SER A 4 -5.24 -3.38 -18.74
CA SER A 4 -6.00 -4.48 -18.19
C SER A 4 -6.41 -5.43 -19.29
N HIS A 5 -6.87 -6.63 -18.91
CA HIS A 5 -7.32 -7.66 -19.86
C HIS A 5 -6.17 -8.22 -20.68
N HIS A 6 -5.82 -9.48 -20.41
CA HIS A 6 -4.80 -10.17 -21.17
C HIS A 6 -5.25 -10.31 -22.62
N HIS A 7 -6.53 -10.62 -22.81
CA HIS A 7 -7.11 -10.68 -24.14
C HIS A 7 -7.79 -9.35 -24.45
N HIS A 8 -7.12 -8.54 -25.26
CA HIS A 8 -7.65 -7.24 -25.64
C HIS A 8 -8.78 -7.43 -26.63
N HIS A 9 -9.79 -6.56 -26.55
CA HIS A 9 -11.04 -6.69 -27.32
C HIS A 9 -11.86 -7.87 -26.81
N HIS A 10 -13.08 -8.01 -27.32
CA HIS A 10 -14.01 -9.05 -26.87
C HIS A 10 -14.34 -8.85 -25.39
N SER A 11 -15.27 -7.93 -25.13
CA SER A 11 -15.68 -7.59 -23.77
C SER A 11 -14.48 -7.06 -22.97
N SER A 12 -13.70 -6.21 -23.63
CA SER A 12 -12.56 -5.59 -22.99
C SER A 12 -12.83 -4.10 -22.80
N GLY A 13 -14.09 -3.77 -22.60
CA GLY A 13 -14.49 -2.40 -22.39
C GLY A 13 -13.98 -1.86 -21.06
N LEU A 14 -12.92 -1.08 -21.11
CA LEU A 14 -12.35 -0.51 -19.91
C LEU A 14 -13.10 0.75 -19.51
N VAL A 15 -13.47 0.84 -18.25
CA VAL A 15 -14.17 2.01 -17.73
C VAL A 15 -13.16 3.10 -17.43
N PRO A 16 -13.20 4.21 -18.18
CA PRO A 16 -12.25 5.32 -18.04
C PRO A 16 -12.36 6.00 -16.67
N ARG A 17 -11.44 5.67 -15.79
CA ARG A 17 -11.43 6.26 -14.44
C ARG A 17 -10.44 7.41 -14.41
N GLY A 18 -10.96 8.60 -14.14
CA GLY A 18 -10.14 9.79 -14.17
C GLY A 18 -9.34 9.99 -12.90
N SER A 19 -8.37 10.89 -12.98
CA SER A 19 -7.53 11.25 -11.84
C SER A 19 -6.70 10.05 -11.36
N HIS A 20 -6.06 9.38 -12.30
CA HIS A 20 -5.16 8.29 -11.95
C HIS A 20 -3.72 8.72 -12.21
N MET A 21 -3.46 10.01 -12.00
CA MET A 21 -2.14 10.57 -12.21
C MET A 21 -1.67 11.28 -10.95
N GLY A 22 -2.16 10.80 -9.81
CA GLY A 22 -1.80 11.37 -8.54
C GLY A 22 -1.95 10.38 -7.41
N ARG A 23 -1.58 10.79 -6.21
CA ARG A 23 -1.66 9.93 -5.03
C ARG A 23 -0.79 8.69 -5.21
N MET A 24 0.41 8.88 -5.73
CA MET A 24 1.33 7.78 -5.96
C MET A 24 2.32 7.77 -4.86
N VAL A 25 1.96 8.52 -3.87
CA VAL A 25 2.63 8.51 -2.60
C VAL A 25 2.10 7.35 -1.77
N ASN A 26 0.94 6.84 -2.18
CA ASN A 26 0.33 5.68 -1.56
C ASN A 26 0.35 4.52 -2.55
N LEU A 27 0.29 3.31 -2.03
CA LEU A 27 0.51 2.10 -2.81
C LEU A 27 -0.75 1.69 -3.59
N GLU A 28 -0.54 0.98 -4.71
CA GLU A 28 -1.63 0.56 -5.58
C GLU A 28 -1.02 -0.23 -6.71
N PRO A 29 -1.73 -1.19 -7.35
CA PRO A 29 -1.09 -1.87 -8.43
C PRO A 29 -1.34 -1.21 -9.79
N ASP A 30 -0.33 -0.52 -10.24
CA ASP A 30 0.13 -0.52 -11.62
C ASP A 30 1.47 -1.22 -11.53
N MET A 31 1.80 -1.48 -10.27
CA MET A 31 3.12 -1.81 -9.82
C MET A 31 3.50 -3.25 -10.12
N THR A 32 4.73 -3.42 -10.53
CA THR A 32 5.29 -4.73 -10.79
C THR A 32 6.58 -4.88 -10.00
N ILE A 33 6.51 -5.59 -8.89
CA ILE A 33 7.60 -5.68 -7.97
C ILE A 33 7.91 -7.10 -7.57
N SER A 34 8.99 -7.21 -6.86
CA SER A 34 9.56 -8.50 -6.50
C SER A 34 9.42 -8.72 -5.00
N LYS A 35 9.73 -9.94 -4.55
CA LYS A 35 9.68 -10.28 -3.12
C LYS A 35 10.40 -9.24 -2.25
N ASN A 36 11.65 -8.98 -2.57
CA ASN A 36 12.46 -8.04 -1.82
C ASN A 36 12.18 -6.63 -2.28
N GLU A 37 11.54 -6.51 -3.44
CA GLU A 37 11.22 -5.22 -3.95
C GLU A 37 10.25 -4.54 -3.04
N MET A 38 9.50 -5.31 -2.32
CA MET A 38 8.56 -4.68 -1.44
C MET A 38 9.24 -4.36 -0.13
N VAL A 39 10.25 -5.13 0.18
CA VAL A 39 10.96 -5.00 1.43
C VAL A 39 11.63 -3.65 1.55
N LYS A 40 12.05 -3.17 0.42
CA LYS A 40 12.50 -1.82 0.33
C LYS A 40 11.34 -0.88 0.28
N LEU A 41 10.31 -1.23 -0.48
CA LEU A 41 9.19 -0.36 -0.72
C LEU A 41 8.47 0.04 0.48
N LEU A 42 8.27 -0.83 1.45
CA LEU A 42 7.62 -0.34 2.61
C LEU A 42 8.48 0.75 3.24
N GLU A 43 9.77 0.53 3.27
CA GLU A 43 10.72 1.48 3.81
C GLU A 43 10.74 2.69 2.93
N ALA A 44 10.51 2.39 1.68
CA ALA A 44 10.60 3.33 0.60
C ALA A 44 9.30 4.11 0.46
N THR A 45 8.31 3.68 1.22
CA THR A 45 6.98 4.24 1.16
C THR A 45 6.61 4.78 2.53
N GLN A 46 7.57 4.64 3.44
CA GLN A 46 7.47 5.05 4.83
C GLN A 46 6.53 4.17 5.63
N TYR A 47 6.79 2.88 5.58
CA TYR A 47 6.01 1.89 6.26
C TYR A 47 6.94 0.74 6.58
N ARG A 48 6.76 0.13 7.71
CA ARG A 48 7.61 -0.95 8.12
C ARG A 48 6.74 -1.96 8.83
N GLN A 49 7.20 -3.18 8.99
CA GLN A 49 6.35 -4.22 9.58
C GLN A 49 5.77 -3.79 10.88
N VAL A 50 4.70 -4.44 11.23
CA VAL A 50 3.91 -3.99 12.31
C VAL A 50 3.26 -5.14 13.07
N SER A 51 3.00 -4.92 14.34
CA SER A 51 2.27 -5.85 15.16
C SER A 51 0.88 -6.11 14.61
N LYS A 52 0.22 -5.02 14.33
CA LYS A 52 -1.13 -5.04 13.85
C LYS A 52 -1.41 -3.75 13.14
N MET A 53 -1.61 -3.84 11.87
CA MET A 53 -1.63 -2.68 11.06
C MET A 53 -2.99 -2.01 11.11
N THR A 54 -3.01 -0.92 11.80
CA THR A 54 -4.07 0.02 11.65
C THR A 54 -3.62 1.36 12.11
N ARG A 55 -3.14 2.11 11.14
CA ARG A 55 -2.69 3.47 11.32
C ARG A 55 -2.88 4.20 10.01
N PRO A 56 -2.74 5.52 9.96
CA PRO A 56 -2.55 6.17 8.69
C PRO A 56 -1.07 6.07 8.25
N GLY A 57 -0.82 5.31 7.20
CA GLY A 57 0.52 5.28 6.62
C GLY A 57 1.48 4.31 7.28
N GLU A 58 0.96 3.42 8.13
CA GLU A 58 1.80 2.41 8.78
C GLU A 58 1.15 1.08 8.52
N PHE A 59 1.91 0.09 8.08
CA PHE A 59 1.26 -1.12 7.59
C PHE A 59 1.96 -2.35 8.16
N THR A 60 1.44 -3.54 7.85
CA THR A 60 2.06 -4.76 8.34
C THR A 60 2.63 -5.57 7.20
N VAL A 61 3.79 -6.12 7.48
CA VAL A 61 4.52 -6.95 6.53
C VAL A 61 4.30 -8.43 6.80
N GLN A 62 4.18 -9.22 5.73
CA GLN A 62 3.98 -10.66 5.87
C GLN A 62 5.05 -11.44 5.10
N ALA A 63 4.90 -11.55 3.77
CA ALA A 63 5.86 -12.28 2.95
C ALA A 63 5.64 -11.98 1.45
N ASN A 64 4.86 -12.82 0.78
CA ASN A 64 4.50 -12.58 -0.62
C ASN A 64 3.35 -11.62 -0.68
N SER A 65 2.90 -11.21 0.48
CA SER A 65 1.92 -10.18 0.55
C SER A 65 2.22 -9.25 1.72
N ILE A 66 1.95 -7.99 1.53
CA ILE A 66 1.96 -6.99 2.58
C ILE A 66 0.53 -6.64 2.92
N GLU A 67 0.31 -5.88 3.95
CA GLU A 67 -0.97 -5.26 4.14
C GLU A 67 -0.74 -3.77 4.11
N MET A 68 -1.57 -3.00 3.42
CA MET A 68 -1.36 -1.55 3.36
C MET A 68 -2.67 -0.77 3.53
N ILE A 69 -2.68 0.16 4.48
CA ILE A 69 -3.84 1.02 4.71
C ILE A 69 -4.10 1.91 3.49
N ARG A 70 -5.34 1.87 3.01
CA ARG A 70 -5.77 2.64 1.86
C ARG A 70 -5.83 4.12 2.18
N ARG A 71 -5.66 4.95 1.15
CA ARG A 71 -5.80 6.40 1.25
C ARG A 71 -7.09 6.76 1.97
N PRO A 72 -6.99 7.45 3.12
CA PRO A 72 -8.15 7.93 3.87
C PRO A 72 -8.98 8.94 3.09
N PHE A 73 -10.09 9.32 3.69
CA PHE A 73 -11.01 10.26 3.11
C PHE A 73 -10.64 11.67 3.52
N ASP A 74 -10.45 12.53 2.55
CA ASP A 74 -9.88 13.83 2.80
C ASP A 74 -10.81 14.96 2.39
N PHE A 75 -10.98 15.90 3.31
CA PHE A 75 -11.64 17.14 3.02
C PHE A 75 -10.70 18.28 3.27
N PRO A 76 -11.09 19.46 2.84
CA PRO A 76 -10.27 20.60 2.94
C PRO A 76 -10.23 21.09 4.34
N ASP A 77 -11.42 21.10 4.89
CA ASP A 77 -11.64 21.67 6.18
C ASP A 77 -11.44 20.62 7.22
N SER A 78 -11.26 19.42 6.74
CA SER A 78 -11.27 18.28 7.62
C SER A 78 -10.68 17.04 6.98
N LYS A 79 -9.92 16.29 7.75
CA LYS A 79 -9.30 15.08 7.23
C LYS A 79 -9.27 13.99 8.24
N GLU A 80 -9.62 12.80 7.79
CA GLU A 80 -9.88 11.70 8.69
C GLU A 80 -10.12 10.41 7.92
N GLY A 81 -10.69 9.44 8.63
CA GLY A 81 -11.03 8.18 8.02
C GLY A 81 -9.84 7.27 7.82
N GLN A 82 -10.06 5.96 7.92
CA GLN A 82 -9.04 5.02 7.56
C GLN A 82 -9.68 3.73 7.04
N VAL A 83 -9.04 3.16 6.04
CA VAL A 83 -9.37 1.85 5.53
C VAL A 83 -8.10 1.14 5.21
N ARG A 84 -8.06 -0.15 5.38
CA ARG A 84 -6.87 -0.87 5.04
C ARG A 84 -7.09 -1.99 4.07
N ALA A 85 -6.10 -2.14 3.23
CA ALA A 85 -6.12 -3.14 2.20
C ALA A 85 -5.05 -4.17 2.43
N ARG A 86 -5.15 -5.28 1.75
CA ARG A 86 -4.17 -6.33 1.84
C ARG A 86 -3.57 -6.51 0.49
N LEU A 87 -2.29 -6.37 0.46
CA LEU A 87 -1.57 -6.10 -0.75
C LEU A 87 -0.61 -7.25 -1.06
N THR A 88 -0.78 -7.86 -2.20
CA THR A 88 -0.06 -9.07 -2.50
C THR A 88 0.91 -8.90 -3.64
N PHE A 89 1.96 -9.69 -3.61
CA PHE A 89 3.01 -9.63 -4.59
C PHE A 89 3.13 -10.93 -5.41
N ASP A 90 2.59 -10.94 -6.62
CA ASP A 90 2.63 -12.13 -7.46
C ASP A 90 3.84 -12.13 -8.38
N GLY A 91 4.87 -12.84 -7.99
CA GLY A 91 6.01 -13.03 -8.88
C GLY A 91 6.99 -11.88 -8.86
N ASP A 92 7.07 -11.20 -9.99
CA ASP A 92 8.00 -10.10 -10.17
C ASP A 92 7.19 -8.86 -10.27
N HIS A 93 5.91 -9.02 -10.00
CA HIS A 93 4.97 -7.94 -10.06
C HIS A 93 4.00 -7.98 -8.91
N LEU A 94 3.37 -6.84 -8.68
CA LEU A 94 2.34 -6.75 -7.68
C LEU A 94 1.14 -7.55 -8.09
N ALA A 95 0.60 -8.25 -7.11
CA ALA A 95 -0.49 -9.14 -7.35
C ALA A 95 -1.82 -8.43 -7.24
N THR A 96 -1.98 -7.69 -6.16
CA THR A 96 -3.22 -7.00 -5.88
C THR A 96 -3.11 -6.26 -4.57
N ILE A 97 -4.18 -5.57 -4.27
CA ILE A 97 -4.36 -4.83 -3.06
C ILE A 97 -5.85 -4.80 -2.82
N VAL A 98 -6.27 -5.17 -1.65
CA VAL A 98 -7.68 -5.33 -1.40
C VAL A 98 -8.13 -4.60 -0.16
N ASN A 99 -9.02 -3.64 -0.33
CA ASN A 99 -9.60 -2.97 0.82
C ASN A 99 -10.33 -4.02 1.63
N MET A 100 -9.61 -4.48 2.63
CA MET A 100 -9.93 -5.67 3.40
C MET A 100 -11.27 -5.61 4.03
N GLU A 101 -11.77 -4.43 4.12
CA GLU A 101 -13.01 -4.21 4.73
C GLU A 101 -14.12 -4.70 3.85
N ASN A 102 -13.96 -4.38 2.59
CA ASN A 102 -14.88 -4.82 1.56
C ASN A 102 -14.44 -6.12 0.94
N ASN A 103 -13.12 -6.28 0.85
CA ASN A 103 -12.45 -7.50 0.39
C ASN A 103 -13.19 -8.27 -0.72
N ARG A 104 -13.81 -7.56 -1.65
CA ARG A 104 -14.51 -8.22 -2.75
C ARG A 104 -14.44 -7.41 -4.04
N GLN A 105 -15.00 -6.20 -4.01
CA GLN A 105 -15.02 -5.33 -5.19
C GLN A 105 -13.59 -4.96 -5.59
N PHE A 106 -12.79 -4.63 -4.61
CA PHE A 106 -11.40 -4.27 -4.85
C PHE A 106 -10.52 -5.49 -4.55
N GLY A 107 -10.75 -6.58 -5.27
CA GLY A 107 -10.04 -7.81 -4.99
C GLY A 107 -9.60 -8.57 -6.22
N PHE A 108 -8.44 -9.18 -6.12
CA PHE A 108 -7.83 -9.95 -7.20
C PHE A 108 -7.16 -11.21 -6.66
N PHE A 109 -6.42 -11.91 -7.51
CA PHE A 109 -5.90 -13.23 -7.18
C PHE A 109 -4.69 -13.16 -6.22
N ARG A 110 -4.27 -14.32 -5.75
CA ARG A 110 -3.18 -14.42 -4.78
C ARG A 110 -2.20 -15.53 -5.17
N LEU A 111 -1.01 -15.49 -4.56
CA LEU A 111 0.05 -16.44 -4.87
C LEU A 111 -0.28 -17.85 -4.41
N ASP A 112 0.57 -18.79 -4.84
CA ASP A 112 0.47 -20.20 -4.46
C ASP A 112 -0.92 -20.76 -4.72
N PRO A 113 -1.26 -21.00 -6.00
CA PRO A 113 -2.56 -21.55 -6.40
C PRO A 113 -2.82 -22.91 -5.73
N ARG A 114 -1.77 -23.70 -5.62
CA ARG A 114 -1.87 -25.02 -5.01
C ARG A 114 -0.52 -25.45 -4.44
N MET A 1 -25.82 19.64 8.42
CA MET A 1 -25.38 20.62 9.41
C MET A 1 -25.32 22.01 8.79
N GLY A 2 -25.79 23.00 9.52
CA GLY A 2 -25.80 24.36 9.03
C GLY A 2 -26.85 25.21 9.73
N SER A 3 -26.68 25.37 11.04
CA SER A 3 -27.64 26.11 11.85
C SER A 3 -27.70 27.56 11.42
N SER A 4 -28.87 27.97 10.91
CA SER A 4 -29.11 29.34 10.43
C SER A 4 -28.34 29.62 9.13
N HIS A 5 -27.02 29.46 9.17
CA HIS A 5 -26.19 29.75 8.00
C HIS A 5 -25.93 28.48 7.21
N HIS A 6 -26.97 27.97 6.56
CA HIS A 6 -26.87 26.75 5.78
C HIS A 6 -26.43 27.06 4.36
N HIS A 7 -25.14 26.94 4.10
CA HIS A 7 -24.59 27.23 2.78
C HIS A 7 -24.07 25.95 2.12
N HIS A 8 -24.45 24.81 2.71
CA HIS A 8 -24.06 23.49 2.20
C HIS A 8 -22.54 23.28 2.33
N HIS A 9 -21.92 24.08 3.18
CA HIS A 9 -20.49 23.98 3.38
C HIS A 9 -20.19 23.53 4.80
N HIS A 10 -19.46 22.44 4.91
CA HIS A 10 -19.10 21.90 6.21
C HIS A 10 -17.70 21.28 6.13
N SER A 11 -16.83 21.69 7.04
CA SER A 11 -15.46 21.24 7.04
C SER A 11 -15.33 19.84 7.64
N SER A 12 -15.92 18.87 6.95
CA SER A 12 -15.81 17.48 7.35
C SER A 12 -14.52 16.88 6.80
N GLY A 13 -13.88 16.04 7.59
CA GLY A 13 -12.64 15.43 7.17
C GLY A 13 -11.45 16.06 7.87
N LEU A 14 -10.25 15.70 7.43
CA LEU A 14 -9.01 16.19 8.02
C LEU A 14 -8.95 15.83 9.49
N VAL A 15 -9.21 14.55 9.78
CA VAL A 15 -9.13 14.04 11.14
C VAL A 15 -7.67 13.86 11.58
N PRO A 16 -6.80 13.25 10.74
CA PRO A 16 -5.38 13.16 11.03
C PRO A 16 -4.65 14.46 10.68
N ARG A 17 -3.85 14.95 11.60
CA ARG A 17 -3.10 16.19 11.38
C ARG A 17 -1.85 15.93 10.54
N GLY A 18 -1.57 14.65 10.31
CA GLY A 18 -0.46 14.27 9.46
C GLY A 18 -0.92 13.62 8.18
N SER A 19 -2.06 14.07 7.67
CA SER A 19 -2.66 13.47 6.48
C SER A 19 -2.06 14.06 5.20
N HIS A 20 -1.64 15.32 5.27
CA HIS A 20 -1.10 16.00 4.10
C HIS A 20 0.37 15.69 3.92
N MET A 21 1.06 15.39 5.01
CA MET A 21 2.45 14.97 4.94
C MET A 21 2.55 13.48 4.64
N GLY A 22 1.44 12.79 4.89
CA GLY A 22 1.37 11.37 4.59
C GLY A 22 0.73 11.11 3.24
N ARG A 23 1.10 11.92 2.26
CA ARG A 23 0.57 11.80 0.91
C ARG A 23 1.52 10.95 0.09
N MET A 24 1.95 9.82 0.65
CA MET A 24 2.89 8.93 0.00
C MET A 24 2.87 7.57 0.65
N VAL A 25 1.70 7.23 1.15
CA VAL A 25 1.52 5.97 1.83
C VAL A 25 0.34 5.20 1.22
N ASN A 26 0.29 5.19 -0.10
CA ASN A 26 -0.79 4.54 -0.82
C ASN A 26 -0.23 3.42 -1.70
N LEU A 27 -1.12 2.69 -2.35
CA LEU A 27 -0.71 1.60 -3.21
C LEU A 27 -1.49 1.63 -4.51
N GLU A 28 -0.90 1.11 -5.58
CA GLU A 28 -1.41 1.34 -6.90
C GLU A 28 -1.66 0.05 -7.68
N PRO A 29 -2.11 0.19 -8.96
CA PRO A 29 -2.11 -0.89 -9.97
C PRO A 29 -0.83 -1.75 -10.00
N ASP A 30 -0.81 -2.64 -11.00
CA ASP A 30 0.11 -3.81 -11.16
C ASP A 30 1.62 -3.59 -10.96
N MET A 31 2.03 -2.62 -10.13
CA MET A 31 3.44 -2.34 -9.84
C MET A 31 4.24 -3.62 -9.70
N THR A 32 5.05 -3.87 -10.68
CA THR A 32 5.74 -5.13 -10.75
C THR A 32 6.93 -5.12 -9.82
N ILE A 33 6.79 -5.85 -8.74
CA ILE A 33 7.78 -5.89 -7.73
C ILE A 33 8.00 -7.32 -7.24
N SER A 34 8.99 -7.44 -6.43
CA SER A 34 9.45 -8.74 -5.98
C SER A 34 9.37 -8.81 -4.45
N LYS A 35 9.63 -9.99 -3.88
CA LYS A 35 9.57 -10.17 -2.43
C LYS A 35 10.40 -9.11 -1.69
N ASN A 36 11.62 -8.92 -2.12
CA ASN A 36 12.49 -7.93 -1.49
C ASN A 36 12.19 -6.56 -2.03
N GLU A 37 11.53 -6.51 -3.18
CA GLU A 37 11.23 -5.25 -3.77
C GLU A 37 10.21 -4.54 -2.95
N MET A 38 9.46 -5.27 -2.21
CA MET A 38 8.51 -4.60 -1.36
C MET A 38 9.15 -4.24 -0.07
N VAL A 39 10.14 -5.02 0.32
CA VAL A 39 10.84 -4.85 1.57
C VAL A 39 11.53 -3.52 1.67
N LYS A 40 11.97 -3.07 0.54
CA LYS A 40 12.46 -1.73 0.40
C LYS A 40 11.29 -0.77 0.31
N LEU A 41 10.28 -1.13 -0.47
CA LEU A 41 9.19 -0.24 -0.77
C LEU A 41 8.43 0.18 0.40
N LEU A 42 8.21 -0.66 1.38
CA LEU A 42 7.52 -0.14 2.51
C LEU A 42 8.38 0.95 3.15
N GLU A 43 9.67 0.71 3.22
CA GLU A 43 10.62 1.65 3.79
C GLU A 43 10.69 2.85 2.89
N ALA A 44 10.48 2.53 1.63
CA ALA A 44 10.62 3.45 0.56
C ALA A 44 9.33 4.25 0.39
N THR A 45 8.31 3.85 1.13
CA THR A 45 6.99 4.43 1.03
C THR A 45 6.60 4.97 2.41
N GLN A 46 7.52 4.79 3.34
CA GLN A 46 7.41 5.21 4.74
C GLN A 46 6.44 4.32 5.52
N TYR A 47 6.73 3.04 5.49
CA TYR A 47 5.97 2.03 6.16
C TYR A 47 6.92 0.90 6.47
N ARG A 48 6.75 0.27 7.58
CA ARG A 48 7.67 -0.73 8.02
C ARG A 48 6.86 -1.81 8.69
N GLN A 49 7.40 -3.01 8.83
CA GLN A 49 6.66 -4.10 9.45
C GLN A 49 6.03 -3.70 10.74
N VAL A 50 4.88 -4.29 10.97
CA VAL A 50 4.10 -3.92 12.08
C VAL A 50 3.54 -5.15 12.79
N SER A 51 3.29 -4.97 14.08
CA SER A 51 2.63 -5.99 14.90
C SER A 51 1.26 -6.30 14.39
N LYS A 52 0.51 -5.26 14.17
CA LYS A 52 -0.85 -5.36 13.71
C LYS A 52 -1.23 -4.08 13.03
N MET A 53 -1.50 -4.20 11.77
CA MET A 53 -1.63 -3.03 10.97
C MET A 53 -2.97 -2.38 11.18
N THR A 54 -2.91 -1.33 11.93
CA THR A 54 -3.95 -0.34 11.88
C THR A 54 -3.41 0.96 12.40
N ARG A 55 -2.93 1.73 11.47
CA ARG A 55 -2.48 3.06 11.72
C ARG A 55 -2.65 3.84 10.45
N PRO A 56 -2.90 5.14 10.47
CA PRO A 56 -2.82 5.89 9.24
C PRO A 56 -1.37 5.95 8.76
N GLY A 57 -1.11 5.27 7.67
CA GLY A 57 0.19 5.35 7.05
C GLY A 57 1.25 4.44 7.68
N GLU A 58 0.82 3.39 8.37
CA GLU A 58 1.75 2.37 8.88
C GLU A 58 1.11 1.03 8.66
N PHE A 59 1.86 0.10 8.11
CA PHE A 59 1.24 -1.12 7.60
C PHE A 59 1.99 -2.34 8.07
N THR A 60 1.50 -3.54 7.75
CA THR A 60 2.16 -4.75 8.19
C THR A 60 2.75 -5.52 7.03
N VAL A 61 3.92 -6.02 7.28
CA VAL A 61 4.68 -6.77 6.29
C VAL A 61 4.54 -8.28 6.51
N GLN A 62 4.40 -9.02 5.41
CA GLN A 62 4.28 -10.48 5.48
C GLN A 62 5.37 -11.15 4.63
N ALA A 63 5.03 -11.50 3.38
CA ALA A 63 5.98 -12.16 2.49
C ALA A 63 5.57 -11.97 1.02
N ASN A 64 4.58 -12.75 0.58
CA ASN A 64 4.04 -12.62 -0.77
C ASN A 64 2.99 -11.57 -0.81
N SER A 65 2.69 -11.03 0.34
CA SER A 65 1.74 -9.96 0.42
C SER A 65 2.14 -9.00 1.52
N ILE A 66 1.86 -7.74 1.31
CA ILE A 66 1.93 -6.76 2.36
C ILE A 66 0.51 -6.39 2.73
N GLU A 67 0.34 -5.75 3.82
CA GLU A 67 -0.93 -5.19 4.13
C GLU A 67 -0.77 -3.69 4.16
N MET A 68 -1.60 -2.95 3.45
CA MET A 68 -1.46 -1.49 3.41
C MET A 68 -2.77 -0.76 3.71
N ILE A 69 -2.75 0.13 4.70
CA ILE A 69 -3.90 0.97 4.98
C ILE A 69 -4.11 1.96 3.85
N ARG A 70 -5.35 2.12 3.44
CA ARG A 70 -5.71 3.13 2.47
C ARG A 70 -5.97 4.43 3.22
N ARG A 71 -5.51 5.54 2.65
CA ARG A 71 -5.69 6.86 3.25
C ARG A 71 -7.15 7.04 3.67
N PRO A 72 -7.38 7.66 4.85
CA PRO A 72 -8.70 7.78 5.45
C PRO A 72 -9.75 8.30 4.48
N PHE A 73 -10.96 7.87 4.70
CA PHE A 73 -12.03 8.04 3.72
C PHE A 73 -12.79 9.33 3.89
N ASP A 74 -12.93 10.00 2.78
CA ASP A 74 -13.73 11.19 2.69
C ASP A 74 -14.70 11.09 1.54
N PHE A 75 -15.96 11.19 1.85
CA PHE A 75 -16.99 11.27 0.87
C PHE A 75 -17.75 12.55 1.03
N PRO A 76 -18.63 12.82 0.10
CA PRO A 76 -19.43 13.98 0.16
C PRO A 76 -20.54 13.81 1.13
N ASP A 77 -21.12 12.67 1.01
CA ASP A 77 -22.29 12.35 1.77
C ASP A 77 -21.92 11.63 3.02
N SER A 78 -20.62 11.46 3.17
CA SER A 78 -20.11 10.65 4.26
C SER A 78 -18.63 10.89 4.48
N LYS A 79 -18.17 10.76 5.70
CA LYS A 79 -16.75 10.87 6.00
C LYS A 79 -16.41 10.04 7.21
N GLU A 80 -15.24 9.44 7.16
CA GLU A 80 -14.90 8.46 8.15
C GLU A 80 -13.41 8.30 8.34
N GLY A 81 -13.04 7.20 8.99
CA GLY A 81 -11.67 6.99 9.39
C GLY A 81 -10.85 6.20 8.39
N GLN A 82 -10.06 5.27 8.91
CA GLN A 82 -9.10 4.56 8.09
C GLN A 82 -9.63 3.21 7.64
N VAL A 83 -9.14 2.77 6.50
CA VAL A 83 -9.42 1.47 5.95
C VAL A 83 -8.14 0.86 5.48
N ARG A 84 -8.04 -0.43 5.55
CA ARG A 84 -6.83 -1.07 5.14
C ARG A 84 -7.05 -2.14 4.10
N ALA A 85 -6.07 -2.22 3.24
CA ALA A 85 -6.09 -3.14 2.15
C ALA A 85 -5.02 -4.20 2.33
N ARG A 86 -5.11 -5.24 1.52
CA ARG A 86 -4.12 -6.28 1.53
C ARG A 86 -3.48 -6.31 0.18
N LEU A 87 -2.26 -5.89 0.19
CA LEU A 87 -1.54 -5.63 -1.00
C LEU A 87 -0.62 -6.81 -1.30
N THR A 88 -0.91 -7.52 -2.36
CA THR A 88 -0.29 -8.79 -2.61
C THR A 88 0.67 -8.74 -3.78
N PHE A 89 1.67 -9.60 -3.69
CA PHE A 89 2.71 -9.69 -4.67
C PHE A 89 2.70 -11.04 -5.38
N ASP A 90 2.40 -11.03 -6.67
CA ASP A 90 2.40 -12.26 -7.47
C ASP A 90 3.69 -12.38 -8.26
N GLY A 91 4.64 -13.12 -7.73
CA GLY A 91 5.87 -13.38 -8.46
C GLY A 91 6.89 -12.27 -8.33
N ASP A 92 7.17 -11.66 -9.46
CA ASP A 92 8.16 -10.59 -9.54
C ASP A 92 7.42 -9.33 -9.80
N HIS A 93 6.11 -9.44 -9.67
CA HIS A 93 5.24 -8.33 -9.88
C HIS A 93 4.11 -8.31 -8.89
N LEU A 94 3.49 -7.14 -8.75
CA LEU A 94 2.36 -6.98 -7.85
C LEU A 94 1.18 -7.80 -8.28
N ALA A 95 0.49 -8.30 -7.29
CA ALA A 95 -0.67 -9.10 -7.52
C ALA A 95 -1.94 -8.27 -7.49
N THR A 96 -2.09 -7.48 -6.45
CA THR A 96 -3.27 -6.67 -6.23
C THR A 96 -3.17 -5.97 -4.89
N ILE A 97 -4.17 -5.19 -4.61
CA ILE A 97 -4.33 -4.51 -3.36
C ILE A 97 -5.82 -4.45 -3.06
N VAL A 98 -6.21 -4.86 -1.89
CA VAL A 98 -7.62 -5.06 -1.61
C VAL A 98 -8.05 -4.46 -0.31
N ASN A 99 -8.95 -3.47 -0.35
CA ASN A 99 -9.55 -2.96 0.87
C ASN A 99 -10.29 -4.10 1.53
N MET A 100 -9.59 -4.67 2.48
CA MET A 100 -9.87 -5.94 3.11
C MET A 100 -11.24 -6.00 3.70
N GLU A 101 -11.75 -4.84 3.99
CA GLU A 101 -13.00 -4.73 4.62
C GLU A 101 -14.10 -5.22 3.69
N ASN A 102 -13.99 -4.82 2.47
CA ASN A 102 -14.92 -5.26 1.43
C ASN A 102 -14.31 -6.39 0.63
N ASN A 103 -12.98 -6.38 0.51
CA ASN A 103 -12.22 -7.40 -0.22
C ASN A 103 -12.95 -7.92 -1.47
N ARG A 104 -13.32 -7.00 -2.37
CA ARG A 104 -13.97 -7.38 -3.61
C ARG A 104 -13.96 -6.22 -4.60
N GLN A 105 -14.67 -5.15 -4.26
CA GLN A 105 -14.72 -3.97 -5.12
C GLN A 105 -13.46 -3.12 -4.96
N PHE A 106 -12.33 -3.73 -5.27
CA PHE A 106 -11.03 -3.06 -5.18
C PHE A 106 -9.95 -4.00 -5.66
N GLY A 107 -10.09 -5.28 -5.34
CA GLY A 107 -9.10 -6.26 -5.70
C GLY A 107 -9.47 -7.65 -5.27
N PHE A 108 -8.64 -8.61 -5.64
CA PHE A 108 -8.80 -10.02 -5.28
C PHE A 108 -7.42 -10.64 -5.11
N PHE A 109 -7.14 -11.20 -3.94
CA PHE A 109 -5.80 -11.67 -3.65
C PHE A 109 -5.70 -13.20 -3.75
N ARG A 110 -4.88 -13.66 -4.68
CA ARG A 110 -4.57 -15.08 -4.80
C ARG A 110 -3.07 -15.24 -5.01
N LEU A 111 -2.41 -15.94 -4.09
CA LEU A 111 -0.96 -16.06 -4.12
C LEU A 111 -0.52 -17.42 -3.58
N ASP A 112 0.51 -17.98 -4.20
CA ASP A 112 1.15 -19.19 -3.68
C ASP A 112 2.04 -18.81 -2.50
N PRO A 113 2.13 -19.69 -1.49
CA PRO A 113 2.78 -19.38 -0.20
C PRO A 113 4.29 -19.17 -0.30
N ARG A 114 4.89 -19.51 -1.43
CA ARG A 114 6.32 -19.35 -1.61
C ARG A 114 6.64 -18.65 -2.92
N MET A 1 -4.33 27.52 -17.31
CA MET A 1 -3.06 28.18 -17.70
C MET A 1 -1.87 27.53 -16.99
N GLY A 2 -2.06 26.33 -16.47
CA GLY A 2 -0.98 25.65 -15.76
C GLY A 2 -0.84 26.15 -14.34
N SER A 3 -1.96 26.51 -13.73
CA SER A 3 -1.97 27.04 -12.38
C SER A 3 -2.04 25.90 -11.37
N SER A 4 -2.01 26.25 -10.08
CA SER A 4 -2.09 25.28 -9.00
C SER A 4 -0.92 24.29 -9.06
N HIS A 5 0.26 24.80 -9.38
CA HIS A 5 1.45 23.97 -9.43
C HIS A 5 2.26 24.13 -8.14
N HIS A 6 2.83 23.02 -7.67
CA HIS A 6 3.47 22.98 -6.35
C HIS A 6 4.55 24.05 -6.19
N HIS A 7 5.59 23.96 -7.00
CA HIS A 7 6.73 24.85 -6.90
C HIS A 7 6.48 26.12 -7.70
N HIS A 8 6.52 27.26 -7.02
CA HIS A 8 6.21 28.54 -7.65
C HIS A 8 7.42 29.12 -8.37
N HIS A 9 8.52 28.36 -8.37
CA HIS A 9 9.71 28.74 -9.11
C HIS A 9 10.11 27.60 -10.01
N HIS A 10 9.11 26.82 -10.44
CA HIS A 10 9.31 25.63 -11.27
C HIS A 10 9.96 24.51 -10.47
N SER A 11 9.78 23.28 -10.93
CA SER A 11 10.37 22.12 -10.29
C SER A 11 11.63 21.68 -11.03
N SER A 12 12.42 22.68 -11.44
CA SER A 12 13.59 22.44 -12.28
C SER A 12 14.63 21.58 -11.56
N GLY A 13 14.71 21.72 -10.25
CA GLY A 13 15.67 20.95 -9.49
C GLY A 13 15.17 19.58 -9.12
N LEU A 14 13.88 19.34 -9.32
CA LEU A 14 13.27 18.07 -8.93
C LEU A 14 13.09 17.16 -10.13
N VAL A 15 12.67 17.72 -11.26
CA VAL A 15 12.31 16.95 -12.44
C VAL A 15 13.46 16.06 -13.01
N PRO A 16 14.77 16.45 -12.93
CA PRO A 16 15.87 15.62 -13.45
C PRO A 16 15.86 14.20 -12.88
N ARG A 17 15.43 14.04 -11.63
CA ARG A 17 15.42 12.73 -10.99
C ARG A 17 14.01 12.33 -10.56
N GLY A 18 13.16 13.32 -10.36
CA GLY A 18 11.83 13.06 -9.83
C GLY A 18 11.87 12.89 -8.34
N SER A 19 11.82 11.65 -7.89
CA SER A 19 11.96 11.32 -6.47
C SER A 19 10.96 12.08 -5.62
N HIS A 20 9.69 11.98 -5.99
CA HIS A 20 8.63 12.63 -5.23
C HIS A 20 8.52 11.97 -3.86
N MET A 21 8.42 10.64 -3.89
CA MET A 21 8.44 9.81 -2.68
C MET A 21 7.44 10.32 -1.63
N GLY A 22 6.16 10.27 -1.97
CA GLY A 22 5.15 10.76 -1.06
C GLY A 22 3.98 9.81 -0.90
N ARG A 23 3.75 9.38 0.33
CA ARG A 23 2.65 8.47 0.64
C ARG A 23 1.36 9.28 0.83
N MET A 24 0.96 9.99 -0.20
CA MET A 24 -0.23 10.82 -0.15
C MET A 24 -1.18 10.38 -1.23
N VAL A 25 -0.92 9.18 -1.66
CA VAL A 25 -1.73 8.53 -2.66
C VAL A 25 -1.91 7.05 -2.30
N ASN A 26 -3.06 6.51 -2.65
CA ASN A 26 -3.38 5.11 -2.36
C ASN A 26 -2.45 4.18 -3.12
N LEU A 27 -2.28 2.96 -2.62
CA LEU A 27 -1.47 1.96 -3.28
C LEU A 27 -2.38 0.98 -3.98
N GLU A 28 -2.31 0.99 -5.31
CA GLU A 28 -3.07 0.07 -6.13
C GLU A 28 -2.75 0.30 -7.62
N PRO A 29 -1.47 0.33 -7.98
CA PRO A 29 -1.05 0.54 -9.35
C PRO A 29 -0.93 -0.78 -10.10
N ASP A 30 -0.63 -0.69 -11.38
CA ASP A 30 -0.31 -1.84 -12.20
C ASP A 30 1.10 -2.34 -11.88
N MET A 31 1.57 -1.97 -10.70
CA MET A 31 2.93 -2.19 -10.24
C MET A 31 3.41 -3.60 -10.49
N THR A 32 4.66 -3.71 -10.87
CA THR A 32 5.29 -5.00 -11.05
C THR A 32 6.55 -5.05 -10.21
N ILE A 33 6.43 -5.66 -9.04
CA ILE A 33 7.51 -5.71 -8.11
C ILE A 33 7.81 -7.13 -7.68
N SER A 34 8.87 -7.25 -6.98
CA SER A 34 9.41 -8.54 -6.66
C SER A 34 9.31 -8.78 -5.15
N LYS A 35 9.59 -9.99 -4.72
CA LYS A 35 9.47 -10.35 -3.30
C LYS A 35 10.26 -9.38 -2.42
N ASN A 36 11.50 -9.12 -2.78
CA ASN A 36 12.34 -8.20 -2.03
C ASN A 36 12.08 -6.79 -2.46
N GLU A 37 11.43 -6.63 -3.60
CA GLU A 37 11.15 -5.32 -4.09
C GLU A 37 10.19 -4.63 -3.18
N MET A 38 9.43 -5.37 -2.44
CA MET A 38 8.53 -4.73 -1.53
C MET A 38 9.22 -4.45 -0.23
N VAL A 39 10.23 -5.26 0.05
CA VAL A 39 10.96 -5.19 1.28
C VAL A 39 11.70 -3.89 1.41
N LYS A 40 12.06 -3.36 0.29
CA LYS A 40 12.61 -2.03 0.23
C LYS A 40 11.50 -1.00 0.26
N LEU A 41 10.41 -1.32 -0.44
CA LEU A 41 9.29 -0.42 -0.58
C LEU A 41 8.71 0.07 0.67
N LEU A 42 8.50 -0.77 1.66
CA LEU A 42 7.99 -0.22 2.89
C LEU A 42 8.99 0.79 3.44
N GLU A 43 10.26 0.47 3.33
CA GLU A 43 11.33 1.35 3.77
C GLU A 43 11.31 2.59 2.89
N ALA A 44 10.84 2.35 1.68
CA ALA A 44 10.90 3.29 0.61
C ALA A 44 9.63 4.12 0.55
N THR A 45 8.65 3.75 1.37
CA THR A 45 7.35 4.37 1.32
C THR A 45 7.01 4.94 2.69
N GLN A 46 7.94 4.72 3.61
CA GLN A 46 7.82 5.11 5.00
C GLN A 46 6.79 4.28 5.75
N TYR A 47 7.01 2.98 5.72
CA TYR A 47 6.18 2.02 6.38
C TYR A 47 7.09 0.88 6.75
N ARG A 48 6.81 0.26 7.84
CA ARG A 48 7.65 -0.79 8.33
C ARG A 48 6.77 -1.79 9.03
N GLN A 49 7.26 -2.99 9.28
CA GLN A 49 6.45 -4.01 9.90
C GLN A 49 5.75 -3.52 11.12
N VAL A 50 4.71 -4.23 11.45
CA VAL A 50 3.85 -3.80 12.49
C VAL A 50 3.25 -4.99 13.23
N SER A 51 2.93 -4.75 14.47
CA SER A 51 2.22 -5.72 15.29
C SER A 51 0.86 -6.04 14.70
N LYS A 52 0.16 -4.99 14.39
CA LYS A 52 -1.17 -5.07 13.85
C LYS A 52 -1.47 -3.77 13.17
N MET A 53 -1.66 -3.86 11.88
CA MET A 53 -1.69 -2.67 11.10
C MET A 53 -3.06 -2.05 11.12
N THR A 54 -3.12 -0.95 11.81
CA THR A 54 -4.20 -0.04 11.63
C THR A 54 -3.75 1.31 12.09
N ARG A 55 -3.28 2.06 11.12
CA ARG A 55 -2.83 3.42 11.31
C ARG A 55 -3.02 4.16 10.01
N PRO A 56 -2.88 5.48 9.97
CA PRO A 56 -2.71 6.13 8.71
C PRO A 56 -1.25 6.03 8.24
N GLY A 57 -1.05 5.28 7.17
CA GLY A 57 0.26 5.23 6.54
C GLY A 57 1.27 4.35 7.25
N GLU A 58 0.79 3.39 8.04
CA GLU A 58 1.66 2.42 8.72
C GLU A 58 1.07 1.06 8.47
N PHE A 59 1.87 0.09 8.08
CA PHE A 59 1.29 -1.16 7.58
C PHE A 59 1.98 -2.35 8.21
N THR A 60 1.48 -3.53 7.95
CA THR A 60 2.07 -4.72 8.48
C THR A 60 2.66 -5.53 7.36
N VAL A 61 3.84 -6.03 7.60
CA VAL A 61 4.60 -6.68 6.55
C VAL A 61 4.72 -8.18 6.80
N GLN A 62 4.69 -8.97 5.72
CA GLN A 62 4.76 -10.42 5.84
C GLN A 62 5.83 -11.00 4.90
N ALA A 63 5.48 -11.25 3.65
CA ALA A 63 6.43 -11.83 2.69
C ALA A 63 6.02 -11.60 1.25
N ASN A 64 5.13 -12.44 0.73
CA ASN A 64 4.65 -12.33 -0.65
C ASN A 64 3.46 -11.43 -0.69
N SER A 65 3.02 -11.02 0.45
CA SER A 65 1.97 -10.05 0.52
C SER A 65 2.21 -9.10 1.69
N ILE A 66 1.82 -7.85 1.53
CA ILE A 66 1.83 -6.90 2.60
C ILE A 66 0.40 -6.51 2.91
N GLU A 67 0.18 -5.84 4.00
CA GLU A 67 -1.09 -5.21 4.21
C GLU A 67 -0.86 -3.72 4.14
N MET A 68 -1.68 -3.00 3.41
CA MET A 68 -1.50 -1.55 3.32
C MET A 68 -2.83 -0.82 3.48
N ILE A 69 -2.89 0.11 4.44
CA ILE A 69 -4.08 0.89 4.69
C ILE A 69 -4.46 1.72 3.47
N ARG A 70 -5.64 1.47 2.94
CA ARG A 70 -6.19 2.29 1.87
C ARG A 70 -6.39 3.71 2.40
N ARG A 71 -5.71 4.65 1.77
CA ARG A 71 -5.69 6.04 2.24
C ARG A 71 -7.09 6.55 2.57
N PRO A 72 -7.25 7.10 3.79
CA PRO A 72 -8.51 7.68 4.24
C PRO A 72 -8.92 8.92 3.46
N PHE A 73 -10.10 9.44 3.76
CA PHE A 73 -10.60 10.60 3.06
C PHE A 73 -10.21 11.87 3.80
N ASP A 74 -10.18 12.96 3.05
CA ASP A 74 -9.68 14.22 3.56
C ASP A 74 -10.77 15.26 3.58
N PHE A 75 -10.94 15.87 4.72
CA PHE A 75 -11.78 17.02 4.87
C PHE A 75 -10.95 18.17 5.38
N PRO A 76 -11.51 19.35 5.36
CA PRO A 76 -10.81 20.52 5.73
C PRO A 76 -10.64 20.59 7.21
N ASP A 77 -11.71 20.26 7.85
CA ASP A 77 -11.81 20.41 9.25
C ASP A 77 -11.47 19.11 9.91
N SER A 78 -11.28 18.12 9.06
CA SER A 78 -11.16 16.77 9.54
C SER A 78 -10.53 15.84 8.55
N LYS A 79 -9.78 14.85 9.00
CA LYS A 79 -9.16 13.90 8.11
C LYS A 79 -9.09 12.54 8.71
N GLU A 80 -9.75 11.61 8.05
CA GLU A 80 -10.02 10.33 8.66
C GLU A 80 -10.70 9.38 7.70
N GLY A 81 -11.28 8.33 8.26
CA GLY A 81 -11.99 7.35 7.47
C GLY A 81 -11.07 6.40 6.77
N GLN A 82 -10.27 5.72 7.56
CA GLN A 82 -9.26 4.84 7.01
C GLN A 82 -9.81 3.42 6.86
N VAL A 83 -9.17 2.71 5.95
CA VAL A 83 -9.50 1.34 5.63
C VAL A 83 -8.24 0.65 5.27
N ARG A 84 -8.16 -0.62 5.49
CA ARG A 84 -7.00 -1.35 5.11
C ARG A 84 -7.23 -2.20 3.93
N ALA A 85 -6.16 -2.37 3.20
CA ALA A 85 -6.16 -3.27 2.09
C ALA A 85 -5.04 -4.28 2.21
N ARG A 86 -5.21 -5.38 1.50
CA ARG A 86 -4.28 -6.48 1.53
C ARG A 86 -3.53 -6.49 0.23
N LEU A 87 -2.35 -5.98 0.33
CA LEU A 87 -1.55 -5.69 -0.81
C LEU A 87 -0.63 -6.86 -1.11
N THR A 88 -0.85 -7.51 -2.22
CA THR A 88 -0.20 -8.76 -2.50
C THR A 88 0.79 -8.66 -3.64
N PHE A 89 1.82 -9.47 -3.56
CA PHE A 89 2.84 -9.52 -4.57
C PHE A 89 2.90 -10.88 -5.25
N ASP A 90 2.54 -10.93 -6.51
CA ASP A 90 2.57 -12.17 -7.27
C ASP A 90 3.79 -12.20 -8.18
N GLY A 91 4.86 -12.83 -7.71
CA GLY A 91 6.01 -13.05 -8.56
C GLY A 91 6.93 -11.88 -8.66
N ASP A 92 7.00 -11.32 -9.85
CA ASP A 92 7.89 -10.24 -10.18
C ASP A 92 7.08 -9.00 -10.28
N HIS A 93 5.81 -9.15 -9.97
CA HIS A 93 4.90 -8.06 -10.08
C HIS A 93 3.89 -8.03 -8.96
N LEU A 94 3.31 -6.85 -8.78
CA LEU A 94 2.27 -6.68 -7.80
C LEU A 94 1.06 -7.47 -8.20
N ALA A 95 0.53 -8.16 -7.22
CA ALA A 95 -0.57 -9.04 -7.45
C ALA A 95 -1.88 -8.31 -7.38
N THR A 96 -2.03 -7.52 -6.32
CA THR A 96 -3.27 -6.84 -6.05
C THR A 96 -3.19 -6.09 -4.75
N ILE A 97 -4.26 -5.41 -4.46
CA ILE A 97 -4.45 -4.70 -3.22
C ILE A 97 -5.94 -4.72 -2.93
N VAL A 98 -6.32 -5.24 -1.79
CA VAL A 98 -7.72 -5.49 -1.52
C VAL A 98 -8.16 -4.87 -0.22
N ASN A 99 -9.19 -4.03 -0.25
CA ASN A 99 -9.74 -3.48 0.99
C ASN A 99 -10.23 -4.60 1.87
N MET A 100 -9.33 -4.99 2.74
CA MET A 100 -9.41 -6.14 3.63
C MET A 100 -10.74 -6.29 4.25
N GLU A 101 -11.29 -5.16 4.58
CA GLU A 101 -12.48 -5.09 5.31
C GLU A 101 -13.63 -5.70 4.55
N ASN A 102 -13.63 -5.42 3.28
CA ASN A 102 -14.64 -5.93 2.39
C ASN A 102 -14.12 -7.11 1.58
N ASN A 103 -12.81 -7.08 1.31
CA ASN A 103 -12.07 -8.08 0.57
C ASN A 103 -12.84 -8.68 -0.62
N ARG A 104 -13.68 -7.85 -1.23
CA ARG A 104 -14.44 -8.22 -2.40
C ARG A 104 -14.52 -7.03 -3.34
N GLN A 105 -14.68 -7.31 -4.64
CA GLN A 105 -14.83 -6.28 -5.70
C GLN A 105 -13.77 -5.18 -5.59
N PHE A 106 -12.62 -5.52 -5.02
CA PHE A 106 -11.49 -4.60 -4.96
C PHE A 106 -10.26 -5.28 -5.51
N GLY A 107 -10.19 -6.59 -5.30
CA GLY A 107 -9.09 -7.37 -5.78
C GLY A 107 -9.18 -8.82 -5.37
N PHE A 108 -8.08 -9.52 -5.51
CA PHE A 108 -7.99 -10.95 -5.24
C PHE A 108 -6.52 -11.37 -5.14
N PHE A 109 -6.18 -12.19 -4.17
CA PHE A 109 -4.79 -12.56 -3.95
C PHE A 109 -4.56 -14.05 -4.20
N ARG A 110 -3.54 -14.34 -5.00
CA ARG A 110 -3.15 -15.71 -5.32
C ARG A 110 -1.63 -15.85 -5.21
N LEU A 111 -1.17 -16.74 -4.33
CA LEU A 111 0.27 -16.92 -4.12
C LEU A 111 0.59 -18.30 -3.56
N ASP A 112 1.64 -18.90 -4.07
CA ASP A 112 2.14 -20.17 -3.54
C ASP A 112 3.66 -20.14 -3.49
N PRO A 113 4.26 -20.70 -2.42
CA PRO A 113 5.71 -20.66 -2.20
C PRO A 113 6.51 -21.28 -3.33
N ARG A 114 7.18 -20.43 -4.11
CA ARG A 114 8.03 -20.89 -5.19
C ARG A 114 9.42 -20.30 -5.03
N MET A 1 35.73 2.30 8.09
CA MET A 1 35.74 3.60 7.36
C MET A 1 36.35 4.71 8.22
N GLY A 2 35.93 4.79 9.49
CA GLY A 2 36.46 5.79 10.38
C GLY A 2 36.68 5.26 11.78
N SER A 3 37.33 6.05 12.62
CA SER A 3 37.60 5.63 13.99
C SER A 3 36.46 6.03 14.93
N SER A 4 35.38 5.24 14.89
CA SER A 4 34.25 5.42 15.77
C SER A 4 33.60 6.80 15.56
N HIS A 5 32.89 6.94 14.46
CA HIS A 5 32.18 8.17 14.16
C HIS A 5 30.85 8.21 14.88
N HIS A 6 30.86 8.76 16.08
CA HIS A 6 29.66 8.89 16.88
C HIS A 6 28.85 10.08 16.41
N HIS A 7 28.08 9.86 15.34
CA HIS A 7 27.27 10.90 14.69
C HIS A 7 28.16 11.89 13.93
N HIS A 8 28.75 12.84 14.66
CA HIS A 8 29.64 13.85 14.06
C HIS A 8 28.91 14.59 12.93
N HIS A 9 27.74 15.10 13.23
CA HIS A 9 26.94 15.87 12.28
C HIS A 9 25.76 16.47 13.00
N HIS A 10 25.03 15.62 13.73
CA HIS A 10 23.95 16.08 14.58
C HIS A 10 24.00 15.36 15.93
N SER A 11 23.83 16.12 17.00
CA SER A 11 23.87 15.57 18.34
C SER A 11 22.45 15.43 18.89
N SER A 12 21.55 16.27 18.40
CA SER A 12 20.15 16.23 18.82
C SER A 12 19.26 16.80 17.71
N GLY A 13 19.35 16.21 16.53
CA GLY A 13 18.58 16.69 15.40
C GLY A 13 17.63 15.64 14.87
N LEU A 14 16.34 15.88 15.06
CA LEU A 14 15.31 14.95 14.60
C LEU A 14 15.06 15.14 13.10
N VAL A 15 16.06 14.78 12.31
CA VAL A 15 15.95 14.88 10.86
C VAL A 15 15.69 13.51 10.24
N PRO A 16 14.61 13.39 9.46
CA PRO A 16 14.22 12.12 8.85
C PRO A 16 15.03 11.81 7.58
N ARG A 17 15.74 10.69 7.59
CA ARG A 17 16.48 10.27 6.43
C ARG A 17 15.55 9.58 5.45
N GLY A 18 15.30 10.23 4.33
CA GLY A 18 14.32 9.74 3.38
C GLY A 18 12.96 10.33 3.65
N SER A 19 12.03 9.50 4.11
CA SER A 19 10.71 9.95 4.54
C SER A 19 10.02 10.77 3.43
N HIS A 20 9.99 10.22 2.23
CA HIS A 20 9.35 10.90 1.11
C HIS A 20 8.67 9.91 0.18
N MET A 21 8.14 10.43 -0.94
CA MET A 21 7.49 9.63 -1.99
C MET A 21 6.11 9.14 -1.56
N GLY A 22 6.07 8.37 -0.48
CA GLY A 22 4.84 7.69 -0.07
C GLY A 22 3.78 8.62 0.54
N ARG A 23 4.00 9.92 0.48
CA ARG A 23 3.02 10.87 1.00
C ARG A 23 2.45 11.73 -0.12
N MET A 24 2.82 11.42 -1.36
CA MET A 24 2.28 12.13 -2.51
C MET A 24 1.75 11.14 -3.52
N VAL A 25 1.62 9.93 -3.05
CA VAL A 25 1.14 8.85 -3.86
C VAL A 25 0.61 7.73 -2.96
N ASN A 26 -0.37 6.99 -3.45
CA ASN A 26 -0.93 5.89 -2.69
C ASN A 26 -0.64 4.58 -3.42
N LEU A 27 -0.28 3.56 -2.66
CA LEU A 27 0.14 2.29 -3.24
C LEU A 27 -1.02 1.63 -3.98
N GLU A 28 -0.70 0.95 -5.08
CA GLU A 28 -1.71 0.42 -5.97
C GLU A 28 -0.99 -0.39 -7.02
N PRO A 29 -1.61 -1.37 -7.70
CA PRO A 29 -0.87 -2.00 -8.73
C PRO A 29 -1.06 -1.33 -10.08
N ASP A 30 -0.03 -0.58 -10.44
CA ASP A 30 0.46 -0.46 -11.79
C ASP A 30 1.79 -1.17 -11.70
N MET A 31 2.05 -1.54 -10.45
CA MET A 31 3.34 -1.89 -9.94
C MET A 31 3.70 -3.33 -10.23
N THR A 32 4.96 -3.55 -10.50
CA THR A 32 5.49 -4.87 -10.75
C THR A 32 6.75 -5.06 -9.93
N ILE A 33 6.60 -5.72 -8.80
CA ILE A 33 7.65 -5.81 -7.83
C ILE A 33 7.89 -7.24 -7.38
N SER A 34 8.92 -7.38 -6.63
CA SER A 34 9.41 -8.68 -6.23
C SER A 34 9.26 -8.86 -4.72
N LYS A 35 9.55 -10.06 -4.24
CA LYS A 35 9.45 -10.37 -2.81
C LYS A 35 10.20 -9.35 -1.95
N ASN A 36 11.46 -9.13 -2.25
CA ASN A 36 12.27 -8.19 -1.51
C ASN A 36 12.06 -6.79 -2.02
N GLU A 37 11.45 -6.68 -3.18
CA GLU A 37 11.19 -5.40 -3.74
C GLU A 37 10.22 -4.66 -2.88
N MET A 38 9.45 -5.37 -2.14
CA MET A 38 8.53 -4.71 -1.28
C MET A 38 9.19 -4.33 0.01
N VAL A 39 10.16 -5.15 0.38
CA VAL A 39 10.86 -4.98 1.64
C VAL A 39 11.57 -3.65 1.72
N LYS A 40 11.99 -3.20 0.59
CA LYS A 40 12.50 -1.88 0.45
C LYS A 40 11.36 -0.90 0.34
N LEU A 41 10.34 -1.25 -0.43
CA LEU A 41 9.25 -0.37 -0.73
C LEU A 41 8.50 0.08 0.45
N LEU A 42 8.28 -0.76 1.44
CA LEU A 42 7.59 -0.22 2.56
C LEU A 42 8.46 0.89 3.18
N GLU A 43 9.75 0.64 3.23
CA GLU A 43 10.70 1.59 3.77
C GLU A 43 10.78 2.77 2.85
N ALA A 44 10.56 2.43 1.61
CA ALA A 44 10.70 3.33 0.51
C ALA A 44 9.42 4.13 0.33
N THR A 45 8.39 3.75 1.08
CA THR A 45 7.09 4.33 0.94
C THR A 45 6.65 4.93 2.28
N GLN A 46 7.52 4.72 3.26
CA GLN A 46 7.36 5.19 4.64
C GLN A 46 6.42 4.30 5.44
N TYR A 47 6.75 3.03 5.47
CA TYR A 47 6.01 2.03 6.17
C TYR A 47 6.98 0.91 6.51
N ARG A 48 6.78 0.27 7.61
CA ARG A 48 7.68 -0.77 8.05
C ARG A 48 6.82 -1.82 8.73
N GLN A 49 7.30 -3.05 8.90
CA GLN A 49 6.47 -4.09 9.48
C GLN A 49 5.89 -3.69 10.80
N VAL A 50 4.83 -4.37 11.15
CA VAL A 50 4.04 -3.94 12.25
C VAL A 50 3.44 -5.12 13.02
N SER A 51 3.14 -4.88 14.28
CA SER A 51 2.44 -5.82 15.12
C SER A 51 1.09 -6.19 14.56
N LYS A 52 0.35 -5.15 14.25
CA LYS A 52 -0.98 -5.27 13.73
C LYS A 52 -1.32 -3.98 13.04
N MET A 53 -1.49 -4.07 11.78
CA MET A 53 -1.53 -2.88 10.99
C MET A 53 -2.89 -2.23 11.05
N THR A 54 -2.92 -1.16 11.79
CA THR A 54 -3.99 -0.23 11.69
C THR A 54 -3.51 1.09 12.20
N ARG A 55 -3.05 1.88 11.26
CA ARG A 55 -2.63 3.23 11.51
C ARG A 55 -2.85 4.01 10.24
N PRO A 56 -2.77 5.34 10.25
CA PRO A 56 -2.65 6.05 9.01
C PRO A 56 -1.20 6.01 8.52
N GLY A 57 -0.97 5.31 7.43
CA GLY A 57 0.37 5.32 6.83
C GLY A 57 1.37 4.43 7.55
N GLU A 58 0.90 3.38 8.22
CA GLU A 58 1.78 2.38 8.80
C GLU A 58 1.14 1.03 8.58
N PHE A 59 1.89 0.07 8.09
CA PHE A 59 1.26 -1.16 7.60
C PHE A 59 2.00 -2.38 8.13
N THR A 60 1.51 -3.58 7.83
CA THR A 60 2.17 -4.79 8.27
C THR A 60 2.74 -5.58 7.12
N VAL A 61 3.94 -6.05 7.36
CA VAL A 61 4.69 -6.82 6.39
C VAL A 61 4.55 -8.32 6.64
N GLN A 62 4.38 -9.11 5.58
CA GLN A 62 4.31 -10.56 5.72
C GLN A 62 5.38 -11.25 4.85
N ALA A 63 5.05 -11.57 3.60
CA ALA A 63 6.00 -12.23 2.71
C ALA A 63 5.66 -11.97 1.24
N ASN A 64 4.79 -12.80 0.66
CA ASN A 64 4.34 -12.59 -0.71
C ASN A 64 3.22 -11.60 -0.73
N SER A 65 2.83 -11.17 0.44
CA SER A 65 1.87 -10.11 0.53
C SER A 65 2.21 -9.17 1.68
N ILE A 66 1.92 -7.90 1.49
CA ILE A 66 1.95 -6.93 2.55
C ILE A 66 0.51 -6.58 2.89
N GLU A 67 0.30 -5.85 3.95
CA GLU A 67 -0.99 -5.24 4.15
C GLU A 67 -0.77 -3.75 4.12
N MET A 68 -1.62 -3.00 3.44
CA MET A 68 -1.44 -1.55 3.36
C MET A 68 -2.76 -0.80 3.55
N ILE A 69 -2.78 0.12 4.53
CA ILE A 69 -3.93 0.97 4.75
C ILE A 69 -4.16 1.86 3.53
N ARG A 70 -5.38 1.84 3.02
CA ARG A 70 -5.72 2.58 1.81
C ARG A 70 -5.95 4.04 2.18
N ARG A 71 -5.97 4.90 1.16
CA ARG A 71 -6.22 6.32 1.37
C ARG A 71 -7.60 6.53 1.99
N PRO A 72 -7.64 7.13 3.19
CA PRO A 72 -8.88 7.40 3.90
C PRO A 72 -9.79 8.35 3.14
N PHE A 73 -11.02 8.45 3.61
CA PHE A 73 -12.03 9.32 3.02
C PHE A 73 -11.59 10.78 3.07
N ASP A 74 -12.02 11.51 2.07
CA ASP A 74 -11.61 12.89 1.92
C ASP A 74 -12.82 13.79 1.78
N PHE A 75 -12.83 14.86 2.53
CA PHE A 75 -13.75 15.93 2.33
C PHE A 75 -13.02 17.20 2.01
N PRO A 76 -13.76 18.21 1.65
CA PRO A 76 -13.20 19.48 1.37
C PRO A 76 -12.96 20.23 2.64
N ASP A 77 -13.99 20.18 3.46
CA ASP A 77 -14.00 20.94 4.68
C ASP A 77 -13.54 20.07 5.81
N SER A 78 -13.19 18.86 5.47
CA SER A 78 -12.88 17.85 6.45
C SER A 78 -12.13 16.70 5.81
N LYS A 79 -11.47 15.86 6.58
CA LYS A 79 -10.91 14.60 6.09
C LYS A 79 -10.81 13.60 7.20
N GLU A 80 -11.14 12.36 6.88
CA GLU A 80 -11.33 11.37 7.92
C GLU A 80 -11.46 9.96 7.38
N GLY A 81 -11.89 9.06 8.25
CA GLY A 81 -12.04 7.66 7.88
C GLY A 81 -10.71 6.93 7.85
N GLN A 82 -10.78 5.61 7.93
CA GLN A 82 -9.61 4.78 7.69
C GLN A 82 -10.06 3.44 7.13
N VAL A 83 -9.34 2.97 6.15
CA VAL A 83 -9.55 1.67 5.56
C VAL A 83 -8.23 1.05 5.24
N ARG A 84 -8.15 -0.23 5.37
CA ARG A 84 -6.94 -0.91 5.02
C ARG A 84 -7.15 -2.03 4.05
N ALA A 85 -6.17 -2.17 3.20
CA ALA A 85 -6.18 -3.15 2.16
C ALA A 85 -5.06 -4.16 2.37
N ARG A 86 -5.12 -5.24 1.64
CA ARG A 86 -4.10 -6.25 1.70
C ARG A 86 -3.44 -6.32 0.36
N LEU A 87 -2.18 -6.11 0.39
CA LEU A 87 -1.44 -5.81 -0.79
C LEU A 87 -0.50 -6.96 -1.13
N THR A 88 -0.81 -7.65 -2.21
CA THR A 88 -0.15 -8.90 -2.51
C THR A 88 0.81 -8.77 -3.66
N PHE A 89 1.84 -9.60 -3.62
CA PHE A 89 2.88 -9.61 -4.61
C PHE A 89 2.94 -10.92 -5.40
N ASP A 90 2.42 -10.94 -6.61
CA ASP A 90 2.45 -12.15 -7.45
C ASP A 90 3.69 -12.18 -8.33
N GLY A 91 4.69 -12.94 -7.93
CA GLY A 91 5.84 -13.14 -8.78
C GLY A 91 6.84 -12.02 -8.70
N ASP A 92 7.03 -11.34 -9.82
CA ASP A 92 8.01 -10.26 -9.92
C ASP A 92 7.22 -9.00 -10.07
N HIS A 93 5.92 -9.14 -9.86
CA HIS A 93 5.02 -8.03 -9.97
C HIS A 93 4.00 -8.01 -8.85
N LEU A 94 3.40 -6.85 -8.67
CA LEU A 94 2.35 -6.70 -7.70
C LEU A 94 1.12 -7.46 -8.13
N ALA A 95 0.54 -8.14 -7.17
CA ALA A 95 -0.59 -8.97 -7.40
C ALA A 95 -1.88 -8.19 -7.31
N THR A 96 -2.01 -7.46 -6.23
CA THR A 96 -3.21 -6.68 -5.96
C THR A 96 -3.07 -5.97 -4.64
N ILE A 97 -4.09 -5.21 -4.33
CA ILE A 97 -4.24 -4.53 -3.08
C ILE A 97 -5.73 -4.48 -2.81
N VAL A 98 -6.16 -5.19 -1.80
CA VAL A 98 -7.57 -5.39 -1.59
C VAL A 98 -8.08 -4.75 -0.33
N ASN A 99 -9.14 -3.98 -0.46
CA ASN A 99 -9.82 -3.40 0.67
C ASN A 99 -10.32 -4.50 1.59
N MET A 100 -9.49 -4.76 2.58
CA MET A 100 -9.60 -5.90 3.48
C MET A 100 -10.95 -6.02 4.11
N GLU A 101 -11.60 -4.91 4.17
CA GLU A 101 -12.85 -4.84 4.82
C GLU A 101 -13.89 -5.60 4.05
N ASN A 102 -13.83 -5.41 2.76
CA ASN A 102 -14.75 -6.07 1.84
C ASN A 102 -14.08 -7.24 1.12
N ASN A 103 -12.75 -7.13 1.01
CA ASN A 103 -11.87 -8.14 0.43
C ASN A 103 -12.45 -8.89 -0.76
N ARG A 104 -13.17 -8.18 -1.60
CA ARG A 104 -13.75 -8.76 -2.80
C ARG A 104 -13.66 -7.78 -3.96
N GLN A 105 -13.85 -6.50 -3.67
CA GLN A 105 -13.84 -5.45 -4.68
C GLN A 105 -12.58 -5.50 -5.54
N PHE A 106 -11.41 -5.34 -4.93
CA PHE A 106 -10.16 -5.40 -5.68
C PHE A 106 -9.60 -6.82 -5.64
N GLY A 107 -10.46 -7.78 -5.34
CA GLY A 107 -10.00 -9.13 -5.08
C GLY A 107 -9.33 -9.79 -6.26
N PHE A 108 -8.20 -10.39 -5.99
CA PHE A 108 -7.42 -11.08 -7.02
C PHE A 108 -7.17 -12.53 -6.63
N PHE A 109 -6.38 -13.22 -7.44
CA PHE A 109 -6.10 -14.63 -7.23
C PHE A 109 -5.08 -14.83 -6.13
N ARG A 110 -5.06 -16.03 -5.56
CA ARG A 110 -4.16 -16.37 -4.48
C ARG A 110 -2.79 -16.76 -5.02
N LEU A 111 -1.74 -16.41 -4.28
CA LEU A 111 -0.37 -16.66 -4.72
C LEU A 111 0.01 -18.12 -4.56
N ASP A 112 0.44 -18.70 -5.67
CA ASP A 112 0.88 -20.10 -5.71
C ASP A 112 -0.19 -21.03 -5.12
N PRO A 113 -1.28 -21.25 -5.88
CA PRO A 113 -2.41 -22.08 -5.43
C PRO A 113 -2.09 -23.58 -5.50
N ARG A 114 -1.15 -24.00 -4.68
CA ARG A 114 -0.77 -25.41 -4.59
C ARG A 114 -0.11 -25.70 -3.25
#